data_3LL0
# 
_entry.id   3LL0 
# 
_audit_conform.dict_name       mmcif_pdbx.dic 
_audit_conform.dict_version    5.378 
_audit_conform.dict_location   http://mmcif.pdb.org/dictionaries/ascii/mmcif_pdbx.dic 
# 
loop_
_database_2.database_id 
_database_2.database_code 
_database_2.pdbx_database_accession 
_database_2.pdbx_DOI 
PDB   3LL0         pdb_00003ll0 10.2210/pdb3ll0/pdb 
RCSB  RCSB057406   ?            ?                   
WWPDB D_1000057406 ?            ?                   
# 
loop_
_pdbx_database_related.db_name 
_pdbx_database_related.db_id 
_pdbx_database_related.details 
_pdbx_database_related.content_type 
PDB 2nu5 'Crystal structure of a complex of griffithsin cocrystallized with N-acetylglucosamine'                   unspecified 
PDB 2nuo 'Crystal structure of a complex of griffithsin with glucose'                                              unspecified 
PDB 2hyq 'Crystal structure of a complex of griffithsin with 6alpha-mannobiose'                                    unspecified 
PDB 2hyr 'Crystal structure of a complex of griffithsin with maltose'                                              unspecified 
PDB 2gty 'Crystal structure of unliganded griffithsin'                                                             unspecified 
PDB 2guc 'Crystal structure of a complex of griffithsin with mannose at 1.78 A resolution.'                        unspecified 
PDB 2gud 'Crystal structure of a complex of griffithsin with mannose at 0.94 A resolution'                         unspecified 
PDB 2gue 'Crystal structure of a complex of griffithsin with N-acetylglucosamine'                                  unspecified 
PDB 2gux 'Selenomethionine derivative of griffithsin'                                                              unspecified 
PDB 3LKY 'Monomeric Griffithsin with a Single Gly-Ser Insertion'                                                   unspecified 
PDB 3LL1 'Monomeric Griffithsin with a Single Gly-Ser Insertion and Mutations to Remove Residual Self-Association' unspecified 
PDB 3LL2 'Monomeric Griffithsin in Complex with a High-Mannose Branched Carbohydrate'                              unspecified 
# 
_pdbx_database_status.entry_id                        3LL0 
_pdbx_database_status.status_code                     REL 
_pdbx_database_status.deposit_site                    RCSB 
_pdbx_database_status.process_site                    RCSB 
_pdbx_database_status.recvd_initial_deposition_date   2010-01-28 
_pdbx_database_status.status_code_sf                  REL 
_pdbx_database_status.status_code_mr                  ? 
_pdbx_database_status.SG_entry                        ? 
_pdbx_database_status.pdb_format_compatible           Y 
_pdbx_database_status.status_code_cs                  ? 
_pdbx_database_status.methods_development_category    ? 
_pdbx_database_status.status_code_nmr_data            ? 
# 
loop_
_audit_author.name 
_audit_author.pdbx_ordinal 
'Moulaei, T.'  1 
'Wlodawer, A.' 2 
# 
_citation.id                        primary 
_citation.title                     
;Monomerization of viral entry inhibitor griffithsin elucidates the relationship between multivalent binding to carbohydrates and anti-HIV activity.
;
_citation.journal_abbrev            Structure 
_citation.journal_volume            18 
_citation.page_first                1104 
_citation.page_last                 1115 
_citation.year                      2010 
_citation.journal_id_ASTM           STRUE6 
_citation.country                   UK 
_citation.journal_id_ISSN           0969-2126 
_citation.journal_id_CSD            2005 
_citation.book_publisher            ? 
_citation.pdbx_database_id_PubMed   20826337 
_citation.pdbx_database_id_DOI      10.1016/j.str.2010.05.016 
# 
loop_
_citation_author.citation_id 
_citation_author.name 
_citation_author.ordinal 
_citation_author.identifier_ORCID 
primary 'Moulaei, T.'    1 ? 
primary 'Shenoy, S.R.'   2 ? 
primary 'Giomarelli, B.' 3 ? 
primary 'Thomas, C.'     4 ? 
primary 'McMahon, J.B.'  5 ? 
primary 'Dauter, Z.'     6 ? 
primary 
;O'Keefe, B.R.
;
7 ? 
primary 'Wlodawer, A.'   8 ? 
# 
_cell.length_a           55.1 
_cell.length_b           55.1 
_cell.length_c           156.7 
_cell.angle_alpha        90 
_cell.angle_beta         90 
_cell.angle_gamma        120 
_cell.entry_id           3LL0 
_cell.pdbx_unique_axis   ? 
_cell.Z_PDB              12 
_cell.length_a_esd       ? 
_cell.length_b_esd       ? 
_cell.length_c_esd       ? 
_cell.angle_alpha_esd    ? 
_cell.angle_beta_esd     ? 
_cell.angle_gamma_esd    ? 
# 
_symmetry.space_group_name_H-M             'P 65 2 2' 
_symmetry.entry_id                         3LL0 
_symmetry.Int_Tables_number                179 
_symmetry.pdbx_full_space_group_name_H-M   ? 
_symmetry.cell_setting                     ? 
_symmetry.space_group_name_Hall            ? 
# 
loop_
_entity.id 
_entity.type 
_entity.src_method 
_entity.pdbx_description 
_entity.formula_weight 
_entity.pdbx_number_of_molecules 
_entity.pdbx_ec 
_entity.pdbx_mutation 
_entity.pdbx_fragment 
_entity.details 
1 polymer     man Griffithsin   12989.062 1   ? 'Gly-Ser-Gly-Ser inserted after S16' ? ? 
2 non-polymer syn GLYCEROL      92.094    4   ? ?                                    ? ? 
3 non-polymer syn 'SULFATE ION' 96.063    1   ? ?                                    ? ? 
4 water       nat water         18.015    135 ? ?                                    ? ? 
# 
_entity_name_com.entity_id   1 
_entity_name_com.name        GRFT 
# 
_entity_poly.entity_id                      1 
_entity_poly.type                           'polypeptide(L)' 
_entity_poly.nstd_linkage                   no 
_entity_poly.nstd_monomer                   no 
_entity_poly.pdbx_seq_one_letter_code       
;SLTHRKFGGSGGSPFSGSGSGLSSIAVRSGSYLDAIIIDGVHHGGSGGNLSPTFTFGSGEYISNMTIRSGDYIDNISFET
NMGRRFGPYGGSGGSANTLSNVKVIQINGSAGDYLDSLDIYYEQY
;
_entity_poly.pdbx_seq_one_letter_code_can   
;SLTHRKFGGSGGSPFSGSGSGLSSIAVRSGSYLDAIIIDGVHHGGSGGNLSPTFTFGSGEYISNMTIRSGDYIDNISFET
NMGRRFGPYGGSGGSANTLSNVKVIQINGSAGDYLDSLDIYYEQY
;
_entity_poly.pdbx_strand_id                 A 
_entity_poly.pdbx_target_identifier         ? 
# 
loop_
_entity_poly_seq.entity_id 
_entity_poly_seq.num 
_entity_poly_seq.mon_id 
_entity_poly_seq.hetero 
1 1   SER n 
1 2   LEU n 
1 3   THR n 
1 4   HIS n 
1 5   ARG n 
1 6   LYS n 
1 7   PHE n 
1 8   GLY n 
1 9   GLY n 
1 10  SER n 
1 11  GLY n 
1 12  GLY n 
1 13  SER n 
1 14  PRO n 
1 15  PHE n 
1 16  SER n 
1 17  GLY n 
1 18  SER n 
1 19  GLY n 
1 20  SER n 
1 21  GLY n 
1 22  LEU n 
1 23  SER n 
1 24  SER n 
1 25  ILE n 
1 26  ALA n 
1 27  VAL n 
1 28  ARG n 
1 29  SER n 
1 30  GLY n 
1 31  SER n 
1 32  TYR n 
1 33  LEU n 
1 34  ASP n 
1 35  ALA n 
1 36  ILE n 
1 37  ILE n 
1 38  ILE n 
1 39  ASP n 
1 40  GLY n 
1 41  VAL n 
1 42  HIS n 
1 43  HIS n 
1 44  GLY n 
1 45  GLY n 
1 46  SER n 
1 47  GLY n 
1 48  GLY n 
1 49  ASN n 
1 50  LEU n 
1 51  SER n 
1 52  PRO n 
1 53  THR n 
1 54  PHE n 
1 55  THR n 
1 56  PHE n 
1 57  GLY n 
1 58  SER n 
1 59  GLY n 
1 60  GLU n 
1 61  TYR n 
1 62  ILE n 
1 63  SER n 
1 64  ASN n 
1 65  MET n 
1 66  THR n 
1 67  ILE n 
1 68  ARG n 
1 69  SER n 
1 70  GLY n 
1 71  ASP n 
1 72  TYR n 
1 73  ILE n 
1 74  ASP n 
1 75  ASN n 
1 76  ILE n 
1 77  SER n 
1 78  PHE n 
1 79  GLU n 
1 80  THR n 
1 81  ASN n 
1 82  MET n 
1 83  GLY n 
1 84  ARG n 
1 85  ARG n 
1 86  PHE n 
1 87  GLY n 
1 88  PRO n 
1 89  TYR n 
1 90  GLY n 
1 91  GLY n 
1 92  SER n 
1 93  GLY n 
1 94  GLY n 
1 95  SER n 
1 96  ALA n 
1 97  ASN n 
1 98  THR n 
1 99  LEU n 
1 100 SER n 
1 101 ASN n 
1 102 VAL n 
1 103 LYS n 
1 104 VAL n 
1 105 ILE n 
1 106 GLN n 
1 107 ILE n 
1 108 ASN n 
1 109 GLY n 
1 110 SER n 
1 111 ALA n 
1 112 GLY n 
1 113 ASP n 
1 114 TYR n 
1 115 LEU n 
1 116 ASP n 
1 117 SER n 
1 118 LEU n 
1 119 ASP n 
1 120 ILE n 
1 121 TYR n 
1 122 TYR n 
1 123 GLU n 
1 124 GLN n 
1 125 TYR n 
# 
_entity_src_gen.entity_id                          1 
_entity_src_gen.pdbx_src_id                        1 
_entity_src_gen.pdbx_alt_source_flag               sample 
_entity_src_gen.pdbx_seq_type                      ? 
_entity_src_gen.pdbx_beg_seq_num                   ? 
_entity_src_gen.pdbx_end_seq_num                   ? 
_entity_src_gen.gene_src_common_name               'Red alga' 
_entity_src_gen.gene_src_genus                     ? 
_entity_src_gen.pdbx_gene_src_gene                 ? 
_entity_src_gen.gene_src_species                   ? 
_entity_src_gen.gene_src_strain                    Q66D336 
_entity_src_gen.gene_src_tissue                    ? 
_entity_src_gen.gene_src_tissue_fraction           ? 
_entity_src_gen.gene_src_details                   ? 
_entity_src_gen.pdbx_gene_src_fragment             ? 
_entity_src_gen.pdbx_gene_src_scientific_name      Griffithsia 
_entity_src_gen.pdbx_gene_src_ncbi_taxonomy_id     373036 
_entity_src_gen.pdbx_gene_src_variant              ? 
_entity_src_gen.pdbx_gene_src_cell_line            ? 
_entity_src_gen.pdbx_gene_src_atcc                 ? 
_entity_src_gen.pdbx_gene_src_organ                ? 
_entity_src_gen.pdbx_gene_src_organelle            ? 
_entity_src_gen.pdbx_gene_src_cell                 ? 
_entity_src_gen.pdbx_gene_src_cellular_location    ? 
_entity_src_gen.host_org_common_name               ? 
_entity_src_gen.pdbx_host_org_scientific_name      'Escherichia coli' 
_entity_src_gen.pdbx_host_org_ncbi_taxonomy_id     562 
_entity_src_gen.host_org_genus                     ? 
_entity_src_gen.pdbx_host_org_gene                 ? 
_entity_src_gen.pdbx_host_org_organ                ? 
_entity_src_gen.host_org_species                   ? 
_entity_src_gen.pdbx_host_org_tissue               ? 
_entity_src_gen.pdbx_host_org_tissue_fraction      ? 
_entity_src_gen.pdbx_host_org_strain               'BL21(DE3)' 
_entity_src_gen.pdbx_host_org_variant              ? 
_entity_src_gen.pdbx_host_org_cell_line            ? 
_entity_src_gen.pdbx_host_org_atcc                 ? 
_entity_src_gen.pdbx_host_org_culture_collection   ? 
_entity_src_gen.pdbx_host_org_cell                 ? 
_entity_src_gen.pdbx_host_org_organelle            ? 
_entity_src_gen.pdbx_host_org_cellular_location    ? 
_entity_src_gen.pdbx_host_org_vector_type          plasmid 
_entity_src_gen.pdbx_host_org_vector               ? 
_entity_src_gen.host_org_details                   ? 
_entity_src_gen.expression_system_id               ? 
_entity_src_gen.plasmid_name                       pET-15b 
_entity_src_gen.plasmid_details                    ? 
_entity_src_gen.pdbx_description                   ? 
# 
_struct_ref.id                         1 
_struct_ref.db_name                    UNP 
_struct_ref.db_code                    GRFIN_GRISQ 
_struct_ref.pdbx_db_accession          P84801 
_struct_ref.entity_id                  1 
_struct_ref.pdbx_seq_one_letter_code   
;SLTHRKFGGSGGSPFSGLSSIAVRSGSYLDXIIIDGVHHGGSGGNLSPTFTFGSGEYISNMTIRSGDYIDNISFETNMGR
RFGPYGGSGGSANTLSNVKVIQINGSAGDYLDSLDIYYEQY
;
_struct_ref.pdbx_align_begin           1 
_struct_ref.pdbx_db_isoform            ? 
# 
_struct_ref_seq.align_id                      1 
_struct_ref_seq.ref_id                        1 
_struct_ref_seq.pdbx_PDB_id_code              3LL0 
_struct_ref_seq.pdbx_strand_id                A 
_struct_ref_seq.seq_align_beg                 1 
_struct_ref_seq.pdbx_seq_align_beg_ins_code   ? 
_struct_ref_seq.seq_align_end                 125 
_struct_ref_seq.pdbx_seq_align_end_ins_code   ? 
_struct_ref_seq.pdbx_db_accession             P84801 
_struct_ref_seq.db_align_beg                  1 
_struct_ref_seq.pdbx_db_align_beg_ins_code    ? 
_struct_ref_seq.db_align_end                  121 
_struct_ref_seq.pdbx_db_align_end_ins_code    ? 
_struct_ref_seq.pdbx_auth_seq_align_beg       1 
_struct_ref_seq.pdbx_auth_seq_align_end       121 
# 
loop_
_struct_ref_seq_dif.align_id 
_struct_ref_seq_dif.pdbx_pdb_id_code 
_struct_ref_seq_dif.mon_id 
_struct_ref_seq_dif.pdbx_pdb_strand_id 
_struct_ref_seq_dif.seq_num 
_struct_ref_seq_dif.pdbx_pdb_ins_code 
_struct_ref_seq_dif.pdbx_seq_db_name 
_struct_ref_seq_dif.pdbx_seq_db_accession_code 
_struct_ref_seq_dif.db_mon_id 
_struct_ref_seq_dif.pdbx_seq_db_seq_num 
_struct_ref_seq_dif.details 
_struct_ref_seq_dif.pdbx_auth_seq_num 
_struct_ref_seq_dif.pdbx_ordinal 
1 3LL0 GLY A 17 A UNP P84801 ? ? insertion 16 1 
1 3LL0 SER A 18 B UNP P84801 ? ? insertion 16 2 
1 3LL0 GLY A 19 C UNP P84801 ? ? insertion 16 3 
1 3LL0 SER A 20 D UNP P84801 ? ? insertion 16 4 
# 
loop_
_chem_comp.id 
_chem_comp.type 
_chem_comp.mon_nstd_flag 
_chem_comp.name 
_chem_comp.pdbx_synonyms 
_chem_comp.formula 
_chem_comp.formula_weight 
ALA 'L-peptide linking' y ALANINE         ?                               'C3 H7 N O2'     89.093  
ARG 'L-peptide linking' y ARGININE        ?                               'C6 H15 N4 O2 1' 175.209 
ASN 'L-peptide linking' y ASPARAGINE      ?                               'C4 H8 N2 O3'    132.118 
ASP 'L-peptide linking' y 'ASPARTIC ACID' ?                               'C4 H7 N O4'     133.103 
GLN 'L-peptide linking' y GLUTAMINE       ?                               'C5 H10 N2 O3'   146.144 
GLU 'L-peptide linking' y 'GLUTAMIC ACID' ?                               'C5 H9 N O4'     147.129 
GLY 'peptide linking'   y GLYCINE         ?                               'C2 H5 N O2'     75.067  
GOL non-polymer         . GLYCEROL        'GLYCERIN; PROPANE-1,2,3-TRIOL' 'C3 H8 O3'       92.094  
HIS 'L-peptide linking' y HISTIDINE       ?                               'C6 H10 N3 O2 1' 156.162 
HOH non-polymer         . WATER           ?                               'H2 O'           18.015  
ILE 'L-peptide linking' y ISOLEUCINE      ?                               'C6 H13 N O2'    131.173 
LEU 'L-peptide linking' y LEUCINE         ?                               'C6 H13 N O2'    131.173 
LYS 'L-peptide linking' y LYSINE          ?                               'C6 H15 N2 O2 1' 147.195 
MET 'L-peptide linking' y METHIONINE      ?                               'C5 H11 N O2 S'  149.211 
PHE 'L-peptide linking' y PHENYLALANINE   ?                               'C9 H11 N O2'    165.189 
PRO 'L-peptide linking' y PROLINE         ?                               'C5 H9 N O2'     115.130 
SER 'L-peptide linking' y SERINE          ?                               'C3 H7 N O3'     105.093 
SO4 non-polymer         . 'SULFATE ION'   ?                               'O4 S -2'        96.063  
THR 'L-peptide linking' y THREONINE       ?                               'C4 H9 N O3'     119.119 
TYR 'L-peptide linking' y TYROSINE        ?                               'C9 H11 N O3'    181.189 
VAL 'L-peptide linking' y VALINE          ?                               'C5 H11 N O2'    117.146 
# 
_exptl.crystals_number   1 
_exptl.entry_id          3LL0 
_exptl.method            'X-RAY DIFFRACTION' 
# 
_exptl_crystal.id                    1 
_exptl_crystal.density_Matthews      2.64 
_exptl_crystal.density_meas          ? 
_exptl_crystal.density_percent_sol   53.47 
_exptl_crystal.description           ? 
_exptl_crystal.F_000                 ? 
_exptl_crystal.preparation           ? 
# 
_exptl_crystal_grow.crystal_id      1 
_exptl_crystal_grow.method          'VAPOR DIFFUSION, SITTING DROP' 
_exptl_crystal_grow.pH              4.6 
_exptl_crystal_grow.temp            298 
_exptl_crystal_grow.pdbx_details    
'0.1 M sodium acetate, 0.1 M CdCl, 30% w/v PEG 400, pH 4.6, VAPOR DIFFUSION, SITTING DROP, temperature 298K' 
_exptl_crystal_grow.temp_details    ? 
_exptl_crystal_grow.pdbx_pH_range   ? 
# 
_diffrn.id                     1 
_diffrn.ambient_temp           100 
_diffrn.ambient_temp_details   ? 
_diffrn.crystal_id             1 
# 
_diffrn_detector.diffrn_id              1 
_diffrn_detector.detector               'IMAGE PLATE' 
_diffrn_detector.type                   'MAR scanner 345 mm plate' 
_diffrn_detector.pdbx_collection_date   2009-04-30 
_diffrn_detector.details                ? 
# 
_diffrn_radiation.diffrn_id                        1 
_diffrn_radiation.pdbx_diffrn_protocol             'SINGLE WAVELENGTH' 
_diffrn_radiation.monochromator                    VariMax 
_diffrn_radiation.wavelength_id                    1 
_diffrn_radiation.pdbx_monochromatic_or_laue_m_l   M 
_diffrn_radiation.pdbx_scattering_type             x-ray 
# 
_diffrn_radiation_wavelength.id           1 
_diffrn_radiation_wavelength.wavelength   1.5418 
_diffrn_radiation_wavelength.wt           1.0 
# 
_diffrn_source.diffrn_id                   1 
_diffrn_source.source                      'ROTATING ANODE' 
_diffrn_source.type                        'RIGAKU MICROMAX-007 HF' 
_diffrn_source.pdbx_wavelength_list        1.5418 
_diffrn_source.pdbx_wavelength             ? 
_diffrn_source.pdbx_synchrotron_site       ? 
_diffrn_source.pdbx_synchrotron_beamline   ? 
# 
_reflns.entry_id                     3LL0 
_reflns.d_resolution_high            1.700 
_reflns.d_resolution_low             50.000 
_reflns.number_obs                   16094 
_reflns.pdbx_Rmerge_I_obs            0.090 
_reflns.pdbx_netI_over_sigmaI        9.500 
_reflns.pdbx_chi_squared             1.003 
_reflns.pdbx_redundancy              11.400 
_reflns.percent_possible_obs         97.900 
_reflns.observed_criterion_sigma_F   ? 
_reflns.observed_criterion_sigma_I   ? 
_reflns.number_all                   ? 
_reflns.pdbx_Rsym_value              ? 
_reflns.B_iso_Wilson_estimate        ? 
_reflns.R_free_details               ? 
_reflns.limit_h_max                  ? 
_reflns.limit_h_min                  ? 
_reflns.limit_k_max                  ? 
_reflns.limit_k_min                  ? 
_reflns.limit_l_max                  ? 
_reflns.limit_l_min                  ? 
_reflns.observed_criterion_F_max     ? 
_reflns.observed_criterion_F_min     ? 
_reflns.pdbx_scaling_rejects         ? 
_reflns.pdbx_diffrn_id               1 
_reflns.pdbx_ordinal                 1 
# 
_reflns_shell.d_res_high             1.70 
_reflns_shell.d_res_low              1.76 
_reflns_shell.number_measured_obs    ? 
_reflns_shell.number_measured_all    ? 
_reflns_shell.number_unique_obs      ? 
_reflns_shell.Rmerge_I_obs           0.690 
_reflns_shell.meanI_over_sigI_obs    2.1 
_reflns_shell.pdbx_Rsym_value        ? 
_reflns_shell.pdbx_chi_squared       0.987 
_reflns_shell.pdbx_redundancy        5.70 
_reflns_shell.percent_possible_obs   ? 
_reflns_shell.number_unique_all      1478 
_reflns_shell.percent_possible_all   93.50 
_reflns_shell.pdbx_diffrn_id         ? 
_reflns_shell.pdbx_ordinal           1 
# 
_refine.entry_id                                 3LL0 
_refine.ls_d_res_high                            1.700 
_refine.ls_d_res_low                             30.000 
_refine.pdbx_ls_sigma_F                          0.00 
_refine.pdbx_data_cutoff_high_absF               ? 
_refine.pdbx_data_cutoff_low_absF                ? 
_refine.ls_percent_reflns_obs                    97.900 
_refine.ls_number_reflns_obs                     15073 
_refine.ls_number_reflns_all                     16009 
_refine.pdbx_ls_cross_valid_method               THROUGHOUT 
_refine.pdbx_R_Free_selection_details            RANDOM 
_refine.details                                  'HYDROGENS HAVE BEEN ADDED IN THE RIDING POSITIONS' 
_refine.ls_R_factor_all                          ? 
_refine.ls_R_factor_obs                          0.185 
_refine.ls_R_factor_R_work                       0.184 
_refine.ls_wR_factor_R_work                      ? 
_refine.ls_R_factor_R_free                       0.210 
_refine.ls_wR_factor_R_free                      ? 
_refine.ls_percent_reflns_R_free                 5.800 
_refine.ls_number_reflns_R_free                  936 
_refine.ls_R_factor_R_free_error                 ? 
_refine.B_iso_mean                               20.174 
_refine.solvent_model_param_bsol                 ? 
_refine.solvent_model_param_ksol                 ? 
_refine.pdbx_isotropic_thermal_model             ? 
_refine.aniso_B[1][1]                            0.160 
_refine.aniso_B[2][2]                            0.160 
_refine.aniso_B[3][3]                            -0.250 
_refine.aniso_B[1][2]                            0.080 
_refine.aniso_B[1][3]                            0.000 
_refine.aniso_B[2][3]                            0.000 
_refine.correlation_coeff_Fo_to_Fc               0.958 
_refine.correlation_coeff_Fo_to_Fc_free          0.949 
_refine.overall_SU_R_Cruickshank_DPI             ? 
_refine.overall_SU_R_free                        ? 
_refine.pdbx_overall_ESU_R                       0.103 
_refine.pdbx_overall_ESU_R_Free                  0.099 
_refine.overall_SU_ML                            0.064 
_refine.overall_SU_B                             3.563 
_refine.solvent_model_details                    MASK 
_refine.pdbx_solvent_vdw_probe_radii             1.200 
_refine.pdbx_solvent_ion_probe_radii             0.800 
_refine.pdbx_solvent_shrinkage_radii             0.800 
_refine.ls_number_parameters                     ? 
_refine.ls_number_restraints                     ? 
_refine.pdbx_starting_model                      3LKY 
_refine.pdbx_method_to_determine_struct          'MOLECULAR REPLACEMENT' 
_refine.pdbx_stereochemistry_target_values       'MAXIMUM LIKELIHOOD' 
_refine.pdbx_stereochem_target_val_spec_case     ? 
_refine.overall_FOM_work_R_set                   ? 
_refine.B_iso_max                                57.09 
_refine.B_iso_min                                12.14 
_refine.occupancy_max                            1.00 
_refine.occupancy_min                            0.50 
_refine.pdbx_ls_sigma_I                          ? 
_refine.ls_redundancy_reflns_obs                 ? 
_refine.ls_R_factor_R_free_error_details         ? 
_refine.pdbx_data_cutoff_high_rms_absF           ? 
_refine.overall_FOM_free_R_set                   ? 
_refine.pdbx_overall_phase_error                 ? 
_refine.pdbx_refine_id                           'X-RAY DIFFRACTION' 
_refine.pdbx_diffrn_id                           1 
_refine.pdbx_TLS_residual_ADP_flag               ? 
_refine.pdbx_overall_SU_R_free_Cruickshank_DPI   ? 
_refine.pdbx_overall_SU_R_Blow_DPI               ? 
_refine.pdbx_overall_SU_R_free_Blow_DPI          ? 
# 
_refine_hist.pdbx_refine_id                   'X-RAY DIFFRACTION' 
_refine_hist.cycle_id                         LAST 
_refine_hist.pdbx_number_atoms_protein        916 
_refine_hist.pdbx_number_atoms_nucleic_acid   0 
_refine_hist.pdbx_number_atoms_ligand         29 
_refine_hist.number_atoms_solvent             135 
_refine_hist.number_atoms_total               1080 
_refine_hist.d_res_high                       1.700 
_refine_hist.d_res_low                        30.000 
# 
loop_
_refine_ls_restr.type 
_refine_ls_restr.number 
_refine_ls_restr.dev_ideal 
_refine_ls_restr.dev_ideal_target 
_refine_ls_restr.weight 
_refine_ls_restr.pdbx_refine_id 
_refine_ls_restr.pdbx_restraint_function 
r_bond_refined_d       977  0.020  0.021  ? 'X-RAY DIFFRACTION' ? 
r_bond_other_d         663  0.001  0.020  ? 'X-RAY DIFFRACTION' ? 
r_angle_refined_deg    1313 1.875  1.966  ? 'X-RAY DIFFRACTION' ? 
r_angle_other_deg      1609 0.954  3.000  ? 'X-RAY DIFFRACTION' ? 
r_dihedral_angle_1_deg 124  7.468  5.000  ? 'X-RAY DIFFRACTION' ? 
r_dihedral_angle_2_deg 41   39.124 23.415 ? 'X-RAY DIFFRACTION' ? 
r_dihedral_angle_3_deg 146  13.481 15.000 ? 'X-RAY DIFFRACTION' ? 
r_dihedral_angle_4_deg 5    16.626 15.000 ? 'X-RAY DIFFRACTION' ? 
r_chiral_restr         138  0.107  0.200  ? 'X-RAY DIFFRACTION' ? 
r_gen_planes_refined   1100 0.008  0.020  ? 'X-RAY DIFFRACTION' ? 
r_gen_planes_other     209  0.001  0.020  ? 'X-RAY DIFFRACTION' ? 
r_mcbond_it            611  1.006  1.500  ? 'X-RAY DIFFRACTION' ? 
r_mcbond_other         270  0.317  1.500  ? 'X-RAY DIFFRACTION' ? 
r_mcangle_it           976  1.704  2.000  ? 'X-RAY DIFFRACTION' ? 
r_scbond_it            366  2.834  3.000  ? 'X-RAY DIFFRACTION' ? 
r_scangle_it           337  4.324  4.500  ? 'X-RAY DIFFRACTION' ? 
# 
_refine_ls_shell.d_res_high                       1.70 
_refine_ls_shell.d_res_low                        1.743 
_refine_ls_shell.pdbx_total_number_of_bins_used   20 
_refine_ls_shell.percent_reflns_obs               92.220 
_refine_ls_shell.number_reflns_R_work             1008 
_refine_ls_shell.R_factor_all                     ? 
_refine_ls_shell.R_factor_R_work                  0.331 
_refine_ls_shell.R_factor_R_free                  0.317 
_refine_ls_shell.percent_reflns_R_free            ? 
_refine_ls_shell.number_reflns_R_free             71 
_refine_ls_shell.R_factor_R_free_error            ? 
_refine_ls_shell.number_reflns_all                1079 
_refine_ls_shell.number_reflns_obs                ? 
_refine_ls_shell.redundancy_reflns_obs            ? 
_refine_ls_shell.pdbx_refine_id                   'X-RAY DIFFRACTION' 
# 
_struct.entry_id                  3LL0 
_struct.title                     'Monomeric Griffithsin with two Gly-Ser Insertions' 
_struct.pdbx_model_details        ? 
_struct.pdbx_CASP_flag            ? 
_struct.pdbx_model_type_details   ? 
# 
_struct_keywords.entry_id        3LL0 
_struct_keywords.text            
'lectin, sugar-binding, anti-HIV, high mannose, Man9, gp120, gp41, jacalin-related, Mannose-binding, SUGAR BINDING PROTEIN' 
_struct_keywords.pdbx_keywords   'SUGAR BINDING PROTEIN' 
# 
loop_
_struct_asym.id 
_struct_asym.pdbx_blank_PDB_chainid_flag 
_struct_asym.pdbx_modified 
_struct_asym.entity_id 
_struct_asym.details 
A N N 1 ? 
B N N 2 ? 
C N N 2 ? 
D N N 2 ? 
E N N 2 ? 
F N N 3 ? 
G N N 4 ? 
# 
_struct_biol.id        1 
_struct_biol.details   ? 
# 
_struct_mon_prot_cis.pdbx_id                1 
_struct_mon_prot_cis.label_comp_id          GLY 
_struct_mon_prot_cis.label_seq_id           87 
_struct_mon_prot_cis.label_asym_id          A 
_struct_mon_prot_cis.label_alt_id           . 
_struct_mon_prot_cis.pdbx_PDB_ins_code      ? 
_struct_mon_prot_cis.auth_comp_id           GLY 
_struct_mon_prot_cis.auth_seq_id            83 
_struct_mon_prot_cis.auth_asym_id           A 
_struct_mon_prot_cis.pdbx_label_comp_id_2   PRO 
_struct_mon_prot_cis.pdbx_label_seq_id_2    88 
_struct_mon_prot_cis.pdbx_label_asym_id_2   A 
_struct_mon_prot_cis.pdbx_PDB_ins_code_2    ? 
_struct_mon_prot_cis.pdbx_auth_comp_id_2    PRO 
_struct_mon_prot_cis.pdbx_auth_seq_id_2     84 
_struct_mon_prot_cis.pdbx_auth_asym_id_2    A 
_struct_mon_prot_cis.pdbx_PDB_model_num     1 
_struct_mon_prot_cis.pdbx_omega_angle       9.13 
# 
loop_
_struct_sheet.id 
_struct_sheet.type 
_struct_sheet.number_strands 
_struct_sheet.details 
A ? 4 ? 
B ? 4 ? 
C ? 4 ? 
D ? 4 ? 
# 
loop_
_struct_sheet_order.sheet_id 
_struct_sheet_order.range_id_1 
_struct_sheet_order.range_id_2 
_struct_sheet_order.offset 
_struct_sheet_order.sense 
A 1 2 ? anti-parallel 
A 2 3 ? anti-parallel 
A 3 4 ? anti-parallel 
B 1 2 ? anti-parallel 
B 2 3 ? anti-parallel 
B 3 4 ? anti-parallel 
C 1 2 ? anti-parallel 
C 2 3 ? anti-parallel 
C 3 4 ? anti-parallel 
D 1 2 ? anti-parallel 
D 2 3 ? anti-parallel 
D 3 4 ? anti-parallel 
# 
loop_
_struct_sheet_range.sheet_id 
_struct_sheet_range.id 
_struct_sheet_range.beg_label_comp_id 
_struct_sheet_range.beg_label_asym_id 
_struct_sheet_range.beg_label_seq_id 
_struct_sheet_range.pdbx_beg_PDB_ins_code 
_struct_sheet_range.end_label_comp_id 
_struct_sheet_range.end_label_asym_id 
_struct_sheet_range.end_label_seq_id 
_struct_sheet_range.pdbx_end_PDB_ins_code 
_struct_sheet_range.beg_auth_comp_id 
_struct_sheet_range.beg_auth_asym_id 
_struct_sheet_range.beg_auth_seq_id 
_struct_sheet_range.end_auth_comp_id 
_struct_sheet_range.end_auth_asym_id 
_struct_sheet_range.end_auth_seq_id 
A 1 LEU A 2   ? GLY A 8   ? LEU A 2   GLY A 8   
A 2 LEU A 115 ? GLN A 124 ? LEU A 111 GLN A 120 
A 3 VAL A 102 ? ALA A 111 ? VAL A 98  ALA A 107 
A 4 SER A 13  ? PHE A 15  ? SER A 13  PHE A 15  
B 1 VAL A 41  ? GLY A 44  ? VAL A 37  GLY A 40  
B 2 LEU A 33  ? ILE A 38  ? LEU A 29  ILE A 34  
B 3 SER A 24  ? SER A 29  ? SER A 20  SER A 25  
B 4 ASN A 49  ? LEU A 50  ? ASN A 45  LEU A 46  
C 1 VAL A 41  ? GLY A 44  ? VAL A 37  GLY A 40  
C 2 LEU A 33  ? ILE A 38  ? LEU A 29  ILE A 34  
C 3 SER A 24  ? SER A 29  ? SER A 20  SER A 25  
C 4 PHE A 54  ? THR A 55  ? PHE A 50  THR A 51  
D 1 ARG A 85  ? GLY A 90  ? ARG A 81  GLY A 86  
D 2 ILE A 73  ? THR A 80  ? ILE A 69  THR A 76  
D 3 ILE A 62  ? SER A 69  ? ILE A 58  SER A 65  
D 4 SER A 95  ? SER A 100 ? SER A 91  SER A 96  
# 
loop_
_pdbx_struct_sheet_hbond.sheet_id 
_pdbx_struct_sheet_hbond.range_id_1 
_pdbx_struct_sheet_hbond.range_id_2 
_pdbx_struct_sheet_hbond.range_1_label_atom_id 
_pdbx_struct_sheet_hbond.range_1_label_comp_id 
_pdbx_struct_sheet_hbond.range_1_label_asym_id 
_pdbx_struct_sheet_hbond.range_1_label_seq_id 
_pdbx_struct_sheet_hbond.range_1_PDB_ins_code 
_pdbx_struct_sheet_hbond.range_1_auth_atom_id 
_pdbx_struct_sheet_hbond.range_1_auth_comp_id 
_pdbx_struct_sheet_hbond.range_1_auth_asym_id 
_pdbx_struct_sheet_hbond.range_1_auth_seq_id 
_pdbx_struct_sheet_hbond.range_2_label_atom_id 
_pdbx_struct_sheet_hbond.range_2_label_comp_id 
_pdbx_struct_sheet_hbond.range_2_label_asym_id 
_pdbx_struct_sheet_hbond.range_2_label_seq_id 
_pdbx_struct_sheet_hbond.range_2_PDB_ins_code 
_pdbx_struct_sheet_hbond.range_2_auth_atom_id 
_pdbx_struct_sheet_hbond.range_2_auth_comp_id 
_pdbx_struct_sheet_hbond.range_2_auth_asym_id 
_pdbx_struct_sheet_hbond.range_2_auth_seq_id 
A 1 2 N THR A 3   ? N THR A 3   O TYR A 122 ? O TYR A 118 
A 2 3 O TYR A 121 ? O TYR A 117 N GLN A 106 ? N GLN A 102 
A 3 4 O ALA A 111 ? O ALA A 107 N SER A 13  ? N SER A 13  
B 1 2 O HIS A 43  ? O HIS A 39  N ILE A 36  ? N ILE A 32  
B 2 3 O ILE A 37  ? O ILE A 33  N ALA A 26  ? N ALA A 22  
B 3 4 N SER A 29  ? N SER A 25  O ASN A 49  ? O ASN A 45  
C 1 2 O HIS A 43  ? O HIS A 39  N ILE A 36  ? N ILE A 32  
C 2 3 O ILE A 37  ? O ILE A 33  N ALA A 26  ? N ALA A 22  
C 3 4 N ILE A 25  ? N ILE A 21  O PHE A 54  ? O PHE A 50  
D 1 2 O PHE A 86  ? O PHE A 82  N PHE A 78  ? N PHE A 74  
D 2 3 O ASP A 74  ? O ASP A 70  N ARG A 68  ? N ARG A 64  
D 3 4 N MET A 65  ? N MET A 61  O LEU A 99  ? O LEU A 95  
# 
loop_
_struct_site.id 
_struct_site.pdbx_evidence_code 
_struct_site.pdbx_auth_asym_id 
_struct_site.pdbx_auth_comp_id 
_struct_site.pdbx_auth_seq_id 
_struct_site.pdbx_auth_ins_code 
_struct_site.pdbx_num_residues 
_struct_site.details 
AC1 Software A GOL 122 ? 8 'BINDING SITE FOR RESIDUE GOL A 122' 
AC2 Software A GOL 123 ? 8 'BINDING SITE FOR RESIDUE GOL A 123' 
AC3 Software A GOL 124 ? 7 'BINDING SITE FOR RESIDUE GOL A 124' 
AC4 Software A GOL 125 ? 6 'BINDING SITE FOR RESIDUE GOL A 125' 
AC5 Software A SO4 126 ? 5 'BINDING SITE FOR RESIDUE SO4 A 126' 
# 
loop_
_struct_site_gen.id 
_struct_site_gen.site_id 
_struct_site_gen.pdbx_num_res 
_struct_site_gen.label_comp_id 
_struct_site_gen.label_asym_id 
_struct_site_gen.label_seq_id 
_struct_site_gen.pdbx_auth_ins_code 
_struct_site_gen.auth_comp_id 
_struct_site_gen.auth_asym_id 
_struct_site_gen.auth_seq_id 
_struct_site_gen.label_atom_id 
_struct_site_gen.label_alt_id 
_struct_site_gen.symmetry 
_struct_site_gen.details 
1  AC1 8 GLY A 30  ? GLY A 26  . ? 1_555  ? 
2  AC1 8 SER A 31  ? SER A 27  . ? 1_555  ? 
3  AC1 8 TYR A 32  ? TYR A 28  . ? 1_555  ? 
4  AC1 8 ASP A 34  ? ASP A 30  . ? 1_555  ? 
5  AC1 8 GLY A 47  ? GLY A 43  . ? 1_555  ? 
6  AC1 8 GLY A 48  ? GLY A 44  . ? 1_555  ? 
7  AC1 8 HOH G .   ? HOH A 193 . ? 1_555  ? 
8  AC1 8 HOH G .   ? HOH A 234 . ? 1_555  ? 
9  AC2 8 GLY A 70  ? GLY A 66  . ? 1_555  ? 
10 AC2 8 ASP A 71  ? ASP A 67  . ? 1_555  ? 
11 AC2 8 TYR A 72  ? TYR A 68  . ? 1_555  ? 
12 AC2 8 ASP A 74  ? ASP A 70  . ? 1_555  ? 
13 AC2 8 GLY A 93  ? GLY A 89  . ? 1_555  ? 
14 AC2 8 GLY A 94  ? GLY A 90  . ? 1_555  ? 
15 AC2 8 HOH G .   ? HOH A 221 . ? 1_555  ? 
16 AC2 8 HOH G .   ? HOH A 237 . ? 1_555  ? 
17 AC3 7 GLY A 12  ? GLY A 12  . ? 1_555  ? 
18 AC3 7 PRO A 52  ? PRO A 48  . ? 9_655  ? 
19 AC3 7 GLY A 112 ? GLY A 108 . ? 1_555  ? 
20 AC3 7 ASP A 113 ? ASP A 109 . ? 1_555  ? 
21 AC3 7 TYR A 114 ? TYR A 110 . ? 1_555  ? 
22 AC3 7 ASP A 116 ? ASP A 112 . ? 1_555  ? 
23 AC3 7 HOH G .   ? HOH A 149 . ? 9_655  ? 
24 AC4 6 SER A 29  ? SER A 25  . ? 1_555  ? 
25 AC4 6 GLY A 30  ? GLY A 26  . ? 1_555  ? 
26 AC4 6 ASN A 49  ? ASN A 45  . ? 1_555  ? 
27 AC4 6 TYR A 89  ? TYR A 85  . ? 1_555  ? 
28 AC4 6 GLY A 90  ? GLY A 86  . ? 1_555  ? 
29 AC4 6 HOH G .   ? HOH A 218 . ? 1_555  ? 
30 AC5 5 ARG A 68  ? ARG A 64  . ? 10_665 ? 
31 AC5 5 SER A 92  ? SER A 88  . ? 1_555  ? 
32 AC5 5 SER A 95  ? SER A 91  . ? 10_665 ? 
33 AC5 5 ALA A 96  ? ALA A 92  . ? 10_665 ? 
34 AC5 5 HOH G .   ? HOH A 238 . ? 1_555  ? 
# 
_atom_sites.entry_id                    3LL0 
_atom_sites.fract_transf_matrix[1][1]   -0.01192027 
_atom_sites.fract_transf_matrix[1][2]   -0.01624278 
_atom_sites.fract_transf_matrix[1][3]   -0.00576662 
_atom_sites.fract_transf_matrix[2][1]   -0.01466407 
_atom_sites.fract_transf_matrix[2][2]   -0.00738085 
_atom_sites.fract_transf_matrix[2][3]   0.01302467 
_atom_sites.fract_transf_matrix[3][1]   -0.00426416 
_atom_sites.fract_transf_matrix[3][2]   0.00402421 
_atom_sites.fract_transf_matrix[3][3]   -0.00252044 
_atom_sites.fract_transf_vector[1]      0.373896 
_atom_sites.fract_transf_vector[2]      0.127956 
_atom_sites.fract_transf_vector[3]      0.124320 
# 
loop_
_atom_type.symbol 
C 
N 
O 
S 
# 
loop_
_atom_site.group_PDB 
_atom_site.id 
_atom_site.type_symbol 
_atom_site.label_atom_id 
_atom_site.label_alt_id 
_atom_site.label_comp_id 
_atom_site.label_asym_id 
_atom_site.label_entity_id 
_atom_site.label_seq_id 
_atom_site.pdbx_PDB_ins_code 
_atom_site.Cartn_x 
_atom_site.Cartn_y 
_atom_site.Cartn_z 
_atom_site.occupancy 
_atom_site.B_iso_or_equiv 
_atom_site.pdbx_formal_charge 
_atom_site.auth_seq_id 
_atom_site.auth_comp_id 
_atom_site.auth_asym_id 
_atom_site.auth_atom_id 
_atom_site.pdbx_PDB_model_num 
ATOM   1    N N   . SER A 1 1   ? 18.481  -1.345  7.820   1.00 24.19 ? 1   SER A N   1 
ATOM   2    C CA  . SER A 1 1   ? 18.985  -0.805  6.481   1.00 22.88 ? 1   SER A CA  1 
ATOM   3    C C   . SER A 1 1   ? 17.859  -0.397  5.471   1.00 21.48 ? 1   SER A C   1 
ATOM   4    O O   . SER A 1 1   ? 16.919  -1.173  5.157   1.00 21.30 ? 1   SER A O   1 
ATOM   5    C CB  A SER A 1 1   ? 19.844  -1.840  5.780   0.50 23.78 ? 1   SER A CB  1 
ATOM   6    C CB  B SER A 1 1   ? 19.904  -1.817  5.807   0.50 23.64 ? 1   SER A CB  1 
ATOM   7    O OG  A SER A 1 1   ? 19.976  -1.581  4.384   0.50 23.59 ? 1   SER A OG  1 
ATOM   8    O OG  B SER A 1 1   ? 20.889  -2.353  6.698   0.50 21.47 ? 1   SER A OG  1 
ATOM   9    N N   . LEU A 1 2   ? 18.023  0.768   4.875   1.00 17.57 ? 2   LEU A N   1 
ATOM   10   C CA  . LEU A 1 2   ? 16.944  1.298   4.079   1.00 16.53 ? 2   LEU A CA  1 
ATOM   11   C C   . LEU A 1 2   ? 17.051  0.762   2.660   1.00 16.41 ? 2   LEU A C   1 
ATOM   12   O O   . LEU A 1 2   ? 18.135  0.776   2.050   1.00 15.99 ? 2   LEU A O   1 
ATOM   13   C CB  . LEU A 1 2   ? 17.029  2.812   4.051   1.00 16.32 ? 2   LEU A CB  1 
ATOM   14   C CG  . LEU A 1 2   ? 15.987  3.601   3.321   1.00 15.34 ? 2   LEU A CG  1 
ATOM   15   C CD1 . LEU A 1 2   ? 14.552  3.297   3.863   1.00 18.26 ? 2   LEU A CD1 1 
ATOM   16   C CD2 . LEU A 1 2   ? 16.362  5.126   3.341   1.00 15.98 ? 2   LEU A CD2 1 
ATOM   17   N N   . THR A 1 3   ? 15.914  0.352   2.132   1.00 15.68 ? 3   THR A N   1 
ATOM   18   C CA  . THR A 1 3   ? 15.802  -0.099  0.782   1.00 14.91 ? 3   THR A CA  1 
ATOM   19   C C   . THR A 1 3   ? 14.386  0.193   0.232   1.00 16.37 ? 3   THR A C   1 
ATOM   20   O O   . THR A 1 3   ? 13.622  0.924   0.864   1.00 15.10 ? 3   THR A O   1 
ATOM   21   C CB  . THR A 1 3   ? 16.157  -1.601  0.687   1.00 15.86 ? 3   THR A CB  1 
ATOM   22   O OG1 . THR A 1 3   ? 16.258  -1.968  -0.679  1.00 17.23 ? 3   THR A OG1 1 
ATOM   23   C CG2 . THR A 1 3   ? 15.137  -2.477  1.453   1.00 16.29 ? 3   THR A CG2 1 
ATOM   24   N N   . HIS A 1 4   ? 14.104  -0.261  -0.981  1.00 15.71 ? 4   HIS A N   1 
ATOM   25   C CA  . HIS A 1 4   ? 12.751  -0.143  -1.515  1.00 16.65 ? 4   HIS A CA  1 
ATOM   26   C C   . HIS A 1 4   ? 12.448  -1.330  -2.424  1.00 18.05 ? 4   HIS A C   1 
ATOM   27   O O   . HIS A 1 4   ? 13.366  -2.042  -2.892  1.00 18.21 ? 4   HIS A O   1 
ATOM   28   C CB  . HIS A 1 4   ? 12.613  1.139   -2.288  1.00 16.26 ? 4   HIS A CB  1 
ATOM   29   C CG  . HIS A 1 4   ? 13.297  1.116   -3.618  1.00 18.81 ? 4   HIS A CG  1 
ATOM   30   N ND1 . HIS A 1 4   ? 12.601  0.944   -4.789  1.00 20.31 ? 4   HIS A ND1 1 
ATOM   31   C CD2 . HIS A 1 4   ? 14.613  1.153   -3.953  1.00 19.74 ? 4   HIS A CD2 1 
ATOM   32   C CE1 . HIS A 1 4   ? 13.458  0.929   -5.801  1.00 23.83 ? 4   HIS A CE1 1 
ATOM   33   N NE2 . HIS A 1 4   ? 14.683  1.051   -5.321  1.00 21.24 ? 4   HIS A NE2 1 
ATOM   34   N N   . ARG A 1 5   ? 11.178  -1.510  -2.698  1.00 16.64 ? 5   ARG A N   1 
ATOM   35   C CA  . ARG A 1 5   ? 10.740  -2.581  -3.599  1.00 17.41 ? 5   ARG A CA  1 
ATOM   36   C C   . ARG A 1 5   ? 9.489   -2.156  -4.340  1.00 16.12 ? 5   ARG A C   1 
ATOM   37   O O   . ARG A 1 5   ? 8.559   -1.622  -3.708  1.00 16.55 ? 5   ARG A O   1 
ATOM   38   C CB  . ARG A 1 5   ? 10.462  -3.827  -2.789  1.00 18.00 ? 5   ARG A CB  1 
ATOM   39   C CG  . ARG A 1 5   ? 10.202  -5.014  -3.678  1.00 21.26 ? 5   ARG A CG  1 
ATOM   40   C CD  . ARG A 1 5   ? 10.144  -6.295  -2.877  1.00 28.02 ? 5   ARG A CD  1 
ATOM   41   N NE  . ARG A 1 5   ? 9.758   -7.378  -3.775  1.00 35.16 ? 5   ARG A NE  1 
ATOM   42   C CZ  . ARG A 1 5   ? 9.459   -8.623  -3.407  1.00 39.81 ? 5   ARG A CZ  1 
ATOM   43   N NH1 . ARG A 1 5   ? 9.486   -8.993  -2.124  1.00 40.97 ? 5   ARG A NH1 1 
ATOM   44   N NH2 . ARG A 1 5   ? 9.110   -9.502  -4.354  1.00 42.18 ? 5   ARG A NH2 1 
ATOM   45   N N   . LYS A 1 6   ? 9.467   -2.419  -5.654  1.00 17.49 ? 6   LYS A N   1 
ATOM   46   C CA  . LYS A 1 6   ? 8.353   -2.098  -6.508  1.00 18.29 ? 6   LYS A CA  1 
ATOM   47   C C   . LYS A 1 6   ? 7.485   -3.354  -6.662  1.00 17.82 ? 6   LYS A C   1 
ATOM   48   O O   . LYS A 1 6   ? 8.004   -4.482  -6.720  1.00 17.54 ? 6   LYS A O   1 
ATOM   49   C CB  . LYS A 1 6   ? 8.797   -1.639  -7.920  1.00 19.55 ? 6   LYS A CB  1 
ATOM   50   C CG  . LYS A 1 6   ? 7.563   -1.083  -8.750  1.00 24.02 ? 6   LYS A CG  1 
ATOM   51   C CD  . LYS A 1 6   ? 7.957   -0.515  -10.147 1.00 30.25 ? 6   LYS A CD  1 
ATOM   52   C CE  . LYS A 1 6   ? 6.783   -0.589  -11.142 1.00 31.73 ? 6   LYS A CE  1 
ATOM   53   N NZ  . LYS A 1 6   ? 7.178   0.062   -12.456 1.00 34.41 ? 6   LYS A NZ  1 
ATOM   54   N N   . PHE A 1 7   ? 6.187   -3.127  -6.720  1.00 16.87 ? 7   PHE A N   1 
ATOM   55   C CA  . PHE A 1 7   ? 5.161   -4.147  -6.901  1.00 16.53 ? 7   PHE A CA  1 
ATOM   56   C C   . PHE A 1 7   ? 4.189   -3.641  -7.964  1.00 16.92 ? 7   PHE A C   1 
ATOM   57   O O   . PHE A 1 7   ? 3.854   -2.467  -7.948  1.00 17.05 ? 7   PHE A O   1 
ATOM   58   C CB  . PHE A 1 7   ? 4.358   -4.341  -5.638  1.00 17.65 ? 7   PHE A CB  1 
ATOM   59   C CG  . PHE A 1 7   ? 5.170   -4.756  -4.445  1.00 14.80 ? 7   PHE A CG  1 
ATOM   60   C CD1 . PHE A 1 7   ? 5.255   -6.099  -4.077  1.00 21.05 ? 7   PHE A CD1 1 
ATOM   61   C CD2 . PHE A 1 7   ? 5.782   -3.792  -3.630  1.00 15.15 ? 7   PHE A CD2 1 
ATOM   62   C CE1 . PHE A 1 7   ? 5.937   -6.471  -2.907  1.00 20.02 ? 7   PHE A CE1 1 
ATOM   63   C CE2 . PHE A 1 7   ? 6.517   -4.176  -2.519  1.00 15.07 ? 7   PHE A CE2 1 
ATOM   64   C CZ  . PHE A 1 7   ? 6.609   -5.513  -2.190  1.00 17.10 ? 7   PHE A CZ  1 
ATOM   65   N N   . GLY A 1 8   ? 3.700   -4.540  -8.818  1.00 15.63 ? 8   GLY A N   1 
ATOM   66   C CA  . GLY A 1 8   ? 2.723   -4.183  -9.856  1.00 15.33 ? 8   GLY A CA  1 
ATOM   67   C C   . GLY A 1 8   ? 3.302   -3.931  -11.255 1.00 15.99 ? 8   GLY A C   1 
ATOM   68   O O   . GLY A 1 8   ? 4.464   -4.284  -11.577 1.00 16.59 ? 8   GLY A O   1 
ATOM   69   N N   . GLY A 1 9   ? 2.493   -3.316  -12.105 1.00 15.20 ? 9   GLY A N   1 
ATOM   70   C CA  . GLY A 1 9   ? 2.847   -3.120  -13.485 1.00 15.79 ? 9   GLY A CA  1 
ATOM   71   C C   . GLY A 1 9   ? 3.451   -1.776  -13.828 1.00 16.40 ? 9   GLY A C   1 
ATOM   72   O O   . GLY A 1 9   ? 3.905   -1.018  -12.980 1.00 15.55 ? 9   GLY A O   1 
ATOM   73   N N   . SER A 1 10  ? 3.464   -1.495  -15.132 1.00 15.97 ? 10  SER A N   1 
ATOM   74   C CA  . SER A 1 10  ? 4.203   -0.328  -15.638 1.00 17.69 ? 10  SER A CA  1 
ATOM   75   C C   . SER A 1 10  ? 3.329   0.909   -15.911 1.00 17.03 ? 10  SER A C   1 
ATOM   76   O O   . SER A 1 10  ? 3.850   1.963   -16.245 1.00 18.01 ? 10  SER A O   1 
ATOM   77   C CB  . SER A 1 10  ? 4.920   -0.730  -16.909 1.00 18.55 ? 10  SER A CB  1 
ATOM   78   O OG  . SER A 1 10  ? 3.995   -0.854  -18.004 1.00 20.59 ? 10  SER A OG  1 
ATOM   79   N N   . GLY A 1 11  ? 2.019   0.780   -15.753 1.00 16.59 ? 11  GLY A N   1 
ATOM   80   C CA  . GLY A 1 11  ? 1.093   1.833   -16.165 1.00 16.13 ? 11  GLY A CA  1 
ATOM   81   C C   . GLY A 1 11  ? 0.836   2.875   -15.104 1.00 16.18 ? 11  GLY A C   1 
ATOM   82   O O   . GLY A 1 11  ? 1.406   2.815   -13.979 1.00 15.02 ? 11  GLY A O   1 
ATOM   83   N N   . GLY A 1 12  ? -0.041  3.825   -15.469 1.00 16.21 ? 12  GLY A N   1 
ATOM   84   C CA  . GLY A 1 12  ? -0.456  4.883   -14.553 1.00 16.45 ? 12  GLY A CA  1 
ATOM   85   C C   . GLY A 1 12  ? 0.529   6.036   -14.540 1.00 16.11 ? 12  GLY A C   1 
ATOM   86   O O   . GLY A 1 12  ? 1.560   6.019   -15.251 1.00 17.20 ? 12  GLY A O   1 
ATOM   87   N N   . SER A 1 13  ? 0.203   7.065   -13.748 1.00 16.41 ? 13  SER A N   1 
ATOM   88   C CA  . SER A 1 13  ? 1.056   8.233   -13.604 1.00 17.60 ? 13  SER A CA  1 
ATOM   89   C C   . SER A 1 13  ? 1.595   8.256   -12.164 1.00 16.81 ? 13  SER A C   1 
ATOM   90   O O   . SER A 1 13  ? 0.880   7.836   -11.207 1.00 14.50 ? 13  SER A O   1 
ATOM   91   C CB  . SER A 1 13  ? 0.305   9.502   -13.936 1.00 18.54 ? 13  SER A CB  1 
ATOM   92   O OG  . SER A 1 13  ? -0.031  9.438   -15.305 1.00 23.48 ? 13  SER A OG  1 
ATOM   93   N N   . PRO A 1 14  ? 2.843   8.742   -11.998 1.00 16.35 ? 14  PRO A N   1 
ATOM   94   C CA  . PRO A 1 14  ? 3.467   8.626   -10.678 1.00 16.81 ? 14  PRO A CA  1 
ATOM   95   C C   . PRO A 1 14  ? 2.862   9.521   -9.618  1.00 17.25 ? 14  PRO A C   1 
ATOM   96   O O   . PRO A 1 14  ? 2.453   10.639  -9.898  1.00 17.19 ? 14  PRO A O   1 
ATOM   97   C CB  . PRO A 1 14  ? 4.940   9.025   -10.906 1.00 18.09 ? 14  PRO A CB  1 
ATOM   98   C CG  . PRO A 1 14  ? 4.937   9.809   -12.176 1.00 18.33 ? 14  PRO A CG  1 
ATOM   99   C CD  . PRO A 1 14  ? 3.746   9.350   -12.987 1.00 18.66 ? 14  PRO A CD  1 
ATOM   100  N N   . PHE A 1 15  ? 2.802   8.990   -8.405  1.00 15.93 ? 15  PHE A N   1 
ATOM   101  C CA  . PHE A 1 15  ? 2.510   9.774   -7.224  1.00 16.86 ? 15  PHE A CA  1 
ATOM   102  C C   . PHE A 1 15  ? 3.503   9.442   -6.102  1.00 16.69 ? 15  PHE A C   1 
ATOM   103  O O   . PHE A 1 15  ? 4.255   8.448   -6.141  1.00 15.60 ? 15  PHE A O   1 
ATOM   104  C CB  . PHE A 1 15  ? 1.076   9.557   -6.772  1.00 17.90 ? 15  PHE A CB  1 
ATOM   105  C CG  . PHE A 1 15  ? 0.813   8.182   -6.224  1.00 16.30 ? 15  PHE A CG  1 
ATOM   106  C CD1 . PHE A 1 15  ? 1.050   7.860   -4.889  1.00 15.10 ? 15  PHE A CD1 1 
ATOM   107  C CD2 . PHE A 1 15  ? 0.360   7.168   -7.062  1.00 19.17 ? 15  PHE A CD2 1 
ATOM   108  C CE1 . PHE A 1 15  ? 0.840   6.577   -4.386  1.00 17.47 ? 15  PHE A CE1 1 
ATOM   109  C CE2 . PHE A 1 15  ? 0.119   5.878   -6.573  1.00 19.47 ? 15  PHE A CE2 1 
ATOM   110  C CZ  . PHE A 1 15  ? 0.352   5.567   -5.237  1.00 19.90 ? 15  PHE A CZ  1 
ATOM   111  N N   . SER A 1 16  ? 3.475   10.279  -5.070  1.00 18.23 ? 16  SER A N   1 
ATOM   112  C CA  . SER A 1 16  ? 4.344   10.103  -3.946  1.00 19.43 ? 16  SER A CA  1 
ATOM   113  C C   . SER A 1 16  ? 3.519   10.227  -2.707  1.00 20.22 ? 16  SER A C   1 
ATOM   114  O O   . SER A 1 16  ? 2.496   10.923  -2.671  1.00 20.11 ? 16  SER A O   1 
ATOM   115  C CB  . SER A 1 16  ? 5.431   11.209  -3.961  1.00 19.94 ? 16  SER A CB  1 
ATOM   116  O OG  . SER A 1 16  ? 6.258   11.063  -5.128  1.00 24.24 ? 16  SER A OG  1 
ATOM   117  N N   . GLY A 1 17  A 3.931   9.553   -1.656  1.00 21.67 ? 16  GLY A N   1 
ATOM   118  C CA  . GLY A 1 17  A 3.453   9.877   -0.355  1.00 24.49 ? 16  GLY A CA  1 
ATOM   119  C C   . GLY A 1 17  A 3.913   11.256  0.098   1.00 26.58 ? 16  GLY A C   1 
ATOM   120  O O   . GLY A 1 17  A 4.739   11.892  -0.501  1.00 27.84 ? 16  GLY A O   1 
ATOM   121  N N   . SER A 1 18  B 3.325   11.760  1.151   1.00 30.78 ? 16  SER A N   1 
ATOM   122  C CA  . SER A 1 18  B 3.881   12.935  1.891   1.00 32.76 ? 16  SER A CA  1 
ATOM   123  C C   . SER A 1 18  B 5.359   13.365  1.920   1.00 34.28 ? 16  SER A C   1 
ATOM   124  O O   . SER A 1 18  B 5.622   14.549  2.032   1.00 34.64 ? 16  SER A O   1 
ATOM   125  C CB  . SER A 1 18  B 3.401   12.811  3.318   1.00 33.53 ? 16  SER A CB  1 
ATOM   126  O OG  . SER A 1 18  B 1.976   13.017  3.273   1.00 36.24 ? 16  SER A OG  1 
ATOM   127  N N   . GLY A 1 19  C 6.308   12.426  1.991   1.00 35.26 ? 16  GLY A N   1 
ATOM   128  C CA  . GLY A 1 19  C 7.715   12.689  1.765   1.00 36.34 ? 16  GLY A CA  1 
ATOM   129  C C   . GLY A 1 19  C 8.584   12.143  2.864   1.00 37.48 ? 16  GLY A C   1 
ATOM   130  O O   . GLY A 1 19  C 9.503   11.338  2.631   1.00 38.46 ? 16  GLY A O   1 
ATOM   131  N N   . SER A 1 20  D 8.282   12.558  4.086   1.00 37.18 ? 16  SER A N   1 
ATOM   132  C CA  . SER A 1 20  D 9.023   12.051  5.199   1.00 37.71 ? 16  SER A CA  1 
ATOM   133  C C   . SER A 1 20  D 8.381   10.704  5.488   1.00 37.36 ? 16  SER A C   1 
ATOM   134  O O   . SER A 1 20  D 8.908   9.670   5.060   1.00 36.57 ? 16  SER A O   1 
ATOM   135  C CB  . SER A 1 20  D 8.979   13.008  6.390   1.00 37.61 ? 16  SER A CB  1 
ATOM   136  O OG  . SER A 1 20  D 9.493   12.381  7.546   1.00 41.38 ? 16  SER A OG  1 
ATOM   137  N N   . GLY A 1 21  ? 7.204   10.733  6.119   1.00 36.85 ? 17  GLY A N   1 
ATOM   138  C CA  . GLY A 1 21  ? 6.561   9.500   6.596   1.00 35.52 ? 17  GLY A CA  1 
ATOM   139  C C   . GLY A 1 21  ? 5.106   9.291   6.153   1.00 33.43 ? 17  GLY A C   1 
ATOM   140  O O   . GLY A 1 21  ? 4.632   9.809   5.133   1.00 34.14 ? 17  GLY A O   1 
ATOM   141  N N   . LEU A 1 22  ? 4.404   8.543   6.995   1.00 31.24 ? 18  LEU A N   1 
ATOM   142  C CA  . LEU A 1 22  ? 3.156   7.924   6.666   1.00 27.31 ? 18  LEU A CA  1 
ATOM   143  C C   . LEU A 1 22  ? 2.246   7.981   7.903   1.00 24.41 ? 18  LEU A C   1 
ATOM   144  O O   . LEU A 1 22  ? 2.513   7.299   8.895   1.00 23.22 ? 18  LEU A O   1 
ATOM   145  C CB  . LEU A 1 22  ? 3.522   6.500   6.298   1.00 28.97 ? 18  LEU A CB  1 
ATOM   146  C CG  . LEU A 1 22  ? 2.607   5.487   5.697   1.00 28.53 ? 18  LEU A CG  1 
ATOM   147  C CD1 . LEU A 1 22  ? 1.586   6.066   4.673   1.00 26.90 ? 18  LEU A CD1 1 
ATOM   148  C CD2 . LEU A 1 22  ? 3.565   4.429   5.070   1.00 30.90 ? 18  LEU A CD2 1 
ATOM   149  N N   . SER A 1 23  ? 1.227   8.831   7.873   1.00 20.12 ? 19  SER A N   1 
ATOM   150  C CA  . SER A 1 23  ? 0.383   9.020   9.054   1.00 18.92 ? 19  SER A CA  1 
ATOM   151  C C   . SER A 1 23  ? -0.913  8.233   9.002   1.00 17.28 ? 19  SER A C   1 
ATOM   152  O O   . SER A 1 23  ? -1.407  7.801   10.042  1.00 15.14 ? 19  SER A O   1 
ATOM   153  C CB  A SER A 1 23  ? 0.096   10.520  9.255   0.50 19.29 ? 19  SER A CB  1 
ATOM   154  C CB  B SER A 1 23  ? 0.139   10.517  9.297   0.50 19.06 ? 19  SER A CB  1 
ATOM   155  O OG  A SER A 1 23  ? -0.536  11.054  8.102   0.50 22.07 ? 19  SER A OG  1 
ATOM   156  O OG  B SER A 1 23  ? 1.380   11.181  9.395   0.50 19.76 ? 19  SER A OG  1 
ATOM   157  N N   . SER A 1 24  ? -1.457  8.026   7.800   1.00 15.59 ? 20  SER A N   1 
ATOM   158  C CA  . SER A 1 24  ? -2.698  7.277   7.624   1.00 15.31 ? 20  SER A CA  1 
ATOM   159  C C   . SER A 1 24  ? -2.812  6.632   6.249   1.00 15.66 ? 20  SER A C   1 
ATOM   160  O O   . SER A 1 24  ? -2.228  7.122   5.244   1.00 14.34 ? 20  SER A O   1 
ATOM   161  C CB  . SER A 1 24  ? -3.916  8.176   7.851   1.00 15.58 ? 20  SER A CB  1 
ATOM   162  O OG  . SER A 1 24  ? -4.142  9.128   6.814   1.00 16.24 ? 20  SER A OG  1 
ATOM   163  N N   . ILE A 1 25  ? -3.594  5.570   6.188   1.00 15.40 ? 21  ILE A N   1 
ATOM   164  C CA  . ILE A 1 25  ? -3.818  4.857   4.937   1.00 16.31 ? 21  ILE A CA  1 
ATOM   165  C C   . ILE A 1 25  ? -5.262  4.383   4.897   1.00 15.94 ? 21  ILE A C   1 
ATOM   166  O O   . ILE A 1 25  ? -5.768  3.771   5.863   1.00 16.12 ? 21  ILE A O   1 
ATOM   167  C CB  A ILE A 1 25  ? -2.857  3.634   4.788   0.50 16.08 ? 21  ILE A CB  1 
ATOM   168  C CB  B ILE A 1 25  ? -2.870  3.633   4.649   0.50 16.98 ? 21  ILE A CB  1 
ATOM   169  C CG1 A ILE A 1 25  ? -1.384  4.063   4.764   0.50 18.24 ? 21  ILE A CG1 1 
ATOM   170  C CG1 B ILE A 1 25  ? -2.932  2.564   5.741   0.50 19.05 ? 21  ILE A CG1 1 
ATOM   171  C CG2 A ILE A 1 25  ? -3.167  2.831   3.527   0.50 12.16 ? 21  ILE A CG2 1 
ATOM   172  C CG2 B ILE A 1 25  ? -1.437  4.060   4.439   0.50 19.45 ? 21  ILE A CG2 1 
ATOM   173  C CD1 A ILE A 1 25  ? -0.387  2.916   4.621   0.50 17.15 ? 21  ILE A CD1 1 
ATOM   174  C CD1 B ILE A 1 25  ? -1.860  2.615   6.680   0.50 21.97 ? 21  ILE A CD1 1 
ATOM   175  N N   . ALA A 1 26  ? -5.884  4.606   3.747   1.00 14.92 ? 22  ALA A N   1 
ATOM   176  C CA  . ALA A 1 26  ? -7.115  3.936   3.392   1.00 13.79 ? 22  ALA A CA  1 
ATOM   177  C C   . ALA A 1 26  ? -6.951  3.444   1.939   1.00 14.90 ? 22  ALA A C   1 
ATOM   178  O O   . ALA A 1 26  ? -6.026  3.864   1.229   1.00 13.92 ? 22  ALA A O   1 
ATOM   179  C CB  . ALA A 1 26  ? -8.338  4.873   3.574   1.00 15.06 ? 22  ALA A CB  1 
ATOM   180  N N   . VAL A 1 27  ? -7.824  2.532   1.511   1.00 13.35 ? 23  VAL A N   1 
ATOM   181  C CA  . VAL A 1 27  ? -7.828  2.082   0.128   1.00 14.17 ? 23  VAL A CA  1 
ATOM   182  C C   . VAL A 1 27  ? -9.249  2.064   -0.436  1.00 15.12 ? 23  VAL A C   1 
ATOM   183  O O   . VAL A 1 27  ? -10.210 1.986   0.332   1.00 16.04 ? 23  VAL A O   1 
ATOM   184  C CB  . VAL A 1 27  ? -7.197  0.645   -0.046  1.00 15.78 ? 23  VAL A CB  1 
ATOM   185  C CG1 . VAL A 1 27  ? -5.698  0.631   0.263   1.00 15.90 ? 23  VAL A CG1 1 
ATOM   186  C CG2 . VAL A 1 27  ? -8.038  -0.436  0.777   1.00 13.78 ? 23  VAL A CG2 1 
ATOM   187  N N   . ARG A 1 28  ? -9.378  2.136   -1.776  1.00 14.62 ? 24  ARG A N   1 
ATOM   188  C CA  . ARG A 1 28  ? -10.608 1.686   -2.468  1.00 13.99 ? 24  ARG A CA  1 
ATOM   189  C C   . ARG A 1 28  ? -10.241 0.364   -3.139  1.00 15.11 ? 24  ARG A C   1 
ATOM   190  O O   . ARG A 1 28  ? -9.179  0.252   -3.741  1.00 14.06 ? 24  ARG A O   1 
ATOM   191  C CB  . ARG A 1 28  ? -11.120 2.686   -3.518  1.00 15.52 ? 24  ARG A CB  1 
ATOM   192  C CG  . ARG A 1 28  ? -11.449 4.085   -2.941  1.00 15.98 ? 24  ARG A CG  1 
ATOM   193  C CD  . ARG A 1 28  ? -12.171 4.919   -3.981  1.00 17.00 ? 24  ARG A CD  1 
ATOM   194  N NE  . ARG A 1 28  ? -13.519 4.380   -4.190  1.00 18.75 ? 24  ARG A NE  1 
ATOM   195  C CZ  . ARG A 1 28  ? -14.597 4.753   -3.482  1.00 17.52 ? 24  ARG A CZ  1 
ATOM   196  N NH1 . ARG A 1 28  ? -14.519 5.791   -2.647  1.00 17.69 ? 24  ARG A NH1 1 
ATOM   197  N NH2 . ARG A 1 28  ? -15.755 4.126   -3.663  1.00 21.19 ? 24  ARG A NH2 1 
ATOM   198  N N   . SER A 1 29  ? -11.105 -0.627  -3.016  1.00 14.75 ? 25  SER A N   1 
ATOM   199  C CA  . SER A 1 29  ? -10.782 -1.916  -3.602  1.00 14.96 ? 25  SER A CA  1 
ATOM   200  C C   . SER A 1 29  ? -12.050 -2.625  -4.064  1.00 14.55 ? 25  SER A C   1 
ATOM   201  O O   . SER A 1 29  ? -13.159 -2.425  -3.502  1.00 14.61 ? 25  SER A O   1 
ATOM   202  C CB  . SER A 1 29  ? -10.014 -2.786  -2.580  1.00 14.16 ? 25  SER A CB  1 
ATOM   203  O OG  . SER A 1 29  ? -10.854 -3.192  -1.483  1.00 15.20 ? 25  SER A OG  1 
ATOM   204  N N   . GLY A 1 30  ? -11.882 -3.458  -5.083  1.00 15.73 ? 26  GLY A N   1 
ATOM   205  C CA  . GLY A 1 30  ? -12.891 -4.388  -5.538  1.00 16.15 ? 26  GLY A CA  1 
ATOM   206  C C   . GLY A 1 30  ? -12.166 -5.693  -5.797  1.00 16.43 ? 26  GLY A C   1 
ATOM   207  O O   . GLY A 1 30  ? -11.660 -6.337  -4.864  1.00 16.67 ? 26  GLY A O   1 
ATOM   208  N N   . SER A 1 31  ? -12.092 -6.055  -7.067  1.00 16.96 ? 27  SER A N   1 
ATOM   209  C CA  . SER A 1 31  ? -11.176 -7.086  -7.551  1.00 17.37 ? 27  SER A CA  1 
ATOM   210  C C   . SER A 1 31  ? -9.718  -6.704  -7.455  1.00 17.40 ? 27  SER A C   1 
ATOM   211  O O   . SER A 1 31  ? -8.861  -7.555  -7.323  1.00 18.01 ? 27  SER A O   1 
ATOM   212  C CB  . SER A 1 31  ? -11.486 -7.397  -9.013  1.00 18.20 ? 27  SER A CB  1 
ATOM   213  O OG  . SER A 1 31  ? -12.712 -8.134  -9.073  1.00 20.76 ? 27  SER A OG  1 
ATOM   214  N N   . TYR A 1 32  ? -9.471  -5.415  -7.582  1.00 15.77 ? 28  TYR A N   1 
ATOM   215  C CA  . TYR A 1 32  ? -8.136  -4.843  -7.505  1.00 14.49 ? 28  TYR A CA  1 
ATOM   216  C C   . TYR A 1 32  ? -8.150  -3.744  -6.451  1.00 14.91 ? 28  TYR A C   1 
ATOM   217  O O   . TYR A 1 32  ? -9.181  -3.443  -5.818  1.00 15.99 ? 28  TYR A O   1 
ATOM   218  C CB  . TYR A 1 32  ? -7.721  -4.203  -8.844  1.00 16.26 ? 28  TYR A CB  1 
ATOM   219  C CG  . TYR A 1 32  ? -7.971  -5.047  -10.034 1.00 16.84 ? 28  TYR A CG  1 
ATOM   220  C CD1 . TYR A 1 32  ? -7.475  -6.346  -10.101 1.00 18.49 ? 28  TYR A CD1 1 
ATOM   221  C CD2 . TYR A 1 32  ? -8.657  -4.550  -11.130 1.00 20.77 ? 28  TYR A CD2 1 
ATOM   222  C CE1 . TYR A 1 32  ? -7.681  -7.126  -11.246 1.00 21.16 ? 28  TYR A CE1 1 
ATOM   223  C CE2 . TYR A 1 32  ? -8.876  -5.337  -12.247 1.00 20.53 ? 28  TYR A CE2 1 
ATOM   224  C CZ  . TYR A 1 32  ? -8.406  -6.613  -12.275 1.00 19.31 ? 28  TYR A CZ  1 
ATOM   225  O OH  . TYR A 1 32  ? -8.620  -7.354  -13.420 1.00 25.40 ? 28  TYR A OH  1 
ATOM   226  N N   . LEU A 1 33  ? -6.974  -3.168  -6.235  1.00 14.80 ? 29  LEU A N   1 
ATOM   227  C CA  . LEU A 1 33  ? -6.900  -1.891  -5.563  1.00 15.14 ? 29  LEU A CA  1 
ATOM   228  C C   . LEU A 1 33  ? -7.218  -0.774  -6.585  1.00 14.64 ? 29  LEU A C   1 
ATOM   229  O O   . LEU A 1 33  ? -6.448  -0.566  -7.555  1.00 16.65 ? 29  LEU A O   1 
ATOM   230  C CB  . LEU A 1 33  ? -5.511  -1.669  -4.957  1.00 15.18 ? 29  LEU A CB  1 
ATOM   231  C CG  . LEU A 1 33  ? -5.309  -2.174  -3.523  1.00 16.37 ? 29  LEU A CG  1 
ATOM   232  C CD1 . LEU A 1 33  ? -6.096  -1.316  -2.552  1.00 21.24 ? 29  LEU A CD1 1 
ATOM   233  C CD2 . LEU A 1 33  ? -5.816  -3.575  -3.422  1.00 19.18 ? 29  LEU A CD2 1 
ATOM   234  N N   . ASP A 1 34  ? -8.314  -0.059  -6.382  1.00 14.79 ? 30  ASP A N   1 
ATOM   235  C CA  . ASP A 1 34  ? -8.697  1.070   -7.237  1.00 14.34 ? 30  ASP A CA  1 
ATOM   236  C C   . ASP A 1 34  ? -7.921  2.333   -6.893  1.00 14.23 ? 30  ASP A C   1 
ATOM   237  O O   . ASP A 1 34  ? -7.617  3.164   -7.760  1.00 15.21 ? 30  ASP A O   1 
ATOM   238  C CB  . ASP A 1 34  ? -10.209 1.377   -7.116  1.00 14.96 ? 30  ASP A CB  1 
ATOM   239  C CG  . ASP A 1 34  ? -11.087 0.225   -7.666  1.00 15.48 ? 30  ASP A CG  1 
ATOM   240  O OD1 . ASP A 1 34  ? -11.269 -0.781  -6.946  1.00 16.56 ? 30  ASP A OD1 1 
ATOM   241  O OD2 . ASP A 1 34  ? -11.537 0.336   -8.813  1.00 15.72 ? 30  ASP A OD2 1 
ATOM   242  N N   . ALA A 1 35  ? -7.663  2.485   -5.607  1.00 14.12 ? 31  ALA A N   1 
ATOM   243  C CA  . ALA A 1 35  ? -7.013  3.689   -5.055  1.00 14.10 ? 31  ALA A CA  1 
ATOM   244  C C   . ALA A 1 35  ? -6.351  3.392   -3.727  1.00 14.28 ? 31  ALA A C   1 
ATOM   245  O O   . ALA A 1 35  ? -6.757  2.497   -2.992  1.00 12.54 ? 31  ALA A O   1 
ATOM   246  C CB  . ALA A 1 35  ? -8.009  4.864   -4.959  1.00 13.51 ? 31  ALA A CB  1 
ATOM   247  N N   . ILE A 1 36  ? -5.332  4.184   -3.440  1.00 14.18 ? 32  ILE A N   1 
ATOM   248  C CA  . ILE A 1 36  ? -4.722  4.290   -2.121  1.00 13.91 ? 32  ILE A CA  1 
ATOM   249  C C   . ILE A 1 36  ? -4.821  5.758   -1.692  1.00 15.95 ? 32  ILE A C   1 
ATOM   250  O O   . ILE A 1 36  ? -4.596  6.689   -2.493  1.00 16.00 ? 32  ILE A O   1 
ATOM   251  C CB  . ILE A 1 36  ? -3.309  3.728   -2.049  1.00 15.16 ? 32  ILE A CB  1 
ATOM   252  C CG1 . ILE A 1 36  ? -2.862  3.640   -0.570  1.00 15.01 ? 32  ILE A CG1 1 
ATOM   253  C CG2 . ILE A 1 36  ? -2.323  4.561   -2.924  1.00 14.48 ? 32  ILE A CG2 1 
ATOM   254  C CD1 . ILE A 1 36  ? -1.501  2.838   -0.350  1.00 16.25 ? 32  ILE A CD1 1 
ATOM   255  N N   . ILE A 1 37  ? -5.263  5.933   -0.452  1.00 14.96 ? 33  ILE A N   1 
ATOM   256  C CA  . ILE A 1 37  ? -5.461  7.258   0.154   1.00 16.03 ? 33  ILE A CA  1 
ATOM   257  C C   . ILE A 1 37  ? -4.409  7.373   1.263   1.00 17.35 ? 33  ILE A C   1 
ATOM   258  O O   . ILE A 1 37  ? -4.501  6.731   2.309   1.00 17.65 ? 33  ILE A O   1 
ATOM   259  C CB  . ILE A 1 37  ? -6.905  7.465   0.685   1.00 16.60 ? 33  ILE A CB  1 
ATOM   260  C CG1 . ILE A 1 37  ? -7.969  7.232   -0.407  1.00 18.34 ? 33  ILE A CG1 1 
ATOM   261  C CG2 . ILE A 1 37  ? -7.122  8.899   1.270   1.00 16.76 ? 33  ILE A CG2 1 
ATOM   262  C CD1 . ILE A 1 37  ? -8.571  5.878   -0.464  1.00 28.48 ? 33  ILE A CD1 1 
ATOM   263  N N   . ILE A 1 38  ? -3.406  8.190   1.017   1.00 16.75 ? 34  ILE A N   1 
ATOM   264  C CA  . ILE A 1 38  ? -2.265  8.353   1.937   1.00 16.17 ? 34  ILE A CA  1 
ATOM   265  C C   . ILE A 1 38  ? -2.318  9.741   2.585   1.00 16.05 ? 34  ILE A C   1 
ATOM   266  O O   . ILE A 1 38  ? -2.362  10.795  1.916   1.00 14.72 ? 34  ILE A O   1 
ATOM   267  C CB  . ILE A 1 38  ? -0.899  8.159   1.204   1.00 16.41 ? 34  ILE A CB  1 
ATOM   268  C CG1 . ILE A 1 38  ? -0.786  6.779   0.562   1.00 18.19 ? 34  ILE A CG1 1 
ATOM   269  C CG2 . ILE A 1 38  ? 0.290   8.426   2.152   1.00 18.55 ? 34  ILE A CG2 1 
ATOM   270  C CD1 . ILE A 1 38  ? 0.352   6.722   -0.493  1.00 20.32 ? 34  ILE A CD1 1 
ATOM   271  N N   . ASP A 1 39  ? -2.357  9.749   3.911   1.00 15.23 ? 35  ASP A N   1 
ATOM   272  C CA  . ASP A 1 39  ? -2.456  10.959  4.664   1.00 16.94 ? 35  ASP A CA  1 
ATOM   273  C C   . ASP A 1 39  ? -3.610  11.880  4.121   1.00 15.85 ? 35  ASP A C   1 
ATOM   274  O O   . ASP A 1 39  ? -3.458  13.119  4.094   1.00 16.38 ? 35  ASP A O   1 
ATOM   275  C CB  . ASP A 1 39  ? -1.143  11.735  4.620   1.00 16.80 ? 35  ASP A CB  1 
ATOM   276  C CG  . ASP A 1 39  ? 0.066   10.938  5.156   1.00 22.01 ? 35  ASP A CG  1 
ATOM   277  O OD1 . ASP A 1 39  ? -0.134  9.946   5.869   1.00 21.21 ? 35  ASP A OD1 1 
ATOM   278  O OD2 . ASP A 1 39  ? 1.221   11.319  4.844   1.00 23.21 ? 35  ASP A OD2 1 
ATOM   279  N N   . GLY A 1 40  ? -4.733  11.254  3.800   1.00 16.63 ? 36  GLY A N   1 
ATOM   280  C CA  . GLY A 1 40  ? -5.935  11.888  3.355   1.00 16.89 ? 36  GLY A CA  1 
ATOM   281  C C   . GLY A 1 40  ? -5.943  12.277  1.888   1.00 17.89 ? 36  GLY A C   1 
ATOM   282  O O   . GLY A 1 40  ? -6.951  12.853  1.423   1.00 19.43 ? 36  GLY A O   1 
ATOM   283  N N   . VAL A 1 41  ? -4.864  11.987  1.165   1.00 16.02 ? 37  VAL A N   1 
ATOM   284  C CA  . VAL A 1 41  ? -4.758  12.358  -0.263  1.00 16.09 ? 37  VAL A CA  1 
ATOM   285  C C   . VAL A 1 41  ? -5.014  11.111  -1.155  1.00 15.74 ? 37  VAL A C   1 
ATOM   286  O O   . VAL A 1 41  ? -4.377  10.115  -0.998  1.00 16.14 ? 37  VAL A O   1 
ATOM   287  C CB  . VAL A 1 41  ? -3.410  12.985  -0.575  1.00 16.71 ? 37  VAL A CB  1 
ATOM   288  C CG1 . VAL A 1 41  ? -3.310  13.384  -2.087  1.00 15.97 ? 37  VAL A CG1 1 
ATOM   289  C CG2 . VAL A 1 41  ? -3.181  14.253  0.350   1.00 16.05 ? 37  VAL A CG2 1 
ATOM   290  N N   . HIS A 1 42  ? -5.947  11.250  -2.076  1.00 16.69 ? 38  HIS A N   1 
ATOM   291  C CA  . HIS A 1 42  ? -6.427  10.174  -2.916  1.00 16.71 ? 38  HIS A CA  1 
ATOM   292  C C   . HIS A 1 42  ? -5.490  9.984   -4.113  1.00 17.90 ? 38  HIS A C   1 
ATOM   293  O O   . HIS A 1 42  ? -5.072  10.964  -4.736  1.00 17.45 ? 38  HIS A O   1 
ATOM   294  C CB  . HIS A 1 42  ? -7.807  10.588  -3.389  1.00 18.22 ? 38  HIS A CB  1 
ATOM   295  C CG  . HIS A 1 42  ? -8.570  9.532   -4.110  1.00 15.80 ? 38  HIS A CG  1 
ATOM   296  N ND1 . HIS A 1 42  ? -9.731  8.984   -3.584  1.00 18.55 ? 38  HIS A ND1 1 
ATOM   297  C CD2 . HIS A 1 42  ? -8.397  8.961   -5.322  1.00 17.10 ? 38  HIS A CD2 1 
ATOM   298  C CE1 . HIS A 1 42  ? -10.204 8.090   -4.427  1.00 20.31 ? 38  HIS A CE1 1 
ATOM   299  N NE2 . HIS A 1 42  ? -9.426  8.062   -5.496  1.00 16.35 ? 38  HIS A NE2 1 
ATOM   300  N N   . HIS A 1 43  ? -5.163  8.723   -4.420  1.00 16.14 ? 39  HIS A N   1 
ATOM   301  C CA  . HIS A 1 43  ? -4.356  8.390   -5.567  1.00 16.36 ? 39  HIS A CA  1 
ATOM   302  C C   . HIS A 1 43  ? -4.977  7.151   -6.223  1.00 16.68 ? 39  HIS A C   1 
ATOM   303  O O   . HIS A 1 43  ? -4.855  6.036   -5.674  1.00 16.05 ? 39  HIS A O   1 
ATOM   304  C CB  . HIS A 1 43  ? -2.890  8.095   -5.185  1.00 18.21 ? 39  HIS A CB  1 
ATOM   305  C CG  . HIS A 1 43  ? -2.219  9.173   -4.363  1.00 18.82 ? 39  HIS A CG  1 
ATOM   306  N ND1 . HIS A 1 43  ? -1.793  10.375  -4.905  1.00 20.96 ? 39  HIS A ND1 1 
ATOM   307  C CD2 . HIS A 1 43  ? -1.918  9.220   -3.040  1.00 20.65 ? 39  HIS A CD2 1 
ATOM   308  C CE1 . HIS A 1 43  ? -1.222  11.101  -3.949  1.00 18.74 ? 39  HIS A CE1 1 
ATOM   309  N NE2 . HIS A 1 43  ? -1.331  10.452  -2.795  1.00 18.37 ? 39  HIS A NE2 1 
ATOM   310  N N   . GLY A 1 44  ? -5.621  7.352   -7.369  1.00 16.45 ? 40  GLY A N   1 
ATOM   311  C CA  . GLY A 1 44  ? -6.254  6.264   -8.146  1.00 16.18 ? 40  GLY A CA  1 
ATOM   312  C C   . GLY A 1 44  ? -7.703  6.640   -8.420  1.00 16.48 ? 40  GLY A C   1 
ATOM   313  O O   . GLY A 1 44  ? -8.121  7.770   -8.133  1.00 16.89 ? 40  GLY A O   1 
ATOM   314  N N   . GLY A 1 45  ? -8.492  5.670   -8.890  1.00 15.23 ? 41  GLY A N   1 
ATOM   315  C CA  . GLY A 1 45  ? -9.853  5.909   -9.333  1.00 16.10 ? 41  GLY A CA  1 
ATOM   316  C C   . GLY A 1 45  ? -10.890 5.942   -8.225  1.00 16.30 ? 41  GLY A C   1 
ATOM   317  O O   . GLY A 1 45  ? -10.560 6.005   -7.033  1.00 14.45 ? 41  GLY A O   1 
ATOM   318  N N   . SER A 1 46  ? -12.154 5.921   -8.669  1.00 16.28 ? 42  SER A N   1 
ATOM   319  C CA  . SER A 1 46  ? -13.297 6.084   -7.811  1.00 17.16 ? 42  SER A CA  1 
ATOM   320  C C   . SER A 1 46  ? -14.139 4.796   -7.727  1.00 16.76 ? 42  SER A C   1 
ATOM   321  O O   . SER A 1 46  ? -15.180 4.768   -7.055  1.00 17.50 ? 42  SER A O   1 
ATOM   322  C CB  A SER A 1 46  ? -14.162 7.220   -8.352  0.50 17.76 ? 42  SER A CB  1 
ATOM   323  C CB  B SER A 1 46  ? -14.150 7.236   -8.342  0.50 17.98 ? 42  SER A CB  1 
ATOM   324  O OG  A SER A 1 46  ? -14.625 6.934   -9.658  0.50 17.84 ? 42  SER A OG  1 
ATOM   325  O OG  B SER A 1 46  ? -13.504 8.483   -8.128  0.50 20.24 ? 42  SER A OG  1 
ATOM   326  N N   . GLY A 1 47  ? -13.689 3.745   -8.402  1.00 16.56 ? 43  GLY A N   1 
ATOM   327  C CA  . GLY A 1 47  ? -14.312 2.425   -8.309  1.00 16.07 ? 43  GLY A CA  1 
ATOM   328  C C   . GLY A 1 47  ? -14.120 1.756   -6.957  1.00 15.91 ? 43  GLY A C   1 
ATOM   329  O O   . GLY A 1 47  ? -13.329 2.223   -6.103  1.00 15.05 ? 43  GLY A O   1 
ATOM   330  N N   . GLY A 1 48  ? -14.734 0.584   -6.803  1.00 16.39 ? 44  GLY A N   1 
ATOM   331  C CA  . GLY A 1 48  ? -14.569 -0.205  -5.619  1.00 16.68 ? 44  GLY A CA  1 
ATOM   332  C C   . GLY A 1 48  ? -15.212 0.425   -4.387  1.00 16.81 ? 44  GLY A C   1 
ATOM   333  O O   . GLY A 1 48  ? -16.006 1.378   -4.504  1.00 16.74 ? 44  GLY A O   1 
ATOM   334  N N   . ASN A 1 49  ? -14.950 -0.191  -3.251  1.00 17.51 ? 45  ASN A N   1 
ATOM   335  C CA  . ASN A 1 49  ? -15.470 0.286   -1.959  1.00 16.70 ? 45  ASN A CA  1 
ATOM   336  C C   . ASN A 1 49  ? -14.380 0.901   -1.115  1.00 17.15 ? 45  ASN A C   1 
ATOM   337  O O   . ASN A 1 49  ? -13.231 0.440   -1.141  1.00 17.10 ? 45  ASN A O   1 
ATOM   338  C CB  . ASN A 1 49  ? -16.047 -0.889  -1.216  1.00 18.40 ? 45  ASN A CB  1 
ATOM   339  C CG  . ASN A 1 49  ? -17.218 -1.493  -1.910  1.00 19.39 ? 45  ASN A CG  1 
ATOM   340  O OD1 . ASN A 1 49  ? -18.059 -0.824  -2.484  1.00 18.99 ? 45  ASN A OD1 1 
ATOM   341  N ND2 . ASN A 1 49  ? -17.260 -2.811  -1.853  1.00 24.35 ? 45  ASN A ND2 1 
ATOM   342  N N   . LEU A 1 50  ? -14.713 1.974   -0.404  1.00 16.17 ? 46  LEU A N   1 
ATOM   343  C CA  . LEU A 1 50  ? -13.733 2.673   0.454   1.00 16.96 ? 46  LEU A CA  1 
ATOM   344  C C   . LEU A 1 50  ? -13.575 1.976   1.788   1.00 16.52 ? 46  LEU A C   1 
ATOM   345  O O   . LEU A 1 50  ? -14.587 1.777   2.516   1.00 15.91 ? 46  LEU A O   1 
ATOM   346  C CB  . LEU A 1 50  ? -14.215 4.096   0.712   1.00 16.89 ? 46  LEU A CB  1 
ATOM   347  C CG  . LEU A 1 50  ? -13.249 4.936   1.524   1.00 16.36 ? 46  LEU A CG  1 
ATOM   348  C CD1 . LEU A 1 50  ? -11.903 5.157   0.744   1.00 13.83 ? 46  LEU A CD1 1 
ATOM   349  C CD2 . LEU A 1 50  ? -13.971 6.236   1.812   1.00 20.23 ? 46  LEU A CD2 1 
ATOM   350  N N   . SER A 1 51  ? -12.336 1.630   2.130   1.00 16.17 ? 47  SER A N   1 
ATOM   351  C CA  . SER A 1 51  ? -11.997 1.061   3.455   1.00 15.46 ? 47  SER A CA  1 
ATOM   352  C C   . SER A 1 51  ? -12.031 2.157   4.528   1.00 15.59 ? 47  SER A C   1 
ATOM   353  O O   . SER A 1 51  ? -11.927 3.330   4.236   1.00 14.01 ? 47  SER A O   1 
ATOM   354  C CB  . SER A 1 51  ? -10.603 0.426   3.515   1.00 16.91 ? 47  SER A CB  1 
ATOM   355  O OG  . SER A 1 51  ? -9.578  1.425   3.469   1.00 13.83 ? 47  SER A OG  1 
ATOM   356  N N   . PRO A 1 52  ? -12.125 1.758   5.808   1.00 17.06 ? 48  PRO A N   1 
ATOM   357  C CA  . PRO A 1 52  ? -11.810 2.671   6.860   1.00 16.28 ? 48  PRO A CA  1 
ATOM   358  C C   . PRO A 1 52  ? -10.363 3.072   6.809   1.00 16.85 ? 48  PRO A C   1 
ATOM   359  O O   . PRO A 1 52  ? -9.538  2.412   6.170   1.00 15.78 ? 48  PRO A O   1 
ATOM   360  C CB  . PRO A 1 52  ? -12.077 1.877   8.155   1.00 16.45 ? 48  PRO A CB  1 
ATOM   361  C CG  . PRO A 1 52  ? -12.644 0.616   7.783   1.00 18.71 ? 48  PRO A CG  1 
ATOM   362  C CD  . PRO A 1 52  ? -12.660 0.479   6.311   1.00 18.23 ? 48  PRO A CD  1 
ATOM   363  N N   . THR A 1 53  ? -10.088 4.200   7.426   1.00 16.05 ? 49  THR A N   1 
ATOM   364  C CA  . THR A 1 53  ? -8.731  4.752   7.437   1.00 15.90 ? 49  THR A CA  1 
ATOM   365  C C   . THR A 1 53  ? -7.988  4.204   8.637   1.00 16.71 ? 49  THR A C   1 
ATOM   366  O O   . THR A 1 53  ? -8.498  4.192   9.782   1.00 16.16 ? 49  THR A O   1 
ATOM   367  C CB  . THR A 1 53  ? -8.740  6.319   7.478   1.00 14.45 ? 49  THR A CB  1 
ATOM   368  O OG1 . THR A 1 53  ? -9.332  6.907   6.306   1.00 14.06 ? 49  THR A OG1 1 
ATOM   369  C CG2 . THR A 1 53  ? -7.400  6.908   7.662   1.00 13.65 ? 49  THR A CG2 1 
ATOM   370  N N   . PHE A 1 54  ? -6.779  3.720   8.374   1.00 14.58 ? 50  PHE A N   1 
ATOM   371  C CA  . PHE A 1 54  ? -5.897  3.249   9.452   1.00 16.02 ? 50  PHE A CA  1 
ATOM   372  C C   . PHE A 1 54  ? -4.946  4.389   9.810   1.00 16.89 ? 50  PHE A C   1 
ATOM   373  O O   . PHE A 1 54  ? -4.283  4.936   8.919   1.00 18.53 ? 50  PHE A O   1 
ATOM   374  C CB  . PHE A 1 54  ? -5.174  2.000   8.957   1.00 15.97 ? 50  PHE A CB  1 
ATOM   375  C CG  . PHE A 1 54  ? -4.342  1.311   10.007  1.00 15.88 ? 50  PHE A CG  1 
ATOM   376  C CD1 . PHE A 1 54  ? -3.128  1.848   10.418  1.00 15.65 ? 50  PHE A CD1 1 
ATOM   377  C CD2 . PHE A 1 54  ? -4.792  0.145   10.593  1.00 15.64 ? 50  PHE A CD2 1 
ATOM   378  C CE1 . PHE A 1 54  ? -2.351  1.216   11.411  1.00 15.62 ? 50  PHE A CE1 1 
ATOM   379  C CE2 . PHE A 1 54  ? -4.045  -0.472  11.620  1.00 17.28 ? 50  PHE A CE2 1 
ATOM   380  C CZ  . PHE A 1 54  ? -2.795  0.093   12.001  1.00 16.13 ? 50  PHE A CZ  1 
ATOM   381  N N   . THR A 1 55  ? -4.920  4.804   11.082  1.00 17.01 ? 51  THR A N   1 
ATOM   382  C CA  . THR A 1 55  ? -4.076  5.916   11.504  1.00 16.55 ? 51  THR A CA  1 
ATOM   383  C C   . THR A 1 55  ? -3.020  5.403   12.507  1.00 17.54 ? 51  THR A C   1 
ATOM   384  O O   . THR A 1 55  ? -3.366  4.796   13.532  1.00 15.91 ? 51  THR A O   1 
ATOM   385  C CB  . THR A 1 55  ? -4.891  7.022   12.201  1.00 18.36 ? 51  THR A CB  1 
ATOM   386  O OG1 . THR A 1 55  ? -5.855  7.553   11.271  1.00 20.60 ? 51  THR A OG1 1 
ATOM   387  C CG2 . THR A 1 55  ? -3.945  8.100   12.709  1.00 17.79 ? 51  THR A CG2 1 
ATOM   388  N N   . PHE A 1 56  ? -1.759  5.630   12.188  1.00 17.72 ? 52  PHE A N   1 
ATOM   389  C CA  . PHE A 1 56  ? -0.656  5.019   12.913  1.00 17.06 ? 52  PHE A CA  1 
ATOM   390  C C   . PHE A 1 56  ? -0.535  5.737   14.237  1.00 16.70 ? 52  PHE A C   1 
ATOM   391  O O   . PHE A 1 56  ? -0.527  6.951   14.245  1.00 16.85 ? 52  PHE A O   1 
ATOM   392  C CB  . PHE A 1 56  ? 0.658   5.132   12.124  1.00 16.95 ? 52  PHE A CB  1 
ATOM   393  C CG  . PHE A 1 56  ? 0.688   4.262   10.922  1.00 16.39 ? 52  PHE A CG  1 
ATOM   394  C CD1 . PHE A 1 56  ? 0.304   4.739   9.672   1.00 17.48 ? 52  PHE A CD1 1 
ATOM   395  C CD2 . PHE A 1 56  ? 1.023   2.918   11.036  1.00 17.01 ? 52  PHE A CD2 1 
ATOM   396  C CE1 . PHE A 1 56  ? 0.276   3.913   8.568   1.00 14.30 ? 52  PHE A CE1 1 
ATOM   397  C CE2 . PHE A 1 56  ? 0.967   2.101   9.943   1.00 16.42 ? 52  PHE A CE2 1 
ATOM   398  C CZ  . PHE A 1 56  ? 0.575   2.563   8.721   1.00 19.01 ? 52  PHE A CZ  1 
ATOM   399  N N   . GLY A 1 57  ? -0.417  4.987   15.337  1.00 15.83 ? 53  GLY A N   1 
ATOM   400  C CA  . GLY A 1 57  ? -0.137  5.584   16.632  1.00 17.62 ? 53  GLY A CA  1 
ATOM   401  C C   . GLY A 1 57  ? 1.323   5.989   16.770  1.00 17.90 ? 53  GLY A C   1 
ATOM   402  O O   . GLY A 1 57  ? 2.145   5.697   15.934  1.00 16.57 ? 53  GLY A O   1 
ATOM   403  N N   . SER A 1 58  ? 1.638   6.643   17.885  1.00 19.15 ? 54  SER A N   1 
ATOM   404  C CA  . SER A 1 58  ? 3.006   7.003   18.149  1.00 19.62 ? 54  SER A CA  1 
ATOM   405  C C   . SER A 1 58  ? 3.783   5.693   18.333  1.00 19.19 ? 54  SER A C   1 
ATOM   406  O O   . SER A 1 58  ? 3.337   4.796   19.055  1.00 19.23 ? 54  SER A O   1 
ATOM   407  C CB  . SER A 1 58  ? 3.072   7.831   19.399  1.00 21.33 ? 54  SER A CB  1 
ATOM   408  O OG  . SER A 1 58  ? 4.428   8.100   19.701  1.00 25.03 ? 54  SER A OG  1 
ATOM   409  N N   . GLY A 1 59  ? 4.915   5.606   17.638  1.00 19.41 ? 55  GLY A N   1 
ATOM   410  C CA  . GLY A 1 59  ? 5.812   4.445   17.732  1.00 20.33 ? 55  GLY A CA  1 
ATOM   411  C C   . GLY A 1 59  ? 5.281   3.233   16.968  1.00 19.41 ? 55  GLY A C   1 
ATOM   412  O O   . GLY A 1 59  ? 5.826   2.125   17.114  1.00 20.26 ? 55  GLY A O   1 
ATOM   413  N N   . GLU A 1 60  ? 4.238   3.457   16.170  1.00 17.31 ? 56  GLU A N   1 
ATOM   414  C CA  . GLU A 1 60  ? 3.617   2.398   15.349  1.00 16.71 ? 56  GLU A CA  1 
ATOM   415  C C   . GLU A 1 60  ? 3.931   2.549   13.872  1.00 16.97 ? 56  GLU A C   1 
ATOM   416  O O   . GLU A 1 60  ? 3.850   3.657   13.293  1.00 18.80 ? 56  GLU A O   1 
ATOM   417  C CB  . GLU A 1 60  ? 2.087   2.354   15.531  1.00 16.71 ? 56  GLU A CB  1 
ATOM   418  C CG  . GLU A 1 60  ? 1.443   1.156   14.834  1.00 17.68 ? 56  GLU A CG  1 
ATOM   419  C CD  . GLU A 1 60  ? -0.040  1.049   15.088  1.00 20.48 ? 56  GLU A CD  1 
ATOM   420  O OE1 . GLU A 1 60  ? -0.678  2.125   15.299  1.00 19.84 ? 56  GLU A OE1 1 
ATOM   421  O OE2 . GLU A 1 60  ? -0.573  -0.089  15.039  1.00 17.77 ? 56  GLU A OE2 1 
ATOM   422  N N   . TYR A 1 61  ? 4.257   1.425   13.236  1.00 16.09 ? 57  TYR A N   1 
ATOM   423  C CA  . TYR A 1 61  ? 4.581   1.399   11.838  1.00 16.25 ? 57  TYR A CA  1 
ATOM   424  C C   . TYR A 1 61  ? 4.235   0.053   11.213  1.00 16.16 ? 57  TYR A C   1 
ATOM   425  O O   . TYR A 1 61  ? 4.055   -0.938  11.918  1.00 15.00 ? 57  TYR A O   1 
ATOM   426  C CB  . TYR A 1 61  ? 6.086   1.694   11.650  1.00 16.00 ? 57  TYR A CB  1 
ATOM   427  C CG  . TYR A 1 61  ? 7.025   0.763   12.409  1.00 15.69 ? 57  TYR A CG  1 
ATOM   428  C CD1 . TYR A 1 61  ? 7.383   -0.486  11.909  1.00 18.59 ? 57  TYR A CD1 1 
ATOM   429  C CD2 . TYR A 1 61  ? 7.603   1.163   13.632  1.00 21.89 ? 57  TYR A CD2 1 
ATOM   430  C CE1 . TYR A 1 61  ? 8.323   -1.335  12.609  1.00 16.87 ? 57  TYR A CE1 1 
ATOM   431  C CE2 . TYR A 1 61  ? 8.461   0.342   14.318  1.00 20.65 ? 57  TYR A CE2 1 
ATOM   432  C CZ  . TYR A 1 61  ? 8.829   -0.897  13.812  1.00 22.58 ? 57  TYR A CZ  1 
ATOM   433  O OH  . TYR A 1 61  ? 9.712   -1.687  14.526  1.00 22.62 ? 57  TYR A OH  1 
ATOM   434  N N   . ILE A 1 62  ? 4.167   0.029   9.876   1.00 15.72 ? 58  ILE A N   1 
ATOM   435  C CA  . ILE A 1 62  ? 3.979   -1.222  9.125   1.00 15.94 ? 58  ILE A CA  1 
ATOM   436  C C   . ILE A 1 62  ? 5.256   -2.097  9.237   1.00 15.97 ? 58  ILE A C   1 
ATOM   437  O O   . ILE A 1 62  ? 6.376   -1.670  8.802   1.00 17.19 ? 58  ILE A O   1 
ATOM   438  C CB  . ILE A 1 62  ? 3.708   -1.016  7.618   1.00 15.72 ? 58  ILE A CB  1 
ATOM   439  C CG1 . ILE A 1 62  ? 2.447   -0.154  7.359   1.00 16.56 ? 58  ILE A CG1 1 
ATOM   440  C CG2 . ILE A 1 62  ? 3.659   -2.414  6.935   1.00 16.00 ? 58  ILE A CG2 1 
ATOM   441  C CD1 . ILE A 1 62  ? 2.217   0.222   5.917   1.00 15.31 ? 58  ILE A CD1 1 
ATOM   442  N N   . SER A 1 63  ? 5.077   -3.312  9.752   1.00 16.38 ? 59  SER A N   1 
ATOM   443  C CA  . SER A 1 63  ? 6.182   -4.211  10.040  1.00 16.01 ? 59  SER A CA  1 
ATOM   444  C C   . SER A 1 63  ? 6.207   -5.482  9.201   1.00 16.47 ? 59  SER A C   1 
ATOM   445  O O   . SER A 1 63  ? 7.214   -6.215  9.194   1.00 16.32 ? 59  SER A O   1 
ATOM   446  C CB  . SER A 1 63  ? 6.189   -4.571  11.533  1.00 17.37 ? 59  SER A CB  1 
ATOM   447  O OG  . SER A 1 63  ? 4.940   -5.161  11.898  1.00 16.95 ? 59  SER A OG  1 
ATOM   448  N N   . ASN A 1 64  ? 5.063   -5.799  8.586   1.00 16.16 ? 60  ASN A N   1 
ATOM   449  C CA  . ASN A 1 64  ? 4.934   -7.020  7.775   1.00 16.93 ? 60  ASN A CA  1 
ATOM   450  C C   . ASN A 1 64  ? 3.832   -6.685  6.762   1.00 17.84 ? 60  ASN A C   1 
ATOM   451  O O   . ASN A 1 64  ? 2.809   -6.115  7.159   1.00 17.46 ? 60  ASN A O   1 
ATOM   452  C CB  . ASN A 1 64  ? 4.548   -8.165  8.652   1.00 17.43 ? 60  ASN A CB  1 
ATOM   453  C CG  . ASN A 1 64  ? 4.673   -9.473  8.004   1.00 18.56 ? 60  ASN A CG  1 
ATOM   454  O OD1 . ASN A 1 64  ? 3.911   -9.776  7.096   1.00 22.86 ? 60  ASN A OD1 1 
ATOM   455  N ND2 . ASN A 1 64  ? 5.664   -10.283 8.431   1.00 19.96 ? 60  ASN A ND2 1 
ATOM   456  N N   . MET A 1 65  ? 4.056   -6.980  5.481   1.00 17.06 ? 61  MET A N   1 
ATOM   457  C CA  . MET A 1 65  ? 3.101   -6.540  4.457   1.00 18.73 ? 61  MET A CA  1 
ATOM   458  C C   . MET A 1 65  ? 3.040   -7.604  3.362   1.00 19.32 ? 61  MET A C   1 
ATOM   459  O O   . MET A 1 65  ? 4.072   -8.171  3.035   1.00 20.19 ? 61  MET A O   1 
ATOM   460  C CB  . MET A 1 65  ? 3.526   -5.155  3.936   1.00 19.31 ? 61  MET A CB  1 
ATOM   461  C CG  . MET A 1 65  ? 2.715   -4.613  2.872   1.00 24.99 ? 61  MET A CG  1 
ATOM   462  S SD  . MET A 1 65  ? 3.232   -2.834  2.721   1.00 31.76 ? 61  MET A SD  1 
ATOM   463  C CE  . MET A 1 65  ? 1.583   -2.321  2.538   1.00 30.57 ? 61  MET A CE  1 
ATOM   464  N N   . THR A 1 66  ? 1.831   -7.950  2.937   1.00 18.93 ? 62  THR A N   1 
ATOM   465  C CA  . THR A 1 66  ? 1.619   -8.899  1.853   1.00 19.40 ? 62  THR A CA  1 
ATOM   466  C C   . THR A 1 66  ? 0.857   -8.175  0.766   1.00 18.47 ? 62  THR A C   1 
ATOM   467  O O   . THR A 1 66  ? -0.232  -7.633  1.017   1.00 19.13 ? 62  THR A O   1 
ATOM   468  C CB  . THR A 1 66  ? 0.867   -10.150 2.290   1.00 20.61 ? 62  THR A CB  1 
ATOM   469  O OG1 . THR A 1 66  ? 1.589   -10.762 3.407   1.00 21.15 ? 62  THR A OG1 1 
ATOM   470  C CG2 . THR A 1 66  ? 0.749   -11.151 1.111   1.00 21.92 ? 62  THR A CG2 1 
ATOM   471  N N   . ILE A 1 67  ? 1.448   -8.167  -0.429  1.00 17.91 ? 63  ILE A N   1 
ATOM   472  C CA  . ILE A 1 67  ? 0.872   -7.521  -1.610  1.00 17.06 ? 63  ILE A CA  1 
ATOM   473  C C   . ILE A 1 67  ? 0.732   -8.566  -2.719  1.00 16.44 ? 63  ILE A C   1 
ATOM   474  O O   . ILE A 1 67  ? 1.710   -9.272  -3.020  1.00 16.23 ? 63  ILE A O   1 
ATOM   475  C CB  . ILE A 1 67  ? 1.750   -6.386  -2.096  1.00 17.75 ? 63  ILE A CB  1 
ATOM   476  C CG1 . ILE A 1 67  ? 1.845   -5.303  -1.040  1.00 19.39 ? 63  ILE A CG1 1 
ATOM   477  C CG2 . ILE A 1 67  ? 1.196   -5.773  -3.449  1.00 15.38 ? 63  ILE A CG2 1 
ATOM   478  C CD1 . ILE A 1 67  ? 2.815   -4.250  -1.367  1.00 22.64 ? 63  ILE A CD1 1 
ATOM   479  N N   . ARG A 1 68  ? -0.491  -8.727  -3.218  1.00 15.06 ? 64  ARG A N   1 
ATOM   480  C CA  . ARG A 1 68  ? -0.747  -9.483  -4.466  1.00 16.02 ? 64  ARG A CA  1 
ATOM   481  C C   . ARG A 1 68  ? -0.753  -8.515  -5.634  1.00 15.81 ? 64  ARG A C   1 
ATOM   482  O O   . ARG A 1 68  ? -1.396  -7.453  -5.609  1.00 14.86 ? 64  ARG A O   1 
ATOM   483  C CB  . ARG A 1 68  ? -2.082  -10.224 -4.441  1.00 16.16 ? 64  ARG A CB  1 
ATOM   484  C CG  . ARG A 1 68  ? -2.295  -11.150 -3.204  1.00 18.18 ? 64  ARG A CG  1 
ATOM   485  C CD  . ARG A 1 68  ? -3.560  -11.985 -3.384  1.00 19.15 ? 64  ARG A CD  1 
ATOM   486  N NE  . ARG A 1 68  ? -3.399  -12.866 -4.540  1.00 20.02 ? 64  ARG A NE  1 
ATOM   487  C CZ  . ARG A 1 68  ? -2.766  -14.046 -4.535  1.00 20.00 ? 64  ARG A CZ  1 
ATOM   488  N NH1 . ARG A 1 68  ? -2.301  -14.545 -3.388  1.00 18.74 ? 64  ARG A NH1 1 
ATOM   489  N NH2 . ARG A 1 68  ? -2.633  -14.749 -5.677  1.00 20.34 ? 64  ARG A NH2 1 
ATOM   490  N N   . SER A 1 69  ? -0.049  -8.866  -6.696  1.00 16.21 ? 65  SER A N   1 
ATOM   491  C CA  . SER A 1 69  ? 0.099   -7.940  -7.810  1.00 16.06 ? 65  SER A CA  1 
ATOM   492  C C   . SER A 1 69  ? 0.387   -8.691  -9.108  1.00 15.90 ? 65  SER A C   1 
ATOM   493  O O   . SER A 1 69  ? 0.977   -9.784  -9.106  1.00 14.70 ? 65  SER A O   1 
ATOM   494  C CB  . SER A 1 69  ? 1.179   -6.874  -7.501  1.00 16.89 ? 65  SER A CB  1 
ATOM   495  O OG  . SER A 1 69  ? 2.498   -7.385  -7.505  1.00 16.78 ? 65  SER A OG  1 
ATOM   496  N N   . GLY A 1 70  ? 0.000   -8.067  -10.206 1.00 14.45 ? 66  GLY A N   1 
ATOM   497  C CA  . GLY A 1 70  ? 0.344   -8.539  -11.558 1.00 14.79 ? 66  GLY A CA  1 
ATOM   498  C C   . GLY A 1 70  ? 0.665   -7.268  -12.322 1.00 14.28 ? 66  GLY A C   1 
ATOM   499  O O   . GLY A 1 70  ? 1.667   -6.585  -12.034 1.00 14.32 ? 66  GLY A O   1 
ATOM   500  N N   . ASP A 1 71  ? -0.216  -6.912  -13.249 1.00 14.15 ? 67  ASP A N   1 
ATOM   501  C CA  . ASP A 1 71  ? -0.127  -5.632  -13.941 1.00 14.69 ? 67  ASP A CA  1 
ATOM   502  C C   . ASP A 1 71  ? -0.622  -4.472  -13.054 1.00 14.04 ? 67  ASP A C   1 
ATOM   503  O O   . ASP A 1 71  ? -0.277  -3.314  -13.317 1.00 14.50 ? 67  ASP A O   1 
ATOM   504  C CB  . ASP A 1 71  ? -0.911  -5.651  -15.248 1.00 15.14 ? 67  ASP A CB  1 
ATOM   505  C CG  . ASP A 1 71  ? -0.289  -6.586  -16.264 1.00 19.05 ? 67  ASP A CG  1 
ATOM   506  O OD1 . ASP A 1 71  ? 0.972   -6.662  -16.294 1.00 20.64 ? 67  ASP A OD1 1 
ATOM   507  O OD2 . ASP A 1 71  ? -1.027  -7.251  -16.989 1.00 17.91 ? 67  ASP A OD2 1 
ATOM   508  N N   . TYR A 1 72  ? -1.441  -4.789  -12.048 1.00 13.83 ? 68  TYR A N   1 
ATOM   509  C CA  . TYR A 1 72  ? -1.933  -3.843  -11.073 1.00 13.57 ? 68  TYR A CA  1 
ATOM   510  C C   . TYR A 1 72  ? -1.589  -4.368  -9.682  1.00 14.67 ? 68  TYR A C   1 
ATOM   511  O O   . TYR A 1 72  ? -1.083  -5.516  -9.511  1.00 15.55 ? 68  TYR A O   1 
ATOM   512  C CB  . TYR A 1 72  ? -3.470  -3.722  -11.160 1.00 14.34 ? 68  TYR A CB  1 
ATOM   513  C CG  . TYR A 1 72  ? -4.069  -3.362  -12.502 1.00 13.70 ? 68  TYR A CG  1 
ATOM   514  C CD1 . TYR A 1 72  ? -3.471  -2.457  -13.353 1.00 12.14 ? 68  TYR A CD1 1 
ATOM   515  C CD2 . TYR A 1 72  ? -5.230  -3.995  -12.941 1.00 13.29 ? 68  TYR A CD2 1 
ATOM   516  C CE1 . TYR A 1 72  ? -4.068  -2.100  -14.558 1.00 14.08 ? 68  TYR A CE1 1 
ATOM   517  C CE2 . TYR A 1 72  ? -5.803  -3.687  -14.143 1.00 17.32 ? 68  TYR A CE2 1 
ATOM   518  C CZ  . TYR A 1 72  ? -5.209  -2.747  -14.967 1.00 18.26 ? 68  TYR A CZ  1 
ATOM   519  O OH  . TYR A 1 72  ? -5.840  -2.462  -16.161 1.00 18.79 ? 68  TYR A OH  1 
ATOM   520  N N   . ILE A 1 73  ? -1.939  -3.576  -8.681  1.00 14.45 ? 69  ILE A N   1 
ATOM   521  C CA  . ILE A 1 73  ? -1.984  -4.098  -7.304  1.00 14.42 ? 69  ILE A CA  1 
ATOM   522  C C   . ILE A 1 73  ? -3.359  -4.743  -7.091  1.00 15.39 ? 69  ILE A C   1 
ATOM   523  O O   . ILE A 1 73  ? -4.401  -4.091  -7.281  1.00 15.69 ? 69  ILE A O   1 
ATOM   524  C CB  . ILE A 1 73  ? -1.806  -3.001  -6.295  1.00 14.36 ? 69  ILE A CB  1 
ATOM   525  C CG1 . ILE A 1 73  ? -0.493  -2.293  -6.498  1.00 16.23 ? 69  ILE A CG1 1 
ATOM   526  C CG2 . ILE A 1 73  ? -1.960  -3.592  -4.865  1.00 13.76 ? 69  ILE A CG2 1 
ATOM   527  C CD1 . ILE A 1 73  ? 0.802   -3.155  -6.544  1.00 14.32 ? 69  ILE A CD1 1 
ATOM   528  N N   . ASP A 1 74  ? -3.351  -6.046  -6.833  1.00 15.85 ? 70  ASP A N   1 
ATOM   529  C CA  . ASP A 1 74  ? -4.586  -6.794  -6.639  1.00 15.56 ? 70  ASP A CA  1 
ATOM   530  C C   . ASP A 1 74  ? -5.095  -6.784  -5.201  1.00 15.83 ? 70  ASP A C   1 
ATOM   531  O O   . ASP A 1 74  ? -6.289  -6.879  -5.007  1.00 14.47 ? 70  ASP A O   1 
ATOM   532  C CB  . ASP A 1 74  ? -4.405  -8.280  -7.006  1.00 15.50 ? 70  ASP A CB  1 
ATOM   533  C CG  . ASP A 1 74  ? -4.105  -8.509  -8.485  1.00 15.98 ? 70  ASP A CG  1 
ATOM   534  O OD1 . ASP A 1 74  ? -2.914  -8.349  -8.907  1.00 16.45 ? 70  ASP A OD1 1 
ATOM   535  O OD2 . ASP A 1 74  ? -5.084  -8.816  -9.229  1.00 19.69 ? 70  ASP A OD2 1 
ATOM   536  N N   . ASN A 1 75  ? -4.180  -6.827  -4.214  1.00 15.54 ? 71  ASN A N   1 
ATOM   537  C CA  . ASN A 1 75  ? -4.559  -6.994  -2.815  1.00 15.92 ? 71  ASN A CA  1 
ATOM   538  C C   . ASN A 1 75  ? -3.457  -6.403  -1.955  1.00 15.65 ? 71  ASN A C   1 
ATOM   539  O O   . ASN A 1 75  ? -2.285  -6.458  -2.324  1.00 16.31 ? 71  ASN A O   1 
ATOM   540  C CB  . ASN A 1 75  ? -4.794  -8.495  -2.505  1.00 15.19 ? 71  ASN A CB  1 
ATOM   541  C CG  . ASN A 1 75  ? -5.584  -8.725  -1.253  1.00 15.82 ? 71  ASN A CG  1 
ATOM   542  O OD1 . ASN A 1 75  ? -5.099  -8.434  -0.150  1.00 18.70 ? 71  ASN A OD1 1 
ATOM   543  N ND2 . ASN A 1 75  ? -6.824  -9.238  -1.409  1.00 16.32 ? 71  ASN A ND2 1 
ATOM   544  N N   . ILE A 1 76  ? -3.828  -5.780  -0.841  1.00 16.25 ? 72  ILE A N   1 
ATOM   545  C CA  . ILE A 1 76  ? -2.875  -5.304  0.174   1.00 16.35 ? 72  ILE A CA  1 
ATOM   546  C C   . ILE A 1 76  ? -3.368  -5.737  1.546   1.00 16.03 ? 72  ILE A C   1 
ATOM   547  O O   . ILE A 1 76  ? -4.587  -5.679  1.853   1.00 15.31 ? 72  ILE A O   1 
ATOM   548  C CB  A ILE A 1 76  ? -2.838  -3.728  0.197   0.50 15.72 ? 72  ILE A CB  1 
ATOM   549  C CB  B ILE A 1 76  ? -2.662  -3.788  0.098   0.50 16.49 ? 72  ILE A CB  1 
ATOM   550  C CG1 A ILE A 1 76  ? -2.220  -3.148  -1.102  0.50 12.91 ? 72  ILE A CG1 1 
ATOM   551  C CG1 B ILE A 1 76  ? -1.393  -3.390  0.847   0.50 17.28 ? 72  ILE A CG1 1 
ATOM   552  C CG2 A ILE A 1 76  ? -2.169  -3.185  1.475   0.50 16.04 ? 72  ILE A CG2 1 
ATOM   553  C CG2 B ILE A 1 76  ? -3.897  -3.025  0.587   0.50 14.39 ? 72  ILE A CG2 1 
ATOM   554  C CD1 A ILE A 1 76  ? -2.293  -1.648  -1.213  0.50 12.48 ? 72  ILE A CD1 1 
ATOM   555  C CD1 B ILE A 1 76  ? -0.912  -2.027  0.474   0.50 20.71 ? 72  ILE A CD1 1 
ATOM   556  N N   . SER A 1 77  ? -2.424  -6.198  2.360   1.00 16.68 ? 73  SER A N   1 
ATOM   557  C CA  . SER A 1 77  ? -2.689  -6.444  3.750   1.00 17.02 ? 73  SER A CA  1 
ATOM   558  C C   . SER A 1 77  ? -1.399  -6.077  4.502   1.00 16.34 ? 73  SER A C   1 
ATOM   559  O O   . SER A 1 77  ? -0.307  -6.236  3.979   1.00 16.59 ? 73  SER A O   1 
ATOM   560  C CB  A SER A 1 77  ? -3.166  -7.851  4.015   0.50 17.27 ? 73  SER A CB  1 
ATOM   561  C CB  B SER A 1 77  ? -2.993  -7.921  3.942   0.50 17.39 ? 73  SER A CB  1 
ATOM   562  O OG  A SER A 1 77  ? -2.100  -8.722  4.239   0.50 17.88 ? 73  SER A OG  1 
ATOM   563  O OG  B SER A 1 77  ? -3.232  -8.278  5.285   0.50 19.57 ? 73  SER A OG  1 
ATOM   564  N N   . PHE A 1 78  ? -1.550  -5.628  5.730   1.00 16.54 ? 74  PHE A N   1 
ATOM   565  C CA  . PHE A 1 78  ? -0.384  -5.406  6.552   1.00 15.61 ? 74  PHE A CA  1 
ATOM   566  C C   . PHE A 1 78  ? -0.625  -5.601  8.028   1.00 16.25 ? 74  PHE A C   1 
ATOM   567  O O   . PHE A 1 78  ? -1.743  -5.642  8.456   1.00 15.43 ? 74  PHE A O   1 
ATOM   568  C CB  . PHE A 1 78  ? 0.305   -4.054  6.257   1.00 15.56 ? 74  PHE A CB  1 
ATOM   569  C CG  . PHE A 1 78  ? -0.427  -2.811  6.674   1.00 14.23 ? 74  PHE A CG  1 
ATOM   570  C CD1 . PHE A 1 78  ? -0.548  -2.457  8.003   1.00 15.28 ? 74  PHE A CD1 1 
ATOM   571  C CD2 . PHE A 1 78  ? -0.950  -1.955  5.725   1.00 16.73 ? 74  PHE A CD2 1 
ATOM   572  C CE1 . PHE A 1 78  ? -1.208  -1.300  8.364   1.00 13.54 ? 74  PHE A CE1 1 
ATOM   573  C CE2 . PHE A 1 78  ? -1.577  -0.799  6.072   1.00 17.29 ? 74  PHE A CE2 1 
ATOM   574  C CZ  . PHE A 1 78  ? -1.720  -0.480  7.400   1.00 16.70 ? 74  PHE A CZ  1 
ATOM   575  N N   . GLU A 1 79  ? 0.469   -5.715  8.778   1.00 16.16 ? 75  GLU A N   1 
ATOM   576  C CA  . GLU A 1 79  ? 0.433   -5.746  10.221  1.00 17.32 ? 75  GLU A CA  1 
ATOM   577  C C   . GLU A 1 79  ? 1.385   -4.674  10.735  1.00 16.39 ? 75  GLU A C   1 
ATOM   578  O O   . GLU A 1 79  ? 2.357   -4.338  10.067  1.00 17.64 ? 75  GLU A O   1 
ATOM   579  C CB  . GLU A 1 79  ? 0.891   -7.123  10.788  1.00 19.95 ? 75  GLU A CB  1 
ATOM   580  C CG  . GLU A 1 79  ? 0.730   -8.334  9.926   1.00 28.91 ? 75  GLU A CG  1 
ATOM   581  C CD  . GLU A 1 79  ? -0.501  -9.131  10.247  1.00 37.70 ? 75  GLU A CD  1 
ATOM   582  O OE1 . GLU A 1 79  ? -1.390  -9.284  9.354   1.00 46.03 ? 75  GLU A OE1 1 
ATOM   583  O OE2 . GLU A 1 79  ? -0.565  -9.614  11.389  1.00 41.87 ? 75  GLU A OE2 1 
ATOM   584  N N   . THR A 1 80  ? 1.124   -4.171  11.922  1.00 14.90 ? 76  THR A N   1 
ATOM   585  C CA  . THR A 1 80  ? 2.050   -3.241  12.537  1.00 15.00 ? 76  THR A CA  1 
ATOM   586  C C   . THR A 1 80  ? 2.835   -3.921  13.674  1.00 15.16 ? 76  THR A C   1 
ATOM   587  O O   . THR A 1 80  ? 2.528   -5.030  14.116  1.00 14.91 ? 76  THR A O   1 
ATOM   588  C CB  . THR A 1 80  ? 1.327   -1.993  13.100  1.00 13.72 ? 76  THR A CB  1 
ATOM   589  O OG1 . THR A 1 80  ? 0.548   -2.333  14.262  1.00 15.11 ? 76  THR A OG1 1 
ATOM   590  C CG2 . THR A 1 80  ? 0.432   -1.318  11.994  1.00 14.76 ? 76  THR A CG2 1 
ATOM   591  N N   . ASN A 1 81  ? 3.819   -3.186  14.188  1.00 14.88 ? 77  ASN A N   1 
ATOM   592  C CA  . ASN A 1 81  ? 4.615   -3.624  15.316  1.00 16.26 ? 77  ASN A CA  1 
ATOM   593  C C   . ASN A 1 81  ? 3.802   -3.664  16.611  1.00 17.71 ? 77  ASN A C   1 
ATOM   594  O O   . ASN A 1 81  ? 4.251   -4.254  17.609  1.00 20.22 ? 77  ASN A O   1 
ATOM   595  C CB  . ASN A 1 81  ? 5.844   -2.764  15.509  1.00 15.14 ? 77  ASN A CB  1 
ATOM   596  C CG  . ASN A 1 81  ? 5.510   -1.312  15.780  1.00 16.48 ? 77  ASN A CG  1 
ATOM   597  O OD1 . ASN A 1 81  ? 4.691   -0.717  15.050  1.00 15.90 ? 77  ASN A OD1 1 
ATOM   598  N ND2 . ASN A 1 81  ? 6.168   -0.699  16.805  1.00 15.81 ? 77  ASN A ND2 1 
ATOM   599  N N   . MET A 1 82  ? 2.633   -3.030  16.578  1.00 17.24 ? 78  MET A N   1 
ATOM   600  C CA  . MET A 1 82  ? 1.684   -3.040  17.711  1.00 18.72 ? 78  MET A CA  1 
ATOM   601  C C   . MET A 1 82  ? 0.593   -4.110  17.530  1.00 17.74 ? 78  MET A C   1 
ATOM   602  O O   . MET A 1 82  ? -0.408  -4.136  18.258  1.00 18.58 ? 78  MET A O   1 
ATOM   603  C CB  . MET A 1 82  ? 1.125   -1.636  17.943  1.00 19.28 ? 78  MET A CB  1 
ATOM   604  C CG  . MET A 1 82  ? 2.267   -0.692  18.356  1.00 23.70 ? 78  MET A CG  1 
ATOM   605  S SD  . MET A 1 82  ? 1.770   0.860   18.949  1.00 31.92 ? 78  MET A SD  1 
ATOM   606  C CE  . MET A 1 82  ? 3.345   1.487   19.572  1.00 30.45 ? 78  MET A CE  1 
ATOM   607  N N   . GLY A 1 83  ? 0.772   -4.977  16.545  1.00 18.31 ? 79  GLY A N   1 
ATOM   608  C CA  . GLY A 1 83  ? -0.082  -6.153  16.369  1.00 19.20 ? 79  GLY A CA  1 
ATOM   609  C C   . GLY A 1 83  ? -1.410  -5.871  15.640  1.00 18.59 ? 79  GLY A C   1 
ATOM   610  O O   . GLY A 1 83  ? -2.294  -6.764  15.522  1.00 22.65 ? 79  GLY A O   1 
ATOM   611  N N   . ARG A 1 84  ? -1.557  -4.662  15.138  1.00 17.54 ? 80  ARG A N   1 
ATOM   612  C CA  . ARG A 1 84  ? -2.785  -4.278  14.419  1.00 18.19 ? 80  ARG A CA  1 
ATOM   613  C C   . ARG A 1 84  ? -2.680  -4.665  12.961  1.00 19.39 ? 80  ARG A C   1 
ATOM   614  O O   . ARG A 1 84  ? -1.602  -4.753  12.433  1.00 19.36 ? 80  ARG A O   1 
ATOM   615  C CB  . ARG A 1 84  ? -3.088  -2.780  14.570  1.00 18.63 ? 80  ARG A CB  1 
ATOM   616  C CG  . ARG A 1 84  ? -3.174  -2.304  16.000  1.00 18.65 ? 80  ARG A CG  1 
ATOM   617  C CD  . ARG A 1 84  ? -4.059  -1.091  16.134  1.00 20.10 ? 80  ARG A CD  1 
ATOM   618  N NE  . ARG A 1 84  ? -3.435  0.079   15.552  1.00 18.07 ? 80  ARG A NE  1 
ATOM   619  C CZ  . ARG A 1 84  ? -4.083  1.125   15.062  1.00 21.78 ? 80  ARG A CZ  1 
ATOM   620  N NH1 . ARG A 1 84  ? -5.416  1.164   14.995  1.00 22.86 ? 80  ARG A NH1 1 
ATOM   621  N NH2 . ARG A 1 84  ? -3.397  2.129   14.601  1.00 19.95 ? 80  ARG A NH2 1 
ATOM   622  N N   . ARG A 1 85  ? -3.831  -4.963  12.352  1.00 18.96 ? 81  ARG A N   1 
ATOM   623  C CA  . ARG A 1 85  ? -3.930  -5.515  11.012  1.00 20.10 ? 81  ARG A CA  1 
ATOM   624  C C   . ARG A 1 85  ? -4.737  -4.562  10.154  1.00 19.79 ? 81  ARG A C   1 
ATOM   625  O O   . ARG A 1 85  ? -5.688  -3.908  10.642  1.00 21.01 ? 81  ARG A O   1 
ATOM   626  C CB  . ARG A 1 85  ? -4.667  -6.866  11.019  1.00 21.50 ? 81  ARG A CB  1 
ATOM   627  C CG  . ARG A 1 85  ? -3.873  -8.078  11.471  1.00 28.74 ? 81  ARG A CG  1 
ATOM   628  C CD  . ARG A 1 85  ? -4.714  -9.374  11.288  1.00 36.61 ? 81  ARG A CD  1 
ATOM   629  N NE  . ARG A 1 85  ? -4.046  -10.380 10.438  1.00 42.87 ? 81  ARG A NE  1 
ATOM   630  C CZ  . ARG A 1 85  ? -4.297  -11.701 10.471  1.00 44.84 ? 81  ARG A CZ  1 
ATOM   631  N NH1 . ARG A 1 85  ? -5.191  -12.215 11.293  1.00 47.79 ? 81  ARG A NH1 1 
ATOM   632  N NH2 . ARG A 1 85  ? -3.636  -12.521 9.678   1.00 48.08 ? 81  ARG A NH2 1 
ATOM   633  N N   . PHE A 1 86  ? -4.391  -4.487  8.889   1.00 16.64 ? 82  PHE A N   1 
ATOM   634  C CA  . PHE A 1 86  ? -5.127  -3.694  7.889   1.00 15.74 ? 82  PHE A CA  1 
ATOM   635  C C   . PHE A 1 86  ? -5.379  -4.656  6.723   1.00 16.88 ? 82  PHE A C   1 
ATOM   636  O O   . PHE A 1 86  ? -4.428  -5.276  6.238   1.00 15.73 ? 82  PHE A O   1 
ATOM   637  C CB  . PHE A 1 86  ? -4.260  -2.520  7.416   1.00 15.30 ? 82  PHE A CB  1 
ATOM   638  C CG  . PHE A 1 86  ? -4.898  -1.669  6.344   1.00 16.47 ? 82  PHE A CG  1 
ATOM   639  C CD1 . PHE A 1 86  ? -5.792  -0.670  6.685   1.00 18.78 ? 82  PHE A CD1 1 
ATOM   640  C CD2 . PHE A 1 86  ? -4.607  -1.870  4.975   1.00 17.74 ? 82  PHE A CD2 1 
ATOM   641  C CE1 . PHE A 1 86  ? -6.374  0.145   5.690   1.00 18.79 ? 82  PHE A CE1 1 
ATOM   642  C CE2 . PHE A 1 86  ? -5.213  -1.063  4.005   1.00 17.01 ? 82  PHE A CE2 1 
ATOM   643  C CZ  . PHE A 1 86  ? -6.063  -0.086  4.355   1.00 19.14 ? 82  PHE A CZ  1 
ATOM   644  N N   . GLY A 1 87  ? -6.623  -4.800  6.285   1.00 16.61 ? 83  GLY A N   1 
ATOM   645  C CA  . GLY A 1 87  ? -6.944  -5.698  5.209   1.00 16.68 ? 83  GLY A CA  1 
ATOM   646  C C   . GLY A 1 87  ? -6.995  -7.154  5.689   1.00 17.40 ? 83  GLY A C   1 
ATOM   647  O O   . GLY A 1 87  ? -7.005  -7.433  6.887   1.00 18.23 ? 83  GLY A O   1 
ATOM   648  N N   . PRO A 1 88  ? -6.995  -8.105  4.741   1.00 17.70 ? 84  PRO A N   1 
ATOM   649  C CA  . PRO A 1 88  ? -6.758  -7.858  3.318   1.00 17.08 ? 84  PRO A CA  1 
ATOM   650  C C   . PRO A 1 88  ? -7.882  -7.108  2.624   1.00 16.94 ? 84  PRO A C   1 
ATOM   651  O O   . PRO A 1 88  ? -9.057  -7.235  2.998   1.00 18.87 ? 84  PRO A O   1 
ATOM   652  C CB  . PRO A 1 88  ? -6.629  -9.266  2.737   1.00 17.43 ? 84  PRO A CB  1 
ATOM   653  C CG  . PRO A 1 88  ? -6.229  -10.051 3.851   1.00 20.69 ? 84  PRO A CG  1 
ATOM   654  C CD  . PRO A 1 88  ? -7.072  -9.554  4.995   1.00 19.02 ? 84  PRO A CD  1 
ATOM   655  N N   . TYR A 1 89  ? -7.506  -6.311  1.621   1.00 16.19 ? 85  TYR A N   1 
ATOM   656  C CA  . TYR A 1 89  ? -8.456  -5.666  0.752   1.00 16.00 ? 85  TYR A CA  1 
ATOM   657  C C   . TYR A 1 89  ? -8.021  -5.946  -0.676  1.00 15.38 ? 85  TYR A C   1 
ATOM   658  O O   . TYR A 1 89  ? -6.838  -5.877  -0.975  1.00 14.83 ? 85  TYR A O   1 
ATOM   659  C CB  . TYR A 1 89  ? -8.367  -4.135  0.932   1.00 15.65 ? 85  TYR A CB  1 
ATOM   660  C CG  . TYR A 1 89  ? -8.891  -3.658  2.276   1.00 16.33 ? 85  TYR A CG  1 
ATOM   661  C CD1 . TYR A 1 89  ? -10.230 -3.774  2.596   1.00 18.49 ? 85  TYR A CD1 1 
ATOM   662  C CD2 . TYR A 1 89  ? -8.010  -3.157  3.238   1.00 16.07 ? 85  TYR A CD2 1 
ATOM   663  C CE1 . TYR A 1 89  ? -10.698 -3.371  3.816   1.00 18.09 ? 85  TYR A CE1 1 
ATOM   664  C CE2 . TYR A 1 89  ? -8.452  -2.740  4.468   1.00 17.75 ? 85  TYR A CE2 1 
ATOM   665  C CZ  . TYR A 1 89  ? -9.795  -2.848  4.768   1.00 15.47 ? 85  TYR A CZ  1 
ATOM   666  O OH  . TYR A 1 89  ? -10.241 -2.444  6.044   1.00 18.64 ? 85  TYR A OH  1 
ATOM   667  N N   . GLY A 1 90  ? -9.008  -6.190  -1.541  1.00 15.56 ? 86  GLY A N   1 
ATOM   668  C CA  . GLY A 1 90  ? -8.782  -6.541  -2.926  1.00 15.22 ? 86  GLY A CA  1 
ATOM   669  C C   . GLY A 1 90  ? -9.243  -7.930  -3.289  1.00 16.01 ? 86  GLY A C   1 
ATOM   670  O O   . GLY A 1 90  ? -10.023 -8.578  -2.545  1.00 15.58 ? 86  GLY A O   1 
ATOM   671  N N   . GLY A 1 91  ? -8.757  -8.389  -4.429  1.00 16.61 ? 87  GLY A N   1 
ATOM   672  C CA  . GLY A 1 91  ? -9.095  -9.665  -4.961  1.00 17.91 ? 87  GLY A CA  1 
ATOM   673  C C   . GLY A 1 91  ? -7.997  -10.692 -4.805  1.00 18.53 ? 87  GLY A C   1 
ATOM   674  O O   . GLY A 1 91  ? -7.038  -10.533 -4.050  1.00 16.48 ? 87  GLY A O   1 
ATOM   675  N N   . SER A 1 92  ? -8.177  -11.788 -5.554  1.00 18.44 ? 88  SER A N   1 
ATOM   676  C CA  . SER A 1 92  ? -7.396  -12.991 -5.382  1.00 19.20 ? 88  SER A CA  1 
ATOM   677  C C   . SER A 1 92  ? -6.435  -13.222 -6.547  1.00 18.88 ? 88  SER A C   1 
ATOM   678  O O   . SER A 1 92  ? -5.713  -14.208 -6.531  1.00 18.33 ? 88  SER A O   1 
ATOM   679  C CB  . SER A 1 92  ? -8.344  -14.187 -5.274  1.00 20.29 ? 88  SER A CB  1 
ATOM   680  O OG  . SER A 1 92  ? -9.148  -14.290 -6.421  1.00 21.10 ? 88  SER A OG  1 
ATOM   681  N N   . GLY A 1 93  ? -6.371  -12.268 -7.493  1.00 17.35 ? 89  GLY A N   1 
ATOM   682  C CA  . GLY A 1 93  ? -5.475  -12.371 -8.649  1.00 16.98 ? 89  GLY A CA  1 
ATOM   683  C C   . GLY A 1 93  ? -4.027  -12.033 -8.376  1.00 17.19 ? 89  GLY A C   1 
ATOM   684  O O   . GLY A 1 93  ? -3.627  -11.741 -7.236  1.00 18.35 ? 89  GLY A O   1 
ATOM   685  N N   . GLY A 1 94  ? -3.207  -12.034 -9.426  1.00 17.49 ? 90  GLY A N   1 
ATOM   686  C CA  . GLY A 1 94  ? -1.819  -11.723 -9.214  1.00 17.76 ? 90  GLY A CA  1 
ATOM   687  C C   . GLY A 1 94  ? -1.082  -12.818 -8.477  1.00 18.13 ? 90  GLY A C   1 
ATOM   688  O O   . GLY A 1 94  ? -1.562  -14.005 -8.395  1.00 19.35 ? 90  GLY A O   1 
ATOM   689  N N   . SER A 1 95  ? 0.100   -12.446 -8.004  1.00 17.88 ? 91  SER A N   1 
ATOM   690  C CA  . SER A 1 95  ? 0.955   -13.295 -7.189  1.00 18.80 ? 91  SER A CA  1 
ATOM   691  C C   . SER A 1 95  ? 1.295   -12.563 -5.921  1.00 18.58 ? 91  SER A C   1 
ATOM   692  O O   . SER A 1 95  ? 1.432   -11.342 -5.925  1.00 18.35 ? 91  SER A O   1 
ATOM   693  C CB  . SER A 1 95  ? 2.279   -13.558 -7.927  1.00 19.26 ? 91  SER A CB  1 
ATOM   694  O OG  . SER A 1 95  ? 2.015   -14.211 -9.182  1.00 23.75 ? 91  SER A OG  1 
ATOM   695  N N   . ALA A 1 96  ? 1.505   -13.321 -4.853  1.00 18.18 ? 92  ALA A N   1 
ATOM   696  C CA  . ALA A 1 96  ? 1.765   -12.747 -3.548  1.00 17.19 ? 92  ALA A CA  1 
ATOM   697  C C   . ALA A 1 96  ? 3.257   -12.579 -3.310  1.00 17.77 ? 92  ALA A C   1 
ATOM   698  O O   . ALA A 1 96  ? 4.087   -13.432 -3.710  1.00 17.38 ? 92  ALA A O   1 
ATOM   699  C CB  . ALA A 1 96  ? 1.135   -13.578 -2.426  1.00 17.17 ? 92  ALA A CB  1 
ATOM   700  N N   . ASN A 1 97  ? 3.598   -11.459 -2.663  1.00 18.47 ? 93  ASN A N   1 
ATOM   701  C CA  . ASN A 1 97  ? 4.942   -11.162 -2.198  1.00 18.75 ? 93  ASN A CA  1 
ATOM   702  C C   . ASN A 1 97  ? 4.824   -10.488 -0.835  1.00 19.91 ? 93  ASN A C   1 
ATOM   703  O O   . ASN A 1 97  ? 3.856   -9.758  -0.582  1.00 20.78 ? 93  ASN A O   1 
ATOM   704  C CB  . ASN A 1 97  ? 5.655   -10.278 -3.240  1.00 19.01 ? 93  ASN A CB  1 
ATOM   705  C CG  . ASN A 1 97  ? 5.918   -11.038 -4.525  1.00 20.25 ? 93  ASN A CG  1 
ATOM   706  O OD1 . ASN A 1 97  ? 5.310   -10.790 -5.583  1.00 22.68 ? 93  ASN A OD1 1 
ATOM   707  N ND2 . ASN A 1 97  ? 6.823   -12.016 -4.425  1.00 22.05 ? 93  ASN A ND2 1 
ATOM   708  N N   . THR A 1 98  ? 5.747   -10.792 0.063   1.00 20.59 ? 94  THR A N   1 
ATOM   709  C CA  . THR A 1 98  ? 5.642   -10.359 1.459   1.00 20.83 ? 94  THR A CA  1 
ATOM   710  C C   . THR A 1 98  ? 6.899   -9.647  1.874   1.00 21.02 ? 94  THR A C   1 
ATOM   711  O O   . THR A 1 98  ? 8.001   -10.125 1.582   1.00 23.87 ? 94  THR A O   1 
ATOM   712  C CB  . THR A 1 98  ? 5.398   -11.544 2.449   1.00 22.01 ? 94  THR A CB  1 
ATOM   713  O OG1 . THR A 1 98  ? 4.084   -12.079 2.228   1.00 24.18 ? 94  THR A OG1 1 
ATOM   714  C CG2 . THR A 1 98  ? 5.498   -11.092 3.989   1.00 24.04 ? 94  THR A CG2 1 
ATOM   715  N N   . LEU A 1 99  ? 6.741   -8.523  2.560   1.00 17.52 ? 95  LEU A N   1 
ATOM   716  C CA  . LEU A 1 99  ? 7.825   -7.883  3.263   1.00 17.80 ? 95  LEU A CA  1 
ATOM   717  C C   . LEU A 1 99  ? 7.699   -8.365  4.697   1.00 18.24 ? 95  LEU A C   1 
ATOM   718  O O   . LEU A 1 99  ? 6.676   -8.202  5.332   1.00 18.69 ? 95  LEU A O   1 
ATOM   719  C CB  . LEU A 1 99  ? 7.736   -6.379  3.210   1.00 17.56 ? 95  LEU A CB  1 
ATOM   720  C CG  . LEU A 1 99  ? 7.798   -5.753  1.811   1.00 18.99 ? 95  LEU A CG  1 
ATOM   721  C CD1 . LEU A 1 99  ? 7.514   -4.252  1.900   1.00 18.04 ? 95  LEU A CD1 1 
ATOM   722  C CD2 . LEU A 1 99  ? 9.129   -6.123  1.133   1.00 16.17 ? 95  LEU A CD2 1 
ATOM   723  N N   . SER A 1 100 ? 8.789   -8.910  5.204   1.00 18.13 ? 96  SER A N   1 
ATOM   724  C CA  . SER A 1 100 ? 8.793   -9.462  6.534   1.00 18.44 ? 96  SER A CA  1 
ATOM   725  C C   . SER A 1 100 ? 9.883   -8.825  7.392   1.00 18.61 ? 96  SER A C   1 
ATOM   726  O O   . SER A 1 100 ? 11.011  -8.645  6.937   1.00 19.71 ? 96  SER A O   1 
ATOM   727  C CB  . SER A 1 100 ? 9.013   -10.968 6.448   1.00 18.74 ? 96  SER A CB  1 
ATOM   728  O OG  . SER A 1 100 ? 9.033   -11.543 7.760   1.00 20.73 ? 96  SER A OG  1 
ATOM   729  N N   . ASN A 1 101 ? 9.528   -8.522  8.638   1.00 18.72 ? 97  ASN A N   1 
ATOM   730  C CA  . ASN A 1 101 ? 10.401  -7.817  9.581   1.00 18.24 ? 97  ASN A CA  1 
ATOM   731  C C   . ASN A 1 101 ? 10.976  -6.526  8.986   1.00 18.64 ? 97  ASN A C   1 
ATOM   732  O O   . ASN A 1 101 ? 12.192  -6.394  8.804   1.00 20.06 ? 97  ASN A O   1 
ATOM   733  C CB  . ASN A 1 101 ? 11.527  -8.725  10.076  1.00 18.45 ? 97  ASN A CB  1 
ATOM   734  C CG  . ASN A 1 101 ? 12.211  -8.180  11.306  1.00 16.44 ? 97  ASN A CG  1 
ATOM   735  O OD1 . ASN A 1 101 ? 11.816  -7.133  11.872  1.00 19.75 ? 97  ASN A OD1 1 
ATOM   736  N ND2 . ASN A 1 101 ? 13.284  -8.877  11.728  1.00 20.32 ? 97  ASN A ND2 1 
ATOM   737  N N   . VAL A 1 102 ? 10.081  -5.594  8.685   1.00 17.60 ? 98  VAL A N   1 
ATOM   738  C CA  . VAL A 1 102 ? 10.454  -4.293  8.115   1.00 16.87 ? 98  VAL A CA  1 
ATOM   739  C C   . VAL A 1 102 ? 9.942   -3.156  8.976   1.00 17.26 ? 98  VAL A C   1 
ATOM   740  O O   . VAL A 1 102 ? 9.237   -3.381  9.988   1.00 17.23 ? 98  VAL A O   1 
ATOM   741  C CB  . VAL A 1 102 ? 9.921   -4.128  6.646   1.00 17.33 ? 98  VAL A CB  1 
ATOM   742  C CG1 . VAL A 1 102 ? 10.515  -5.239  5.753   1.00 16.65 ? 98  VAL A CG1 1 
ATOM   743  C CG2 . VAL A 1 102 ? 8.381   -4.086  6.646   1.00 15.12 ? 98  VAL A CG2 1 
ATOM   744  N N   . LYS A 1 103 ? 10.227  -1.940  8.498   1.00 16.48 ? 99  LYS A N   1 
ATOM   745  C CA  . LYS A 1 103 ? 9.624   -0.722  8.999   1.00 17.26 ? 99  LYS A CA  1 
ATOM   746  C C   . LYS A 1 103 ? 9.368   0.112   7.729   1.00 17.77 ? 99  LYS A C   1 
ATOM   747  O O   . LYS A 1 103 ? 10.286  0.631   7.144   1.00 17.34 ? 99  LYS A O   1 
ATOM   748  C CB  . LYS A 1 103 ? 10.515  0.017   9.959   1.00 17.75 ? 99  LYS A CB  1 
ATOM   749  C CG  . LYS A 1 103 ? 10.017  1.396   10.267  1.00 19.13 ? 99  LYS A CG  1 
ATOM   750  C CD  . LYS A 1 103 ? 10.826  2.148   11.306  1.00 21.44 ? 99  LYS A CD  1 
ATOM   751  C CE  . LYS A 1 103 ? 10.142  3.425   11.638  1.00 21.72 ? 99  LYS A CE  1 
ATOM   752  N NZ  . LYS A 1 103 ? 10.795  4.121   12.794  1.00 24.44 ? 99  LYS A NZ  1 
ATOM   753  N N   . VAL A 1 104 ? 8.119   0.227   7.295   1.00 16.31 ? 100 VAL A N   1 
ATOM   754  C CA  . VAL A 1 104 ? 7.839   1.020   6.118   1.00 16.19 ? 100 VAL A CA  1 
ATOM   755  C C   . VAL A 1 104 ? 7.897   2.516   6.451   1.00 16.79 ? 100 VAL A C   1 
ATOM   756  O O   . VAL A 1 104 ? 7.252   3.007   7.404   1.00 17.08 ? 100 VAL A O   1 
ATOM   757  C CB  . VAL A 1 104 ? 6.421   0.693   5.597   1.00 15.51 ? 100 VAL A CB  1 
ATOM   758  C CG1 . VAL A 1 104 ? 6.037   1.617   4.433   1.00 17.35 ? 100 VAL A CG1 1 
ATOM   759  C CG2 . VAL A 1 104 ? 6.309   -0.806  5.237   1.00 15.98 ? 100 VAL A CG2 1 
ATOM   760  N N   . ILE A 1 105 ? 8.680   3.245   5.678   1.00 16.78 ? 101 ILE A N   1 
ATOM   761  C CA  . ILE A 1 105 ? 8.784   4.678   5.951   1.00 18.30 ? 101 ILE A CA  1 
ATOM   762  C C   . ILE A 1 105 ? 8.052   5.539   4.912   1.00 16.78 ? 101 ILE A C   1 
ATOM   763  O O   . ILE A 1 105 ? 7.671   6.654   5.225   1.00 18.26 ? 101 ILE A O   1 
ATOM   764  C CB  . ILE A 1 105 ? 10.237  5.151   6.199   1.00 20.88 ? 101 ILE A CB  1 
ATOM   765  C CG1 . ILE A 1 105 ? 11.044  5.257   4.923   1.00 21.28 ? 101 ILE A CG1 1 
ATOM   766  C CG2 . ILE A 1 105 ? 11.003  4.244   7.314   1.00 17.93 ? 101 ILE A CG2 1 
ATOM   767  C CD1 . ILE A 1 105 ? 12.264  6.191   5.062   1.00 24.09 ? 101 ILE A CD1 1 
ATOM   768  N N   . GLN A 1 106 ? 7.884   5.053   3.680   1.00 14.23 ? 102 GLN A N   1 
ATOM   769  C CA  . GLN A 1 106 ? 7.152   5.819   2.668   1.00 14.62 ? 102 GLN A CA  1 
ATOM   770  C C   . GLN A 1 106 ? 6.543   4.894   1.615   1.00 14.32 ? 102 GLN A C   1 
ATOM   771  O O   . GLN A 1 106 ? 7.113   3.856   1.313   1.00 16.17 ? 102 GLN A O   1 
ATOM   772  C CB  . GLN A 1 106 ? 8.055   6.856   2.018   1.00 13.19 ? 102 GLN A CB  1 
ATOM   773  C CG  . GLN A 1 106 ? 7.368   7.873   1.241   1.00 17.18 ? 102 GLN A CG  1 
ATOM   774  C CD  . GLN A 1 106 ? 6.816   9.007   2.133   1.00 26.71 ? 102 GLN A CD  1 
ATOM   775  O OE1 . GLN A 1 106 ? 6.940   9.015   3.378   1.00 32.14 ? 102 GLN A OE1 1 
ATOM   776  N NE2 . GLN A 1 106 ? 6.254   9.962   1.501   1.00 26.34 ? 102 GLN A NE2 1 
ATOM   777  N N   . ILE A 1 107 ? 5.368   5.269   1.116   1.00 13.90 ? 103 ILE A N   1 
ATOM   778  C CA  . ILE A 1 107 ? 4.749   4.586   -0.002  1.00 15.16 ? 103 ILE A CA  1 
ATOM   779  C C   . ILE A 1 107 ? 4.556   5.561   -1.177  1.00 15.17 ? 103 ILE A C   1 
ATOM   780  O O   . ILE A 1 107 ? 3.898   6.587   -1.024  1.00 14.88 ? 103 ILE A O   1 
ATOM   781  C CB  . ILE A 1 107 ? 3.437   3.915   0.394   1.00 15.26 ? 103 ILE A CB  1 
ATOM   782  C CG1 . ILE A 1 107 ? 3.632   2.855   1.477   1.00 16.51 ? 103 ILE A CG1 1 
ATOM   783  C CG2 . ILE A 1 107 ? 2.717   3.326   -0.877  1.00 14.96 ? 103 ILE A CG2 1 
ATOM   784  C CD1 . ILE A 1 107 ? 2.294   2.484   2.110   1.00 20.40 ? 103 ILE A CD1 1 
ATOM   785  N N   . ASN A 1 108 ? 5.187   5.267   -2.296  1.00 14.98 ? 104 ASN A N   1 
ATOM   786  C CA  . ASN A 1 108 ? 5.016   5.948   -3.556  1.00 15.16 ? 104 ASN A CA  1 
ATOM   787  C C   . ASN A 1 108 ? 4.331   4.939   -4.516  1.00 14.32 ? 104 ASN A C   1 
ATOM   788  O O   . ASN A 1 108 ? 4.095   3.800   -4.146  1.00 14.17 ? 104 ASN A O   1 
ATOM   789  C CB  . ASN A 1 108 ? 6.357   6.418   -4.180  1.00 15.50 ? 104 ASN A CB  1 
ATOM   790  C CG  . ASN A 1 108 ? 7.166   7.368   -3.298  1.00 16.83 ? 104 ASN A CG  1 
ATOM   791  O OD1 . ASN A 1 108 ? 8.412   7.412   -3.396  1.00 18.63 ? 104 ASN A OD1 1 
ATOM   792  N ND2 . ASN A 1 108 ? 6.495   8.091   -2.437  1.00 13.73 ? 104 ASN A ND2 1 
ATOM   793  N N   . GLY A 1 109 ? 4.020   5.366   -5.742  1.00 14.22 ? 105 GLY A N   1 
ATOM   794  C CA  . GLY A 1 109 ? 3.434   4.424   -6.675  1.00 14.36 ? 105 GLY A CA  1 
ATOM   795  C C   . GLY A 1 109 ? 3.063   5.100   -7.965  1.00 14.95 ? 105 GLY A C   1 
ATOM   796  O O   . GLY A 1 109 ? 3.562   6.202   -8.292  1.00 14.65 ? 105 GLY A O   1 
ATOM   797  N N   . SER A 1 110 ? 2.236   4.380   -8.733  1.00 14.75 ? 106 SER A N   1 
ATOM   798  C CA  . SER A 1 110 ? 1.676   4.924   -9.966  1.00 14.55 ? 106 SER A CA  1 
ATOM   799  C C   . SER A 1 110 ? 0.253   4.445   -10.092 1.00 15.10 ? 106 SER A C   1 
ATOM   800  O O   . SER A 1 110 ? -0.078  3.304   -9.689  1.00 14.73 ? 106 SER A O   1 
ATOM   801  C CB  A SER A 1 110 ? 2.502   4.465   -11.155 0.50 14.75 ? 106 SER A CB  1 
ATOM   802  C CB  B SER A 1 110 ? 2.467   4.478   -11.185 0.50 15.06 ? 106 SER A CB  1 
ATOM   803  O OG  A SER A 1 110 ? 2.122   5.124   -12.348 0.50 13.74 ? 106 SER A OG  1 
ATOM   804  O OG  B SER A 1 110 ? 3.697   5.169   -11.306 0.50 17.37 ? 106 SER A OG  1 
ATOM   805  N N   . ALA A 1 111 ? -0.591  5.358   -10.592 1.00 14.84 ? 107 ALA A N   1 
ATOM   806  C CA  . ALA A 1 111 ? -2.043  5.078   -10.650 1.00 14.90 ? 107 ALA A CA  1 
ATOM   807  C C   . ALA A 1 111 ? -2.703  5.785   -11.831 1.00 15.10 ? 107 ALA A C   1 
ATOM   808  O O   . ALA A 1 111 ? -2.190  6.810   -12.348 1.00 15.57 ? 107 ALA A O   1 
ATOM   809  C CB  . ALA A 1 111 ? -2.714  5.436   -9.351  1.00 15.19 ? 107 ALA A CB  1 
ATOM   810  N N   . GLY A 1 112 ? -3.829  5.207   -12.227 1.00 14.71 ? 108 GLY A N   1 
ATOM   811  C CA  . GLY A 1 112 ? -4.717  5.791   -13.233 1.00 15.20 ? 108 GLY A CA  1 
ATOM   812  C C   . GLY A 1 112 ? -6.122  5.551   -12.756 1.00 14.39 ? 108 GLY A C   1 
ATOM   813  O O   . GLY A 1 112 ? -6.525  6.076   -11.714 1.00 14.65 ? 108 GLY A O   1 
ATOM   814  N N   . ASP A 1 113 ? -6.863  4.710   -13.482 1.00 15.64 ? 109 ASP A N   1 
ATOM   815  C CA  . ASP A 1 113 ? -8.157  4.251   -12.943 1.00 15.98 ? 109 ASP A CA  1 
ATOM   816  C C   . ASP A 1 113 ? -8.038  3.308   -11.715 1.00 15.36 ? 109 ASP A C   1 
ATOM   817  O O   . ASP A 1 113 ? -8.922  3.258   -10.894 1.00 15.71 ? 109 ASP A O   1 
ATOM   818  C CB  . ASP A 1 113 ? -8.947  3.521   -14.033 1.00 17.08 ? 109 ASP A CB  1 
ATOM   819  C CG  . ASP A 1 113 ? -9.401  4.454   -15.148 1.00 21.71 ? 109 ASP A CG  1 
ATOM   820  O OD1 . ASP A 1 113 ? -9.309  5.698   -15.032 1.00 25.20 ? 109 ASP A OD1 1 
ATOM   821  O OD2 . ASP A 1 113 ? -9.828  3.924   -16.170 1.00 28.84 ? 109 ASP A OD2 1 
ATOM   822  N N   . TYR A 1 114 ? -6.939  2.539   -11.686 1.00 14.26 ? 110 TYR A N   1 
ATOM   823  C CA  . TYR A 1 114 ? -6.572  1.638   -10.645 1.00 14.38 ? 110 TYR A CA  1 
ATOM   824  C C   . TYR A 1 114 ? -5.192  1.971   -10.075 1.00 15.23 ? 110 TYR A C   1 
ATOM   825  O O   . TYR A 1 114 ? -4.504  2.869   -10.555 1.00 15.08 ? 110 TYR A O   1 
ATOM   826  C CB  . TYR A 1 114 ? -6.568  0.230   -11.189 1.00 14.30 ? 110 TYR A CB  1 
ATOM   827  C CG  . TYR A 1 114 ? -7.828  -0.223  -11.837 1.00 15.09 ? 110 TYR A CG  1 
ATOM   828  C CD1 . TYR A 1 114 ? -9.069  0.017   -11.277 1.00 16.78 ? 110 TYR A CD1 1 
ATOM   829  C CD2 . TYR A 1 114 ? -7.777  -0.884  -13.044 1.00 20.22 ? 110 TYR A CD2 1 
ATOM   830  C CE1 . TYR A 1 114 ? -10.237 -0.431  -11.886 1.00 18.27 ? 110 TYR A CE1 1 
ATOM   831  C CE2 . TYR A 1 114 ? -8.914  -1.314  -13.675 1.00 25.01 ? 110 TYR A CE2 1 
ATOM   832  C CZ  . TYR A 1 114 ? -10.156 -1.084  -13.093 1.00 22.78 ? 110 TYR A CZ  1 
ATOM   833  O OH  . TYR A 1 114 ? -11.261 -1.562  -13.769 1.00 23.62 ? 110 TYR A OH  1 
ATOM   834  N N   . LEU A 1 115 ? -4.803  1.267   -9.016  1.00 14.16 ? 111 LEU A N   1 
ATOM   835  C CA  . LEU A 1 115 ? -3.470  1.369   -8.517  1.00 14.15 ? 111 LEU A CA  1 
ATOM   836  C C   . LEU A 1 115 ? -2.598  0.382   -9.328  1.00 14.35 ? 111 LEU A C   1 
ATOM   837  O O   . LEU A 1 115 ? -2.556  -0.809  -9.064  1.00 13.83 ? 111 LEU A O   1 
ATOM   838  C CB  . LEU A 1 115 ? -3.476  1.025   -7.023  1.00 14.86 ? 111 LEU A CB  1 
ATOM   839  C CG  . LEU A 1 115 ? -2.215  1.151   -6.266  1.00 17.78 ? 111 LEU A CG  1 
ATOM   840  C CD1 . LEU A 1 115 ? -1.525  2.567   -6.395  1.00 20.16 ? 111 LEU A CD1 1 
ATOM   841  C CD2 . LEU A 1 115 ? -2.539  0.838   -4.739  1.00 17.47 ? 111 LEU A CD2 1 
ATOM   842  N N   . ASP A 1 116 ? -1.844  0.893   -10.296 1.00 13.28 ? 112 ASP A N   1 
ATOM   843  C CA  . ASP A 1 116 ? -0.969  0.090   -11.120 1.00 14.57 ? 112 ASP A CA  1 
ATOM   844  C C   . ASP A 1 116 ? 0.200   -0.494  -10.357 1.00 14.43 ? 112 ASP A C   1 
ATOM   845  O O   . ASP A 1 116 ? 0.577   -1.650  -10.584 1.00 14.75 ? 112 ASP A O   1 
ATOM   846  C CB  . ASP A 1 116 ? -0.420  0.920   -12.284 1.00 14.26 ? 112 ASP A CB  1 
ATOM   847  C CG  . ASP A 1 116 ? -1.520  1.352   -13.225 1.00 14.98 ? 112 ASP A CG  1 
ATOM   848  O OD1 . ASP A 1 116 ? -2.217  2.296   -12.815 1.00 13.70 ? 112 ASP A OD1 1 
ATOM   849  O OD2 . ASP A 1 116 ? -1.676  0.755   -14.300 1.00 17.02 ? 112 ASP A OD2 1 
ATOM   850  N N   . SER A 1 117 ? 0.839   0.337   -9.538  1.00 14.82 ? 113 SER A N   1 
ATOM   851  C CA  . SER A 1 117 ? 2.049   -0.074  -8.822  1.00 15.60 ? 113 SER A CA  1 
ATOM   852  C C   . SER A 1 117 ? 2.246   0.681   -7.536  1.00 15.13 ? 113 SER A C   1 
ATOM   853  O O   . SER A 1 117 ? 1.678   1.744   -7.343  1.00 15.55 ? 113 SER A O   1 
ATOM   854  C CB  . SER A 1 117 ? 3.296   0.102   -9.696  1.00 15.65 ? 113 SER A CB  1 
ATOM   855  O OG  . SER A 1 117 ? 3.549   1.438   -10.004 1.00 14.63 ? 113 SER A OG  1 
ATOM   856  N N   . LEU A 1 118 ? 3.063   0.092   -6.673  1.00 16.23 ? 114 LEU A N   1 
ATOM   857  C CA  . LEU A 1 118 ? 3.552   0.714   -5.461  1.00 16.06 ? 114 LEU A CA  1 
ATOM   858  C C   . LEU A 1 118 ? 5.069   0.545   -5.419  1.00 16.98 ? 114 LEU A C   1 
ATOM   859  O O   . LEU A 1 118 ? 5.605   -0.482  -5.864  1.00 18.05 ? 114 LEU A O   1 
ATOM   860  C CB  . LEU A 1 118 ? 2.919   0.062   -4.249  1.00 16.02 ? 114 LEU A CB  1 
ATOM   861  C CG  . LEU A 1 118 ? 1.445   0.333   -4.027  1.00 16.70 ? 114 LEU A CG  1 
ATOM   862  C CD1 . LEU A 1 118 ? 0.889   -0.650  -2.959  1.00 21.93 ? 114 LEU A CD1 1 
ATOM   863  C CD2 . LEU A 1 118 ? 1.162   1.808   -3.667  1.00 22.02 ? 114 LEU A CD2 1 
ATOM   864  N N   . ASP A 1 119 ? 5.746   1.550   -4.862  1.00 16.24 ? 115 ASP A N   1 
ATOM   865  C CA  . ASP A 1 119 ? 7.207   1.546   -4.607  1.00 16.64 ? 115 ASP A CA  1 
ATOM   866  C C   . ASP A 1 119 ? 7.303   1.889   -3.143  1.00 16.74 ? 115 ASP A C   1 
ATOM   867  O O   . ASP A 1 119 ? 7.045   3.034   -2.744  1.00 15.72 ? 115 ASP A O   1 
ATOM   868  C CB  . ASP A 1 119 ? 7.949   2.524   -5.513  1.00 18.63 ? 115 ASP A CB  1 
ATOM   869  C CG  . ASP A 1 119 ? 9.457   2.288   -5.550  1.00 19.69 ? 115 ASP A CG  1 
ATOM   870  O OD1 . ASP A 1 119 ? 9.936   1.390   -4.848  1.00 20.51 ? 115 ASP A OD1 1 
ATOM   871  O OD2 . ASP A 1 119 ? 10.127  3.049   -6.338  1.00 25.35 ? 115 ASP A OD2 1 
ATOM   872  N N   . ILE A 1 120 ? 7.587   0.849   -2.368  1.00 15.94 ? 116 ILE A N   1 
ATOM   873  C CA  . ILE A 1 120 ? 7.550   0.889   -0.918  1.00 15.94 ? 116 ILE A CA  1 
ATOM   874  C C   . ILE A 1 120 ? 8.970   1.069   -0.408  1.00 16.12 ? 116 ILE A C   1 
ATOM   875  O O   . ILE A 1 120 ? 9.862   0.274   -0.763  1.00 14.80 ? 116 ILE A O   1 
ATOM   876  C CB  . ILE A 1 120 ? 7.019   -0.431  -0.309  1.00 17.33 ? 116 ILE A CB  1 
ATOM   877  C CG1 . ILE A 1 120 ? 5.720   -0.934  -0.962  1.00 22.07 ? 116 ILE A CG1 1 
ATOM   878  C CG2 . ILE A 1 120 ? 6.866   -0.241  1.174   1.00 17.77 ? 116 ILE A CG2 1 
ATOM   879  C CD1 . ILE A 1 120 ? 4.601   -0.163  -0.659  1.00 21.43 ? 116 ILE A CD1 1 
ATOM   880  N N   . TYR A 1 121 ? 9.174   2.124   0.383   1.00 14.50 ? 117 TYR A N   1 
ATOM   881  C CA  . TYR A 1 121 ? 10.475  2.455   0.989   1.00 14.43 ? 117 TYR A CA  1 
ATOM   882  C C   . TYR A 1 121 ? 10.415  1.980   2.432   1.00 15.21 ? 117 TYR A C   1 
ATOM   883  O O   . TYR A 1 121 ? 9.477   2.324   3.178   1.00 14.99 ? 117 TYR A O   1 
ATOM   884  C CB  . TYR A 1 121 ? 10.816  3.949   0.884   1.00 14.88 ? 117 TYR A CB  1 
ATOM   885  C CG  . TYR A 1 121 ? 11.240  4.389   -0.498  1.00 12.71 ? 117 TYR A CG  1 
ATOM   886  C CD1 . TYR A 1 121 ? 10.303  4.456   -1.543  1.00 13.55 ? 117 TYR A CD1 1 
ATOM   887  C CD2 . TYR A 1 121 ? 12.569  4.667   -0.778  1.00 14.75 ? 117 TYR A CD2 1 
ATOM   888  C CE1 . TYR A 1 121 ? 10.669  4.765   -2.812  1.00 14.21 ? 117 TYR A CE1 1 
ATOM   889  C CE2 . TYR A 1 121 ? 12.951  5.039   -2.084  1.00 13.42 ? 117 TYR A CE2 1 
ATOM   890  C CZ  . TYR A 1 121 ? 11.986  5.079   -3.084  1.00 17.02 ? 117 TYR A CZ  1 
ATOM   891  O OH  . TYR A 1 121 ? 12.339  5.465   -4.357  1.00 18.90 ? 117 TYR A OH  1 
ATOM   892  N N   . TYR A 1 122 ? 11.346  1.101   2.800   1.00 15.07 ? 118 TYR A N   1 
ATOM   893  C CA  . TYR A 1 122 ? 11.327  0.491   4.097   1.00 14.31 ? 118 TYR A CA  1 
ATOM   894  C C   . TYR A 1 122 ? 12.742  0.128   4.611   1.00 15.72 ? 118 TYR A C   1 
ATOM   895  O O   . TYR A 1 122 ? 13.690  -0.131  3.840   1.00 14.33 ? 118 TYR A O   1 
ATOM   896  C CB  . TYR A 1 122 ? 10.421  -0.769  4.040   1.00 14.50 ? 118 TYR A CB  1 
ATOM   897  C CG  . TYR A 1 122 ? 10.938  -1.839  3.097   1.00 14.21 ? 118 TYR A CG  1 
ATOM   898  C CD1 . TYR A 1 122 ? 10.726  -1.775  1.737   1.00 16.12 ? 118 TYR A CD1 1 
ATOM   899  C CD2 . TYR A 1 122 ? 11.703  -2.916  3.595   1.00 16.23 ? 118 TYR A CD2 1 
ATOM   900  C CE1 . TYR A 1 122 ? 11.224  -2.751  0.856   1.00 17.36 ? 118 TYR A CE1 1 
ATOM   901  C CE2 . TYR A 1 122 ? 12.173  -3.896  2.744   1.00 18.45 ? 118 TYR A CE2 1 
ATOM   902  C CZ  . TYR A 1 122 ? 11.961  -3.803  1.372   1.00 16.23 ? 118 TYR A CZ  1 
ATOM   903  O OH  . TYR A 1 122 ? 12.469  -4.797  0.570   1.00 20.62 ? 118 TYR A OH  1 
ATOM   904  N N   . GLU A 1 123 ? 12.833  0.096   5.915   1.00 18.07 ? 119 GLU A N   1 
ATOM   905  C CA  . GLU A 1 123 ? 13.984  -0.475  6.580   1.00 20.09 ? 119 GLU A CA  1 
ATOM   906  C C   . GLU A 1 123 ? 13.777  -1.981  6.681   1.00 20.46 ? 119 GLU A C   1 
ATOM   907  O O   . GLU A 1 123 ? 12.691  -2.457  7.104   1.00 18.78 ? 119 GLU A O   1 
ATOM   908  C CB  . GLU A 1 123 ? 14.262  0.297   7.875   1.00 20.92 ? 119 GLU A CB  1 
ATOM   909  C CG  . GLU A 1 123 ? 15.051  1.673   7.552   1.00 27.53 ? 119 GLU A CG  1 
ATOM   910  C CD  . GLU A 1 123 ? 14.516  2.889   8.277   1.00 33.14 ? 119 GLU A CD  1 
ATOM   911  O OE1 . GLU A 1 123 ? 14.213  2.729   9.478   1.00 34.93 ? 119 GLU A OE1 1 
ATOM   912  O OE2 . GLU A 1 123 ? 14.383  3.994   7.646   1.00 30.81 ? 119 GLU A OE2 1 
ATOM   913  N N   . GLN A 1 124 ? 14.764  -2.733  6.180   1.00 19.42 ? 120 GLN A N   1 
ATOM   914  C CA  . GLN A 1 124 ? 14.766  -4.184  6.205   1.00 20.22 ? 120 GLN A CA  1 
ATOM   915  C C   . GLN A 1 124 ? 15.618  -4.634  7.350   1.00 21.81 ? 120 GLN A C   1 
ATOM   916  O O   . GLN A 1 124 ? 16.817  -4.360  7.378   1.00 20.33 ? 120 GLN A O   1 
ATOM   917  C CB  . GLN A 1 124 ? 15.314  -4.788  4.904   1.00 21.62 ? 120 GLN A CB  1 
ATOM   918  C CG  . GLN A 1 124 ? 15.336  -6.313  4.882   1.00 22.38 ? 120 GLN A CG  1 
ATOM   919  C CD  . GLN A 1 124 ? 13.962  -6.950  5.071   1.00 22.40 ? 120 GLN A CD  1 
ATOM   920  O OE1 . GLN A 1 124 ? 13.167  -7.005  4.129   1.00 22.63 ? 120 GLN A OE1 1 
ATOM   921  N NE2 . GLN A 1 124 ? 13.686  -7.477  6.295   1.00 21.09 ? 120 GLN A NE2 1 
ATOM   922  N N   . TYR A 1 125 ? 14.989  -5.320  8.306   1.00 21.01 ? 121 TYR A N   1 
ATOM   923  C CA  . TYR A 1 125 ? 15.705  -5.862  9.470   1.00 21.72 ? 121 TYR A CA  1 
ATOM   924  C C   . TYR A 1 125 ? 16.058  -7.310  9.260   1.00 21.60 ? 121 TYR A C   1 
ATOM   925  O O   . TYR A 1 125 ? 15.642  -7.926  8.267   1.00 22.54 ? 121 TYR A O   1 
ATOM   926  C CB  . TYR A 1 125 ? 14.845  -5.673  10.730  1.00 22.34 ? 121 TYR A CB  1 
ATOM   927  C CG  . TYR A 1 125 ? 14.463  -4.236  11.019  1.00 21.99 ? 121 TYR A CG  1 
ATOM   928  C CD1 . TYR A 1 125 ? 15.423  -3.222  11.089  1.00 24.81 ? 121 TYR A CD1 1 
ATOM   929  C CD2 . TYR A 1 125 ? 13.147  -3.888  11.209  1.00 24.32 ? 121 TYR A CD2 1 
ATOM   930  C CE1 . TYR A 1 125 ? 15.063  -1.899  11.372  1.00 22.49 ? 121 TYR A CE1 1 
ATOM   931  C CE2 . TYR A 1 125 ? 12.762  -2.594  11.516  1.00 23.41 ? 121 TYR A CE2 1 
ATOM   932  C CZ  . TYR A 1 125 ? 13.706  -1.591  11.586  1.00 26.19 ? 121 TYR A CZ  1 
ATOM   933  O OH  . TYR A 1 125 ? 13.282  -0.325  11.867  1.00 20.05 ? 121 TYR A OH  1 
ATOM   934  O OXT . TYR A 1 125 ? 16.817  -7.927  10.063  1.00 24.04 ? 121 TYR A OXT 1 
HETATM 935  C C1  . GOL B 2 .   ? -13.941 -2.136  -9.128  1.00 18.08 ? 122 GOL A C1  1 
HETATM 936  O O1  . GOL B 2 .   ? -13.551 -0.901  -9.700  1.00 18.59 ? 122 GOL A O1  1 
HETATM 937  C C2  . GOL B 2 .   ? -13.123 -3.302  -9.710  1.00 19.60 ? 122 GOL A C2  1 
HETATM 938  O O2  . GOL B 2 .   ? -13.516 -4.515  -9.102  1.00 20.01 ? 122 GOL A O2  1 
HETATM 939  C C3  . GOL B 2 .   ? -11.604 -3.134  -9.551  1.00 20.00 ? 122 GOL A C3  1 
HETATM 940  O O3  . GOL B 2 .   ? -11.257 -3.197  -8.172  1.00 16.82 ? 122 GOL A O3  1 
HETATM 941  C C1  . GOL C 2 .   ? -3.802  -9.939  -12.168 1.00 19.39 ? 123 GOL A C1  1 
HETATM 942  O O1  . GOL C 2 .   ? -5.017  -10.143 -11.472 1.00 18.03 ? 123 GOL A O1  1 
HETATM 943  C C2  . GOL C 2 .   ? -3.776  -8.690  -13.052 1.00 18.19 ? 123 GOL A C2  1 
HETATM 944  O O2  . GOL C 2 .   ? -2.641  -8.682  -13.864 1.00 19.39 ? 123 GOL A O2  1 
HETATM 945  C C3  . GOL C 2 .   ? -3.859  -7.421  -12.189 1.00 17.12 ? 123 GOL A C3  1 
HETATM 946  O O3  . GOL C 2 .   ? -2.734  -7.279  -11.362 1.00 17.03 ? 123 GOL A O3  1 
HETATM 947  C C1  . GOL D 2 .   ? -3.590  2.809   -16.356 1.00 18.64 ? 124 GOL A C1  1 
HETATM 948  O O1  . GOL D 2 .   ? -2.688  1.733   -16.511 1.00 16.22 ? 124 GOL A O1  1 
HETATM 949  C C2  . GOL D 2 .   ? -5.035  2.415   -16.015 1.00 20.53 ? 124 GOL A C2  1 
HETATM 950  O O2  . GOL D 2 .   ? -5.897  3.558   -15.927 1.00 20.55 ? 124 GOL A O2  1 
HETATM 951  C C3  . GOL D 2 .   ? -5.087  1.555   -14.739 1.00 19.12 ? 124 GOL A C3  1 
HETATM 952  O O3  . GOL D 2 .   ? -4.846  2.311   -13.567 1.00 15.19 ? 124 GOL A O3  1 
HETATM 953  C C1  . GOL E 2 .   ? -14.228 -5.206  -1.128  1.00 27.49 ? 125 GOL A C1  1 
HETATM 954  O O1  . GOL E 2 .   ? -14.595 -4.111  -1.901  1.00 24.41 ? 125 GOL A O1  1 
HETATM 955  C C2  . GOL E 2 .   ? -12.950 -5.986  -1.477  1.00 25.92 ? 125 GOL A C2  1 
HETATM 956  O O2  . GOL E 2 .   ? -12.067 -5.477  -2.474  1.00 17.50 ? 125 GOL A O2  1 
HETATM 957  C C3  . GOL E 2 .   ? -12.156 -5.800  -0.185  1.00 27.37 ? 125 GOL A C3  1 
HETATM 958  O O3  . GOL E 2 .   ? -11.501 -6.936  0.152   1.00 22.18 ? 125 GOL A O3  1 
HETATM 959  S S   . SO4 F 3 .   ? -8.953  -18.389 -5.240  1.00 56.20 ? 126 SO4 A S   1 
HETATM 960  O O1  . SO4 F 3 .   ? -9.525  -19.703 -4.936  1.00 52.42 ? 126 SO4 A O1  1 
HETATM 961  O O2  . SO4 F 3 .   ? -10.061 -17.547 -5.696  1.00 55.67 ? 126 SO4 A O2  1 
HETATM 962  O O3  . SO4 F 3 .   ? -8.351  -17.669 -4.101  1.00 52.28 ? 126 SO4 A O3  1 
HETATM 963  O O4  . SO4 F 3 .   ? -7.945  -18.526 -6.295  1.00 57.09 ? 126 SO4 A O4  1 
HETATM 964  O O   . HOH G 4 .   ? 0.685   -16.889 -8.222  1.00 45.44 ? 127 HOH A O   1 
HETATM 965  O O   . HOH G 4 .   ? 18.016  -1.374  -2.562  1.00 46.18 ? 128 HOH A O   1 
HETATM 966  O O   . HOH G 4 .   ? -5.574  -14.869 -2.448  1.00 46.35 ? 129 HOH A O   1 
HETATM 967  O O   . HOH G 4 .   ? 11.668  -12.030 8.498   1.00 47.24 ? 130 HOH A O   1 
HETATM 968  O O   . HOH G 4 .   ? -6.954  -12.944 -1.761  1.00 47.48 ? 131 HOH A O   1 
HETATM 969  O O   . HOH G 4 .   ? -3.226  12.370  7.954   1.00 47.74 ? 132 HOH A O   1 
HETATM 970  O O   . HOH G 4 .   ? 9.154   -12.472 3.285   1.00 50.12 ? 133 HOH A O   1 
HETATM 971  O O   . HOH G 4 .   ? -5.578  11.394  7.370   1.00 51.12 ? 134 HOH A O   1 
HETATM 972  O O   . HOH G 4 .   ? 4.935   12.487  6.551   1.00 52.69 ? 135 HOH A O   1 
HETATM 973  O O   . HOH G 4 .   ? 0.105   -1.275  -15.083 1.00 14.02 ? 136 HOH A O   1 
HETATM 974  O O   . HOH G 4 .   ? -5.449  8.316   4.409   1.00 15.01 ? 137 HOH A O   1 
HETATM 975  O O   . HOH G 4 .   ? -11.507 2.690   -10.034 1.00 15.55 ? 138 HOH A O   1 
HETATM 976  O O   . HOH G 4 .   ? 4.716   2.558   8.515   1.00 16.06 ? 139 HOH A O   1 
HETATM 977  O O   . HOH G 4 .   ? -11.928 -1.490  0.552   1.00 16.54 ? 140 HOH A O   1 
HETATM 978  O O   . HOH G 4 .   ? 3.562   1.635   -12.800 1.00 16.94 ? 141 HOH A O   1 
HETATM 979  O O   . HOH G 4 .   ? -11.607 5.952   4.965   1.00 17.29 ? 142 HOH A O   1 
HETATM 980  O O   . HOH G 4 .   ? -5.006  8.169   -10.615 1.00 18.00 ? 143 HOH A O   1 
HETATM 981  O O   . HOH G 4 .   ? -6.433  3.426   13.148  1.00 18.23 ? 144 HOH A O   1 
HETATM 982  O O   . HOH G 4 .   ? -17.398 2.875   -0.280  1.00 18.50 ? 145 HOH A O   1 
HETATM 983  O O   . HOH G 4 .   ? -7.488  -9.747  -8.266  1.00 18.56 ? 146 HOH A O   1 
HETATM 984  O O   . HOH G 4 .   ? 7.514   -9.114  10.484  1.00 18.62 ? 147 HOH A O   1 
HETATM 985  O O   . HOH G 4 .   ? -8.175  8.499   4.621   1.00 19.25 ? 148 HOH A O   1 
HETATM 986  O O   . HOH G 4 .   ? -12.609 -2.960  6.687   1.00 19.26 ? 149 HOH A O   1 
HETATM 987  O O   . HOH G 4 .   ? 7.496   10.207  -1.002  1.00 19.55 ? 150 HOH A O   1 
HETATM 988  O O   . HOH G 4 .   ? 3.399   -8.816  -5.249  1.00 19.88 ? 151 HOH A O   1 
HETATM 989  O O   . HOH G 4 .   ? -7.494  13.807  -2.180  1.00 20.08 ? 152 HOH A O   1 
HETATM 990  O O   . HOH G 4 .   ? -3.481  -6.578  -17.362 1.00 20.80 ? 153 HOH A O   1 
HETATM 991  O O   . HOH G 4 .   ? 9.681   -5.258  11.921  1.00 20.90 ? 154 HOH A O   1 
HETATM 992  O O   . HOH G 4 .   ? -12.431 7.730   -1.985  1.00 21.21 ? 155 HOH A O   1 
HETATM 993  O O   . HOH G 4 .   ? 12.264  -5.733  14.098  1.00 21.27 ? 156 HOH A O   1 
HETATM 994  O O   . HOH G 4 .   ? 3.297   -7.453  -10.056 1.00 21.48 ? 157 HOH A O   1 
HETATM 995  O O   . HOH G 4 .   ? -13.943 -2.673  2.070   1.00 21.77 ? 158 HOH A O   1 
HETATM 996  O O   . HOH G 4 .   ? 7.476   -5.690  15.710  1.00 22.12 ? 159 HOH A O   1 
HETATM 997  O O   . HOH G 4 .   ? 9.640   6.054   -5.836  1.00 22.51 ? 160 HOH A O   1 
HETATM 998  O O   . HOH G 4 .   ? -11.673 8.759   0.641   1.00 22.56 ? 161 HOH A O   1 
HETATM 999  O O   . HOH G 4 .   ? -2.519  -9.118  0.093   1.00 22.58 ? 162 HOH A O   1 
HETATM 1000 O O   . HOH G 4 .   ? -10.667 7.846   3.135   1.00 23.07 ? 163 HOH A O   1 
HETATM 1001 O O   . HOH G 4 .   ? 6.296   7.412   -7.885  1.00 23.59 ? 164 HOH A O   1 
HETATM 1002 O O   . HOH G 4 .   ? 0.082   11.902  -9.088  1.00 23.67 ? 165 HOH A O   1 
HETATM 1003 O O   . HOH G 4 .   ? 2.851   13.875  -2.780  1.00 23.77 ? 166 HOH A O   1 
HETATM 1004 O O   . HOH G 4 .   ? -0.248  11.306  -0.186  1.00 24.05 ? 167 HOH A O   1 
HETATM 1005 O O   . HOH G 4 .   ? -12.550 5.733   -11.573 1.00 24.38 ? 168 HOH A O   1 
HETATM 1006 O O   . HOH G 4 .   ? 14.131  -6.578  1.662   1.00 24.46 ? 169 HOH A O   1 
HETATM 1007 O O   . HOH G 4 .   ? 11.287  -8.724  3.665   1.00 24.63 ? 170 HOH A O   1 
HETATM 1008 O O   . HOH G 4 .   ? -9.391  -9.282  0.313   1.00 24.68 ? 171 HOH A O   1 
HETATM 1009 O O   . HOH G 4 .   ? -8.621  -3.636  7.980   1.00 24.93 ? 172 HOH A O   1 
HETATM 1010 O O   . HOH G 4 .   ? -18.097 3.458   2.236   1.00 25.16 ? 173 HOH A O   1 
HETATM 1011 O O   . HOH G 4 .   ? -16.283 3.060   4.251   1.00 25.28 ? 174 HOH A O   1 
HETATM 1012 O O   . HOH G 4 .   ? 5.633   2.713   -8.865  1.00 25.59 ? 175 HOH A O   1 
HETATM 1013 O O   . HOH G 4 .   ? -1.455  9.123   -10.403 1.00 25.82 ? 176 HOH A O   1 
HETATM 1014 O O   . HOH G 4 .   ? -0.375  9.019   12.416  1.00 26.04 ? 177 HOH A O   1 
HETATM 1015 O O   . HOH G 4 .   ? 5.698   -7.447  12.420  1.00 26.13 ? 178 HOH A O   1 
HETATM 1016 O O   . HOH G 4 .   ? 1.621   -9.324  5.843   1.00 26.32 ? 179 HOH A O   1 
HETATM 1017 O O   . HOH G 4 .   ? -8.468  1.765   11.735  1.00 26.41 ? 180 HOH A O   1 
HETATM 1018 O O   . HOH G 4 .   ? -16.802 -0.226  -8.788  1.00 26.77 ? 181 HOH A O   1 
HETATM 1019 O O   . HOH G 4 .   ? 2.768   -7.784  14.442  1.00 27.02 ? 182 HOH A O   1 
HETATM 1020 O O   . HOH G 4 .   ? -3.081  -11.628 0.998   1.00 27.06 ? 183 HOH A O   1 
HETATM 1021 O O   . HOH G 4 .   ? -16.193 -3.803  0.861   1.00 27.08 ? 184 HOH A O   1 
HETATM 1022 O O   . HOH G 4 .   ? 11.983  -3.147  -7.049  1.00 27.44 ? 185 HOH A O   1 
HETATM 1023 O O   . HOH G 4 .   ? -13.599 8.327   -4.984  1.00 27.75 ? 186 HOH A O   1 
HETATM 1024 O O   . HOH G 4 .   ? 4.365   7.555   2.086   1.00 28.11 ? 187 HOH A O   1 
HETATM 1025 O O   . HOH G 4 .   ? -10.569 7.146   -12.895 1.00 28.21 ? 188 HOH A O   1 
HETATM 1026 O O   . HOH G 4 .   ? -4.121  -13.399 -11.908 1.00 28.24 ? 189 HOH A O   1 
HETATM 1027 O O   . HOH G 4 .   ? -13.910 -5.108  3.272   1.00 28.49 ? 190 HOH A O   1 
HETATM 1028 O O   . HOH G 4 .   ? -16.081 6.890   -5.545  1.00 28.59 ? 191 HOH A O   1 
HETATM 1029 O O   . HOH G 4 .   ? 4.683   5.850   -13.478 1.00 28.68 ? 192 HOH A O   1 
HETATM 1030 O O   . HOH G 4 .   ? -13.721 -0.857  -12.550 1.00 28.71 ? 193 HOH A O   1 
HETATM 1031 O O   . HOH G 4 .   ? -13.384 2.827   -11.843 1.00 28.72 ? 194 HOH A O   1 
HETATM 1032 O O   . HOH G 4 .   ? -12.452 9.252   -10.543 1.00 28.78 ? 195 HOH A O   1 
HETATM 1033 O O   . HOH G 4 .   ? 19.213  -4.742  8.695   0.50 28.79 ? 196 HOH A O   1 
HETATM 1034 O O   . HOH G 4 .   ? -5.623  -16.030 -4.811  1.00 28.88 ? 197 HOH A O   1 
HETATM 1035 O O   . HOH G 4 .   ? 4.140   4.994   9.660   1.00 29.00 ? 198 HOH A O   1 
HETATM 1036 O O   . HOH G 4 .   ? -10.278 10.132  -1.194  1.00 29.06 ? 199 HOH A O   1 
HETATM 1037 O O   . HOH G 4 .   ? 5.640   -7.080  -8.814  1.00 29.45 ? 200 HOH A O   1 
HETATM 1038 O O   . HOH G 4 .   ? -2.162  -13.740 -0.538  1.00 29.49 ? 201 HOH A O   1 
HETATM 1039 O O   . HOH G 4 .   ? 3.315   4.579   -16.684 1.00 29.50 ? 202 HOH A O   1 
HETATM 1040 O O   . HOH G 4 .   ? -1.820  11.221  12.717  1.00 29.79 ? 203 HOH A O   1 
HETATM 1041 O O   . HOH G 4 .   ? -5.857  10.089  10.537  1.00 29.93 ? 204 HOH A O   1 
HETATM 1042 O O   . HOH G 4 .   ? 9.686   -4.152  14.378  1.00 29.98 ? 205 HOH A O   1 
HETATM 1043 O O   . HOH G 4 .   ? -12.962 10.198  -3.291  1.00 30.07 ? 206 HOH A O   1 
HETATM 1044 O O   . HOH G 4 .   ? 5.694   -6.937  16.844  1.00 30.15 ? 207 HOH A O   1 
HETATM 1045 O O   . HOH G 4 .   ? -0.249  4.260   -18.470 1.00 30.88 ? 208 HOH A O   1 
HETATM 1046 O O   . HOH G 4 .   ? -9.216  -10.949 -10.144 1.00 31.24 ? 209 HOH A O   1 
HETATM 1047 O O   . HOH G 4 .   ? 5.950   2.580   -13.421 1.00 31.39 ? 210 HOH A O   1 
HETATM 1048 O O   . HOH G 4 .   ? 6.623   -12.988 7.846   1.00 31.46 ? 211 HOH A O   1 
HETATM 1049 O O   . HOH G 4 .   ? 9.246   10.275  -4.940  1.00 31.62 ? 212 HOH A O   1 
HETATM 1050 O O   . HOH G 4 .   ? -12.637 -9.101  -4.160  1.00 31.86 ? 213 HOH A O   1 
HETATM 1051 O O   . HOH G 4 .   ? -10.653 -11.640 -7.511  1.00 32.23 ? 214 HOH A O   1 
HETATM 1052 O O   . HOH G 4 .   ? -8.091  6.568   11.793  1.00 32.39 ? 215 HOH A O   1 
HETATM 1053 O O   . HOH G 4 .   ? -3.971  5.496   16.034  1.00 32.48 ? 216 HOH A O   1 
HETATM 1054 O O   . HOH G 4 .   ? -17.117 6.096   -1.457  1.00 33.00 ? 217 HOH A O   1 
HETATM 1055 O O   . HOH G 4 .   ? -12.043 -6.821  2.540   1.00 33.26 ? 218 HOH A O   1 
HETATM 1056 O O   . HOH G 4 .   ? -1.557  15.157  3.778   1.00 33.82 ? 219 HOH A O   1 
HETATM 1057 O O   . HOH G 4 .   ? 13.451  4.537   11.505  1.00 34.42 ? 220 HOH A O   1 
HETATM 1058 O O   . HOH G 4 .   ? -7.283  -10.341 -12.994 1.00 35.06 ? 221 HOH A O   1 
HETATM 1059 O O   . HOH G 4 .   ? -7.943  -6.357  -15.809 1.00 35.62 ? 222 HOH A O   1 
HETATM 1060 O O   . HOH G 4 .   ? -5.707  -12.272 0.793   1.00 35.71 ? 223 HOH A O   1 
HETATM 1061 O O   . HOH G 4 .   ? 15.707  5.798   6.973   1.00 35.78 ? 224 HOH A O   1 
HETATM 1062 O O   . HOH G 4 .   ? -6.728  7.191   -15.759 1.00 35.83 ? 225 HOH A O   1 
HETATM 1063 O O   . HOH G 4 .   ? 11.696  -8.195  -0.698  1.00 36.24 ? 226 HOH A O   1 
HETATM 1064 O O   . HOH G 4 .   ? -10.341 -7.979  5.333   1.00 36.30 ? 227 HOH A O   1 
HETATM 1065 O O   . HOH G 4 .   ? 6.773   -4.296  -10.068 1.00 36.42 ? 228 HOH A O   1 
HETATM 1066 O O   . HOH G 4 .   ? -0.669  6.915   19.863  1.00 36.51 ? 229 HOH A O   1 
HETATM 1067 O O   . HOH G 4 .   ? 7.596   -7.353  -6.438  1.00 36.68 ? 230 HOH A O   1 
HETATM 1068 O O   . HOH G 4 .   ? 5.474   14.041  -1.621  1.00 36.72 ? 231 HOH A O   1 
HETATM 1069 O O   . HOH G 4 .   ? 17.344  0.519   9.273   1.00 36.82 ? 232 HOH A O   1 
HETATM 1070 O O   . HOH G 4 .   ? -6.172  -4.832  14.199  1.00 36.92 ? 233 HOH A O   1 
HETATM 1071 O O   . HOH G 4 .   ? -16.012 -4.904  -10.021 1.00 37.16 ? 234 HOH A O   1 
HETATM 1072 O O   . HOH G 4 .   ? 7.807   -0.073  -15.234 1.00 37.26 ? 235 HOH A O   1 
HETATM 1073 O O   . HOH G 4 .   ? 17.232  -5.611  1.993   1.00 37.40 ? 236 HOH A O   1 
HETATM 1074 O O   . HOH G 4 .   ? -2.199  -10.836 -15.435 1.00 37.49 ? 237 HOH A O   1 
HETATM 1075 O O   . HOH G 4 .   ? -9.936  -15.922 -2.641  1.00 37.69 ? 238 HOH A O   1 
HETATM 1076 O O   . HOH G 4 .   ? -9.722  12.969  -0.895  1.00 37.80 ? 239 HOH A O   1 
HETATM 1077 O O   . HOH G 4 .   ? -16.415 -3.541  -6.047  1.00 38.44 ? 240 HOH A O   1 
HETATM 1078 O O   . HOH G 4 .   ? 8.400   4.711   14.928  1.00 38.63 ? 241 HOH A O   1 
HETATM 1079 O O   . HOH G 4 .   ? -4.549  -11.643 7.074   0.50 38.82 ? 242 HOH A O   1 
HETATM 1080 O O   . HOH G 4 .   ? 3.295   -10.648 -10.143 1.00 38.94 ? 243 HOH A O   1 
HETATM 1081 O O   . HOH G 4 .   ? 14.381  7.584   7.864   1.00 39.06 ? 244 HOH A O   1 
HETATM 1082 O O   . HOH G 4 .   ? -5.655  -6.677  -16.516 1.00 39.17 ? 245 HOH A O   1 
HETATM 1083 O O   . HOH G 4 .   ? 1.151   -10.295 -13.949 1.00 39.19 ? 246 HOH A O   1 
HETATM 1084 O O   . HOH G 4 .   ? -1.439  2.306   18.166  1.00 39.96 ? 247 HOH A O   1 
HETATM 1085 O O   . HOH G 4 .   ? -17.606 2.862   -6.569  1.00 40.49 ? 248 HOH A O   1 
HETATM 1086 O O   . HOH G 4 .   ? -0.593  -8.962  6.720   1.00 40.92 ? 249 HOH A O   1 
HETATM 1087 O O   . HOH G 4 .   ? -2.374  -11.059 3.433   1.00 41.26 ? 250 HOH A O   1 
HETATM 1088 O O   . HOH G 4 .   ? 1.647   0.332   -18.816 1.00 41.45 ? 251 HOH A O   1 
HETATM 1089 O O   . HOH G 4 .   ? 5.549   -12.099 -8.059  1.00 41.60 ? 252 HOH A O   1 
HETATM 1090 O O   . HOH G 4 .   ? -8.015  -6.257  9.395   1.00 41.72 ? 253 HOH A O   1 
HETATM 1091 O O   . HOH G 4 .   ? -7.859  -1.092  15.301  1.00 41.82 ? 254 HOH A O   1 
HETATM 1092 O O   . HOH G 4 .   ? 6.175   7.656   15.745  1.00 42.24 ? 255 HOH A O   1 
HETATM 1093 O O   . HOH G 4 .   ? 0.770   3.993   19.546  1.00 42.49 ? 256 HOH A O   1 
HETATM 1094 O O   . HOH G 4 .   ? 17.912  0.752   -4.579  1.00 43.28 ? 257 HOH A O   1 
HETATM 1095 O O   . HOH G 4 .   ? 4.120   3.559   21.846  1.00 43.68 ? 258 HOH A O   1 
HETATM 1096 O O   . HOH G 4 .   ? 14.455  -4.866  -1.820  1.00 44.38 ? 259 HOH A O   1 
HETATM 1097 O O   . HOH G 4 .   ? 7.939   -12.727 -1.508  1.00 45.16 ? 260 HOH A O   1 
HETATM 1098 O O   . HOH G 4 .   ? -3.200  -15.538 -9.618  1.00 45.31 ? 261 HOH A O   1 
# 
loop_
_pdbx_poly_seq_scheme.asym_id 
_pdbx_poly_seq_scheme.entity_id 
_pdbx_poly_seq_scheme.seq_id 
_pdbx_poly_seq_scheme.mon_id 
_pdbx_poly_seq_scheme.ndb_seq_num 
_pdbx_poly_seq_scheme.pdb_seq_num 
_pdbx_poly_seq_scheme.auth_seq_num 
_pdbx_poly_seq_scheme.pdb_mon_id 
_pdbx_poly_seq_scheme.auth_mon_id 
_pdbx_poly_seq_scheme.pdb_strand_id 
_pdbx_poly_seq_scheme.pdb_ins_code 
_pdbx_poly_seq_scheme.hetero 
A 1 1   SER 1   1   1   SER SER A . n 
A 1 2   LEU 2   2   2   LEU LEU A . n 
A 1 3   THR 3   3   3   THR THR A . n 
A 1 4   HIS 4   4   4   HIS HIS A . n 
A 1 5   ARG 5   5   5   ARG ARG A . n 
A 1 6   LYS 6   6   6   LYS LYS A . n 
A 1 7   PHE 7   7   7   PHE PHE A . n 
A 1 8   GLY 8   8   8   GLY GLY A . n 
A 1 9   GLY 9   9   9   GLY GLY A . n 
A 1 10  SER 10  10  10  SER SER A . n 
A 1 11  GLY 11  11  11  GLY GLY A . n 
A 1 12  GLY 12  12  12  GLY GLY A . n 
A 1 13  SER 13  13  13  SER SER A . n 
A 1 14  PRO 14  14  14  PRO PRO A . n 
A 1 15  PHE 15  15  15  PHE PHE A . n 
A 1 16  SER 16  16  16  SER SER A . n 
A 1 17  GLY 17  16  16  GLY GLY A A n 
A 1 18  SER 18  16  16  SER SER A B n 
A 1 19  GLY 19  16  16  GLY GLY A C n 
A 1 20  SER 20  16  16  SER SER A D n 
A 1 21  GLY 21  17  17  GLY GLY A . n 
A 1 22  LEU 22  18  18  LEU LEU A . n 
A 1 23  SER 23  19  19  SER SER A . n 
A 1 24  SER 24  20  20  SER SER A . n 
A 1 25  ILE 25  21  21  ILE ILE A . n 
A 1 26  ALA 26  22  22  ALA ALA A . n 
A 1 27  VAL 27  23  23  VAL VAL A . n 
A 1 28  ARG 28  24  24  ARG ARG A . n 
A 1 29  SER 29  25  25  SER SER A . n 
A 1 30  GLY 30  26  26  GLY GLY A . n 
A 1 31  SER 31  27  27  SER SER A . n 
A 1 32  TYR 32  28  28  TYR TYR A . n 
A 1 33  LEU 33  29  29  LEU LEU A . n 
A 1 34  ASP 34  30  30  ASP ASP A . n 
A 1 35  ALA 35  31  31  ALA ALA A . n 
A 1 36  ILE 36  32  32  ILE ILE A . n 
A 1 37  ILE 37  33  33  ILE ILE A . n 
A 1 38  ILE 38  34  34  ILE ILE A . n 
A 1 39  ASP 39  35  35  ASP ASP A . n 
A 1 40  GLY 40  36  36  GLY GLY A . n 
A 1 41  VAL 41  37  37  VAL VAL A . n 
A 1 42  HIS 42  38  38  HIS HIS A . n 
A 1 43  HIS 43  39  39  HIS HIS A . n 
A 1 44  GLY 44  40  40  GLY GLY A . n 
A 1 45  GLY 45  41  41  GLY GLY A . n 
A 1 46  SER 46  42  42  SER SER A . n 
A 1 47  GLY 47  43  43  GLY GLY A . n 
A 1 48  GLY 48  44  44  GLY GLY A . n 
A 1 49  ASN 49  45  45  ASN ASN A . n 
A 1 50  LEU 50  46  46  LEU LEU A . n 
A 1 51  SER 51  47  47  SER SER A . n 
A 1 52  PRO 52  48  48  PRO PRO A . n 
A 1 53  THR 53  49  49  THR THR A . n 
A 1 54  PHE 54  50  50  PHE PHE A . n 
A 1 55  THR 55  51  51  THR THR A . n 
A 1 56  PHE 56  52  52  PHE PHE A . n 
A 1 57  GLY 57  53  53  GLY GLY A . n 
A 1 58  SER 58  54  54  SER SER A . n 
A 1 59  GLY 59  55  55  GLY GLY A . n 
A 1 60  GLU 60  56  56  GLU GLU A . n 
A 1 61  TYR 61  57  57  TYR TYR A . n 
A 1 62  ILE 62  58  58  ILE ILE A . n 
A 1 63  SER 63  59  59  SER SER A . n 
A 1 64  ASN 64  60  60  ASN ASN A . n 
A 1 65  MET 65  61  61  MET MET A . n 
A 1 66  THR 66  62  62  THR THR A . n 
A 1 67  ILE 67  63  63  ILE ILE A . n 
A 1 68  ARG 68  64  64  ARG ARG A . n 
A 1 69  SER 69  65  65  SER SER A . n 
A 1 70  GLY 70  66  66  GLY GLY A . n 
A 1 71  ASP 71  67  67  ASP ASP A . n 
A 1 72  TYR 72  68  68  TYR TYR A . n 
A 1 73  ILE 73  69  69  ILE ILE A . n 
A 1 74  ASP 74  70  70  ASP ASP A . n 
A 1 75  ASN 75  71  71  ASN ASN A . n 
A 1 76  ILE 76  72  72  ILE ILE A . n 
A 1 77  SER 77  73  73  SER SER A . n 
A 1 78  PHE 78  74  74  PHE PHE A . n 
A 1 79  GLU 79  75  75  GLU GLU A . n 
A 1 80  THR 80  76  76  THR THR A . n 
A 1 81  ASN 81  77  77  ASN ASN A . n 
A 1 82  MET 82  78  78  MET MET A . n 
A 1 83  GLY 83  79  79  GLY GLY A . n 
A 1 84  ARG 84  80  80  ARG ARG A . n 
A 1 85  ARG 85  81  81  ARG ARG A . n 
A 1 86  PHE 86  82  82  PHE PHE A . n 
A 1 87  GLY 87  83  83  GLY GLY A . n 
A 1 88  PRO 88  84  84  PRO PRO A . n 
A 1 89  TYR 89  85  85  TYR TYR A . n 
A 1 90  GLY 90  86  86  GLY GLY A . n 
A 1 91  GLY 91  87  87  GLY GLY A . n 
A 1 92  SER 92  88  88  SER SER A . n 
A 1 93  GLY 93  89  89  GLY GLY A . n 
A 1 94  GLY 94  90  90  GLY GLY A . n 
A 1 95  SER 95  91  91  SER SER A . n 
A 1 96  ALA 96  92  92  ALA ALA A . n 
A 1 97  ASN 97  93  93  ASN ASN A . n 
A 1 98  THR 98  94  94  THR THR A . n 
A 1 99  LEU 99  95  95  LEU LEU A . n 
A 1 100 SER 100 96  96  SER SER A . n 
A 1 101 ASN 101 97  97  ASN ASN A . n 
A 1 102 VAL 102 98  98  VAL VAL A . n 
A 1 103 LYS 103 99  99  LYS LYS A . n 
A 1 104 VAL 104 100 100 VAL VAL A . n 
A 1 105 ILE 105 101 101 ILE ILE A . n 
A 1 106 GLN 106 102 102 GLN GLN A . n 
A 1 107 ILE 107 103 103 ILE ILE A . n 
A 1 108 ASN 108 104 104 ASN ASN A . n 
A 1 109 GLY 109 105 105 GLY GLY A . n 
A 1 110 SER 110 106 106 SER SER A . n 
A 1 111 ALA 111 107 107 ALA ALA A . n 
A 1 112 GLY 112 108 108 GLY GLY A . n 
A 1 113 ASP 113 109 109 ASP ASP A . n 
A 1 114 TYR 114 110 110 TYR TYR A . n 
A 1 115 LEU 115 111 111 LEU LEU A . n 
A 1 116 ASP 116 112 112 ASP ASP A . n 
A 1 117 SER 117 113 113 SER SER A . n 
A 1 118 LEU 118 114 114 LEU LEU A . n 
A 1 119 ASP 119 115 115 ASP ASP A . n 
A 1 120 ILE 120 116 116 ILE ILE A . n 
A 1 121 TYR 121 117 117 TYR TYR A . n 
A 1 122 TYR 122 118 118 TYR TYR A . n 
A 1 123 GLU 123 119 119 GLU GLU A . n 
A 1 124 GLN 124 120 120 GLN GLN A . n 
A 1 125 TYR 125 121 121 TYR TYR A . n 
# 
loop_
_pdbx_nonpoly_scheme.asym_id 
_pdbx_nonpoly_scheme.entity_id 
_pdbx_nonpoly_scheme.mon_id 
_pdbx_nonpoly_scheme.ndb_seq_num 
_pdbx_nonpoly_scheme.pdb_seq_num 
_pdbx_nonpoly_scheme.auth_seq_num 
_pdbx_nonpoly_scheme.pdb_mon_id 
_pdbx_nonpoly_scheme.auth_mon_id 
_pdbx_nonpoly_scheme.pdb_strand_id 
_pdbx_nonpoly_scheme.pdb_ins_code 
B 2 GOL 1   122 1   GOL GOL A . 
C 2 GOL 1   123 2   GOL GOL A . 
D 2 GOL 1   124 3   GOL GOL A . 
E 2 GOL 1   125 4   GOL GOL A . 
F 3 SO4 1   126 5   SO4 SO4 A . 
G 4 HOH 1   127 127 HOH HOH A . 
G 4 HOH 2   128 128 HOH HOH A . 
G 4 HOH 3   129 129 HOH HOH A . 
G 4 HOH 4   130 130 HOH HOH A . 
G 4 HOH 5   131 131 HOH HOH A . 
G 4 HOH 6   132 132 HOH HOH A . 
G 4 HOH 7   133 133 HOH HOH A . 
G 4 HOH 8   134 134 HOH HOH A . 
G 4 HOH 9   135 135 HOH HOH A . 
G 4 HOH 10  136 1   HOH HOH A . 
G 4 HOH 11  137 2   HOH HOH A . 
G 4 HOH 12  138 3   HOH HOH A . 
G 4 HOH 13  139 4   HOH HOH A . 
G 4 HOH 14  140 5   HOH HOH A . 
G 4 HOH 15  141 6   HOH HOH A . 
G 4 HOH 16  142 7   HOH HOH A . 
G 4 HOH 17  143 8   HOH HOH A . 
G 4 HOH 18  144 9   HOH HOH A . 
G 4 HOH 19  145 10  HOH HOH A . 
G 4 HOH 20  146 11  HOH HOH A . 
G 4 HOH 21  147 12  HOH HOH A . 
G 4 HOH 22  148 13  HOH HOH A . 
G 4 HOH 23  149 14  HOH HOH A . 
G 4 HOH 24  150 15  HOH HOH A . 
G 4 HOH 25  151 16  HOH HOH A . 
G 4 HOH 26  152 17  HOH HOH A . 
G 4 HOH 27  153 18  HOH HOH A . 
G 4 HOH 28  154 19  HOH HOH A . 
G 4 HOH 29  155 20  HOH HOH A . 
G 4 HOH 30  156 21  HOH HOH A . 
G 4 HOH 31  157 22  HOH HOH A . 
G 4 HOH 32  158 23  HOH HOH A . 
G 4 HOH 33  159 24  HOH HOH A . 
G 4 HOH 34  160 25  HOH HOH A . 
G 4 HOH 35  161 26  HOH HOH A . 
G 4 HOH 36  162 27  HOH HOH A . 
G 4 HOH 37  163 28  HOH HOH A . 
G 4 HOH 38  164 29  HOH HOH A . 
G 4 HOH 39  165 30  HOH HOH A . 
G 4 HOH 40  166 31  HOH HOH A . 
G 4 HOH 41  167 32  HOH HOH A . 
G 4 HOH 42  168 33  HOH HOH A . 
G 4 HOH 43  169 34  HOH HOH A . 
G 4 HOH 44  170 35  HOH HOH A . 
G 4 HOH 45  171 36  HOH HOH A . 
G 4 HOH 46  172 37  HOH HOH A . 
G 4 HOH 47  173 38  HOH HOH A . 
G 4 HOH 48  174 39  HOH HOH A . 
G 4 HOH 49  175 40  HOH HOH A . 
G 4 HOH 50  176 41  HOH HOH A . 
G 4 HOH 51  177 42  HOH HOH A . 
G 4 HOH 52  178 43  HOH HOH A . 
G 4 HOH 53  179 44  HOH HOH A . 
G 4 HOH 54  180 45  HOH HOH A . 
G 4 HOH 55  181 46  HOH HOH A . 
G 4 HOH 56  182 47  HOH HOH A . 
G 4 HOH 57  183 48  HOH HOH A . 
G 4 HOH 58  184 49  HOH HOH A . 
G 4 HOH 59  185 50  HOH HOH A . 
G 4 HOH 60  186 51  HOH HOH A . 
G 4 HOH 61  187 52  HOH HOH A . 
G 4 HOH 62  188 53  HOH HOH A . 
G 4 HOH 63  189 54  HOH HOH A . 
G 4 HOH 64  190 55  HOH HOH A . 
G 4 HOH 65  191 56  HOH HOH A . 
G 4 HOH 66  192 57  HOH HOH A . 
G 4 HOH 67  193 58  HOH HOH A . 
G 4 HOH 68  194 59  HOH HOH A . 
G 4 HOH 69  195 60  HOH HOH A . 
G 4 HOH 70  196 61  HOH HOH A . 
G 4 HOH 71  197 62  HOH HOH A . 
G 4 HOH 72  198 63  HOH HOH A . 
G 4 HOH 73  199 64  HOH HOH A . 
G 4 HOH 74  200 65  HOH HOH A . 
G 4 HOH 75  201 66  HOH HOH A . 
G 4 HOH 76  202 67  HOH HOH A . 
G 4 HOH 77  203 68  HOH HOH A . 
G 4 HOH 78  204 69  HOH HOH A . 
G 4 HOH 79  205 70  HOH HOH A . 
G 4 HOH 80  206 71  HOH HOH A . 
G 4 HOH 81  207 72  HOH HOH A . 
G 4 HOH 82  208 73  HOH HOH A . 
G 4 HOH 83  209 74  HOH HOH A . 
G 4 HOH 84  210 75  HOH HOH A . 
G 4 HOH 85  211 76  HOH HOH A . 
G 4 HOH 86  212 77  HOH HOH A . 
G 4 HOH 87  213 78  HOH HOH A . 
G 4 HOH 88  214 79  HOH HOH A . 
G 4 HOH 89  215 80  HOH HOH A . 
G 4 HOH 90  216 81  HOH HOH A . 
G 4 HOH 91  217 82  HOH HOH A . 
G 4 HOH 92  218 83  HOH HOH A . 
G 4 HOH 93  219 84  HOH HOH A . 
G 4 HOH 94  220 85  HOH HOH A . 
G 4 HOH 95  221 86  HOH HOH A . 
G 4 HOH 96  222 87  HOH HOH A . 
G 4 HOH 97  223 88  HOH HOH A . 
G 4 HOH 98  224 89  HOH HOH A . 
G 4 HOH 99  225 90  HOH HOH A . 
G 4 HOH 100 226 91  HOH HOH A . 
G 4 HOH 101 227 92  HOH HOH A . 
G 4 HOH 102 228 93  HOH HOH A . 
G 4 HOH 103 229 94  HOH HOH A . 
G 4 HOH 104 230 95  HOH HOH A . 
G 4 HOH 105 231 96  HOH HOH A . 
G 4 HOH 106 232 97  HOH HOH A . 
G 4 HOH 107 233 98  HOH HOH A . 
G 4 HOH 108 234 99  HOH HOH A . 
G 4 HOH 109 235 100 HOH HOH A . 
G 4 HOH 110 236 101 HOH HOH A . 
G 4 HOH 111 237 102 HOH HOH A . 
G 4 HOH 112 238 103 HOH HOH A . 
G 4 HOH 113 239 104 HOH HOH A . 
G 4 HOH 114 240 105 HOH HOH A . 
G 4 HOH 115 241 106 HOH HOH A . 
G 4 HOH 116 242 107 HOH HOH A . 
G 4 HOH 117 243 108 HOH HOH A . 
G 4 HOH 118 244 109 HOH HOH A . 
G 4 HOH 119 245 110 HOH HOH A . 
G 4 HOH 120 246 111 HOH HOH A . 
G 4 HOH 121 247 112 HOH HOH A . 
G 4 HOH 122 248 113 HOH HOH A . 
G 4 HOH 123 249 114 HOH HOH A . 
G 4 HOH 124 250 115 HOH HOH A . 
G 4 HOH 125 251 116 HOH HOH A . 
G 4 HOH 126 252 117 HOH HOH A . 
G 4 HOH 127 253 118 HOH HOH A . 
G 4 HOH 128 254 119 HOH HOH A . 
G 4 HOH 129 255 120 HOH HOH A . 
G 4 HOH 130 256 121 HOH HOH A . 
G 4 HOH 131 257 122 HOH HOH A . 
G 4 HOH 132 258 123 HOH HOH A . 
G 4 HOH 133 259 124 HOH HOH A . 
G 4 HOH 134 260 125 HOH HOH A . 
G 4 HOH 135 261 126 HOH HOH A . 
# 
_pdbx_struct_assembly.id                   1 
_pdbx_struct_assembly.details              author_and_software_defined_assembly 
_pdbx_struct_assembly.method_details       PISA 
_pdbx_struct_assembly.oligomeric_details   monomeric 
_pdbx_struct_assembly.oligomeric_count     1 
# 
_pdbx_struct_assembly_gen.assembly_id       1 
_pdbx_struct_assembly_gen.oper_expression   1 
_pdbx_struct_assembly_gen.asym_id_list      A,B,C,D,E,F,G 
# 
_pdbx_struct_oper_list.id                   1 
_pdbx_struct_oper_list.type                 'identity operation' 
_pdbx_struct_oper_list.name                 1_555 
_pdbx_struct_oper_list.symmetry_operation   x,y,z 
_pdbx_struct_oper_list.matrix[1][1]         1.0000000000 
_pdbx_struct_oper_list.matrix[1][2]         0.0000000000 
_pdbx_struct_oper_list.matrix[1][3]         0.0000000000 
_pdbx_struct_oper_list.vector[1]            0.0000000000 
_pdbx_struct_oper_list.matrix[2][1]         0.0000000000 
_pdbx_struct_oper_list.matrix[2][2]         1.0000000000 
_pdbx_struct_oper_list.matrix[2][3]         0.0000000000 
_pdbx_struct_oper_list.vector[2]            0.0000000000 
_pdbx_struct_oper_list.matrix[3][1]         0.0000000000 
_pdbx_struct_oper_list.matrix[3][2]         0.0000000000 
_pdbx_struct_oper_list.matrix[3][3]         1.0000000000 
_pdbx_struct_oper_list.vector[3]            0.0000000000 
# 
loop_
_pdbx_audit_revision_history.ordinal 
_pdbx_audit_revision_history.data_content_type 
_pdbx_audit_revision_history.major_revision 
_pdbx_audit_revision_history.minor_revision 
_pdbx_audit_revision_history.revision_date 
1 'Structure model' 1 0 2010-10-06 
2 'Structure model' 1 1 2011-07-13 
3 'Structure model' 1 2 2017-11-01 
4 'Structure model' 1 3 2023-09-06 
# 
_pdbx_audit_revision_details.ordinal             1 
_pdbx_audit_revision_details.revision_ordinal    1 
_pdbx_audit_revision_details.data_content_type   'Structure model' 
_pdbx_audit_revision_details.provider            repository 
_pdbx_audit_revision_details.type                'Initial release' 
_pdbx_audit_revision_details.description         ? 
_pdbx_audit_revision_details.details             ? 
# 
loop_
_pdbx_audit_revision_group.ordinal 
_pdbx_audit_revision_group.revision_ordinal 
_pdbx_audit_revision_group.data_content_type 
_pdbx_audit_revision_group.group 
1 2 'Structure model' 'Version format compliance' 
2 3 'Structure model' 'Refinement description'    
3 4 'Structure model' 'Data collection'           
4 4 'Structure model' 'Database references'       
5 4 'Structure model' 'Derived calculations'      
6 4 'Structure model' 'Refinement description'    
# 
loop_
_pdbx_audit_revision_category.ordinal 
_pdbx_audit_revision_category.revision_ordinal 
_pdbx_audit_revision_category.data_content_type 
_pdbx_audit_revision_category.category 
1 3 'Structure model' software                      
2 4 'Structure model' chem_comp_atom                
3 4 'Structure model' chem_comp_bond                
4 4 'Structure model' database_2                    
5 4 'Structure model' pdbx_initial_refinement_model 
6 4 'Structure model' struct_ref_seq_dif            
7 4 'Structure model' struct_site                   
# 
loop_
_pdbx_audit_revision_item.ordinal 
_pdbx_audit_revision_item.revision_ordinal 
_pdbx_audit_revision_item.data_content_type 
_pdbx_audit_revision_item.item 
1 4 'Structure model' '_database_2.pdbx_DOI'                
2 4 'Structure model' '_database_2.pdbx_database_accession' 
3 4 'Structure model' '_struct_ref_seq_dif.details'         
4 4 'Structure model' '_struct_site.pdbx_auth_asym_id'      
5 4 'Structure model' '_struct_site.pdbx_auth_comp_id'      
6 4 'Structure model' '_struct_site.pdbx_auth_seq_id'       
# 
_pdbx_refine_tls.pdbx_refine_id   'X-RAY DIFFRACTION' 
_pdbx_refine_tls.id               1 
_pdbx_refine_tls.details          ? 
_pdbx_refine_tls.method           refined 
_pdbx_refine_tls.origin_x         0.3549 
_pdbx_refine_tls.origin_y         -0.2507 
_pdbx_refine_tls.origin_z         0.5232 
_pdbx_refine_tls.T[1][1]          -0.0124 
_pdbx_refine_tls.T[2][2]          -0.0211 
_pdbx_refine_tls.T[3][3]          -0.0294 
_pdbx_refine_tls.T[1][2]          -0.0100 
_pdbx_refine_tls.T[1][3]          0.0036 
_pdbx_refine_tls.T[2][3]          0.0047 
_pdbx_refine_tls.L[1][1]          0.7292 
_pdbx_refine_tls.L[2][2]          0.3342 
_pdbx_refine_tls.L[3][3]          1.2297 
_pdbx_refine_tls.L[1][2]          0.0663 
_pdbx_refine_tls.L[1][3]          -0.1264 
_pdbx_refine_tls.L[2][3]          -0.5735 
_pdbx_refine_tls.S[1][1]          -0.0625 
_pdbx_refine_tls.S[2][2]          -0.0350 
_pdbx_refine_tls.S[3][3]          0.0977 
_pdbx_refine_tls.S[1][2]          -0.0586 
_pdbx_refine_tls.S[1][3]          -0.0248 
_pdbx_refine_tls.S[2][3]          -0.0384 
_pdbx_refine_tls.S[2][1]          -0.0459 
_pdbx_refine_tls.S[3][1]          0.0287 
_pdbx_refine_tls.S[3][2]          0.0309 
# 
_pdbx_refine_tls_group.pdbx_refine_id      'X-RAY DIFFRACTION' 
_pdbx_refine_tls_group.id                  1 
_pdbx_refine_tls_group.refine_tls_id       1 
_pdbx_refine_tls_group.beg_auth_asym_id    A 
_pdbx_refine_tls_group.beg_auth_seq_id     1 
_pdbx_refine_tls_group.end_auth_asym_id    A 
_pdbx_refine_tls_group.end_auth_seq_id     121 
_pdbx_refine_tls_group.selection_details   ? 
_pdbx_refine_tls_group.beg_label_asym_id   . 
_pdbx_refine_tls_group.beg_label_seq_id    . 
_pdbx_refine_tls_group.end_label_asym_id   . 
_pdbx_refine_tls_group.end_label_seq_id    . 
_pdbx_refine_tls_group.selection           ? 
# 
_pdbx_phasing_MR.entry_id                     3LL0 
_pdbx_phasing_MR.method_rotation              ? 
_pdbx_phasing_MR.method_translation           ? 
_pdbx_phasing_MR.model_details                'Phaser MODE: MR_AUTO' 
_pdbx_phasing_MR.R_factor                     40.110 
_pdbx_phasing_MR.R_rigid_body                 ? 
_pdbx_phasing_MR.correlation_coeff_Fo_to_Fc   ? 
_pdbx_phasing_MR.correlation_coeff_Io_to_Ic   ? 
_pdbx_phasing_MR.d_res_high_rotation          2.500 
_pdbx_phasing_MR.d_res_low_rotation           40.750 
_pdbx_phasing_MR.d_res_high_translation       2.500 
_pdbx_phasing_MR.d_res_low_translation        40.750 
_pdbx_phasing_MR.packing                      ? 
_pdbx_phasing_MR.reflns_percent_rotation      ? 
_pdbx_phasing_MR.reflns_percent_translation   ? 
_pdbx_phasing_MR.sigma_F_rotation             ? 
_pdbx_phasing_MR.sigma_F_translation          ? 
_pdbx_phasing_MR.sigma_I_rotation             ? 
_pdbx_phasing_MR.sigma_I_translation          ? 
# 
loop_
_software.pdbx_ordinal 
_software.name 
_software.version 
_software.date 
_software.type 
_software.contact_author 
_software.contact_author_email 
_software.classification 
_software.location 
_software.language 
_software.citation_id 
1 DENZO       .        ?                         package 'Zbyszek Otwinowski' hkl@hkl-xray.com            'data reduction'  
http://www.hkl-xray.com/                     ?          ? 
2 SCALEPACK   .        ?                         package 'Zbyszek Otwinowski' hkl@hkl-xray.com            'data scaling'    
http://www.hkl-xray.com/                     ?          ? 
3 PHASER      2.1.3    'Wed Mar 5 18:25:34 2008' program 'Randy J. Read'      cimr-phaser@lists.cam.ac.uk phasing           
http://www-structmed.cimr.cam.ac.uk/phaser/  ?          ? 
4 REFMAC      5.4.0057 ?                         program 'Garib N. Murshudov' garib@ysbl.york.ac.uk       refinement        
http://www.ccp4.ac.uk/dist/html/refmac5.html Fortran_77 ? 
5 PDB_EXTRACT 3.005    'June 11, 2008'           package PDB                  help@deposit.rcsb.org       'data extraction' 
http://sw-tools.pdb.org/apps/PDB_EXTRACT/    C++        ? 
6 HKL-3000    .        ?                         ?       ?                    ?                           'data collection' ? ? ? 
7 HKL-3000    .        ?                         ?       ?                    ?                           'data reduction'  ? ? ? 
8 HKL-3000    .        ?                         ?       ?                    ?                           'data scaling'    ? ? ? 
# 
loop_
_pdbx_validate_torsion.id 
_pdbx_validate_torsion.PDB_model_num 
_pdbx_validate_torsion.auth_comp_id 
_pdbx_validate_torsion.auth_asym_id 
_pdbx_validate_torsion.auth_seq_id 
_pdbx_validate_torsion.PDB_ins_code 
_pdbx_validate_torsion.label_alt_id 
_pdbx_validate_torsion.phi 
_pdbx_validate_torsion.psi 
1 1 SER A 16 B ? -24.83 -39.55 
2 1 SER A 16 D ? -81.44 -76.42 
# 
loop_
_chem_comp_atom.comp_id 
_chem_comp_atom.atom_id 
_chem_comp_atom.type_symbol 
_chem_comp_atom.pdbx_aromatic_flag 
_chem_comp_atom.pdbx_stereo_config 
_chem_comp_atom.pdbx_ordinal 
ALA N    N N N 1   
ALA CA   C N S 2   
ALA C    C N N 3   
ALA O    O N N 4   
ALA CB   C N N 5   
ALA OXT  O N N 6   
ALA H    H N N 7   
ALA H2   H N N 8   
ALA HA   H N N 9   
ALA HB1  H N N 10  
ALA HB2  H N N 11  
ALA HB3  H N N 12  
ALA HXT  H N N 13  
ARG N    N N N 14  
ARG CA   C N S 15  
ARG C    C N N 16  
ARG O    O N N 17  
ARG CB   C N N 18  
ARG CG   C N N 19  
ARG CD   C N N 20  
ARG NE   N N N 21  
ARG CZ   C N N 22  
ARG NH1  N N N 23  
ARG NH2  N N N 24  
ARG OXT  O N N 25  
ARG H    H N N 26  
ARG H2   H N N 27  
ARG HA   H N N 28  
ARG HB2  H N N 29  
ARG HB3  H N N 30  
ARG HG2  H N N 31  
ARG HG3  H N N 32  
ARG HD2  H N N 33  
ARG HD3  H N N 34  
ARG HE   H N N 35  
ARG HH11 H N N 36  
ARG HH12 H N N 37  
ARG HH21 H N N 38  
ARG HH22 H N N 39  
ARG HXT  H N N 40  
ASN N    N N N 41  
ASN CA   C N S 42  
ASN C    C N N 43  
ASN O    O N N 44  
ASN CB   C N N 45  
ASN CG   C N N 46  
ASN OD1  O N N 47  
ASN ND2  N N N 48  
ASN OXT  O N N 49  
ASN H    H N N 50  
ASN H2   H N N 51  
ASN HA   H N N 52  
ASN HB2  H N N 53  
ASN HB3  H N N 54  
ASN HD21 H N N 55  
ASN HD22 H N N 56  
ASN HXT  H N N 57  
ASP N    N N N 58  
ASP CA   C N S 59  
ASP C    C N N 60  
ASP O    O N N 61  
ASP CB   C N N 62  
ASP CG   C N N 63  
ASP OD1  O N N 64  
ASP OD2  O N N 65  
ASP OXT  O N N 66  
ASP H    H N N 67  
ASP H2   H N N 68  
ASP HA   H N N 69  
ASP HB2  H N N 70  
ASP HB3  H N N 71  
ASP HD2  H N N 72  
ASP HXT  H N N 73  
GLN N    N N N 74  
GLN CA   C N S 75  
GLN C    C N N 76  
GLN O    O N N 77  
GLN CB   C N N 78  
GLN CG   C N N 79  
GLN CD   C N N 80  
GLN OE1  O N N 81  
GLN NE2  N N N 82  
GLN OXT  O N N 83  
GLN H    H N N 84  
GLN H2   H N N 85  
GLN HA   H N N 86  
GLN HB2  H N N 87  
GLN HB3  H N N 88  
GLN HG2  H N N 89  
GLN HG3  H N N 90  
GLN HE21 H N N 91  
GLN HE22 H N N 92  
GLN HXT  H N N 93  
GLU N    N N N 94  
GLU CA   C N S 95  
GLU C    C N N 96  
GLU O    O N N 97  
GLU CB   C N N 98  
GLU CG   C N N 99  
GLU CD   C N N 100 
GLU OE1  O N N 101 
GLU OE2  O N N 102 
GLU OXT  O N N 103 
GLU H    H N N 104 
GLU H2   H N N 105 
GLU HA   H N N 106 
GLU HB2  H N N 107 
GLU HB3  H N N 108 
GLU HG2  H N N 109 
GLU HG3  H N N 110 
GLU HE2  H N N 111 
GLU HXT  H N N 112 
GLY N    N N N 113 
GLY CA   C N N 114 
GLY C    C N N 115 
GLY O    O N N 116 
GLY OXT  O N N 117 
GLY H    H N N 118 
GLY H2   H N N 119 
GLY HA2  H N N 120 
GLY HA3  H N N 121 
GLY HXT  H N N 122 
GOL C1   C N N 123 
GOL O1   O N N 124 
GOL C2   C N N 125 
GOL O2   O N N 126 
GOL C3   C N N 127 
GOL O3   O N N 128 
GOL H11  H N N 129 
GOL H12  H N N 130 
GOL HO1  H N N 131 
GOL H2   H N N 132 
GOL HO2  H N N 133 
GOL H31  H N N 134 
GOL H32  H N N 135 
GOL HO3  H N N 136 
HIS N    N N N 137 
HIS CA   C N S 138 
HIS C    C N N 139 
HIS O    O N N 140 
HIS CB   C N N 141 
HIS CG   C Y N 142 
HIS ND1  N Y N 143 
HIS CD2  C Y N 144 
HIS CE1  C Y N 145 
HIS NE2  N Y N 146 
HIS OXT  O N N 147 
HIS H    H N N 148 
HIS H2   H N N 149 
HIS HA   H N N 150 
HIS HB2  H N N 151 
HIS HB3  H N N 152 
HIS HD1  H N N 153 
HIS HD2  H N N 154 
HIS HE1  H N N 155 
HIS HE2  H N N 156 
HIS HXT  H N N 157 
HOH O    O N N 158 
HOH H1   H N N 159 
HOH H2   H N N 160 
ILE N    N N N 161 
ILE CA   C N S 162 
ILE C    C N N 163 
ILE O    O N N 164 
ILE CB   C N S 165 
ILE CG1  C N N 166 
ILE CG2  C N N 167 
ILE CD1  C N N 168 
ILE OXT  O N N 169 
ILE H    H N N 170 
ILE H2   H N N 171 
ILE HA   H N N 172 
ILE HB   H N N 173 
ILE HG12 H N N 174 
ILE HG13 H N N 175 
ILE HG21 H N N 176 
ILE HG22 H N N 177 
ILE HG23 H N N 178 
ILE HD11 H N N 179 
ILE HD12 H N N 180 
ILE HD13 H N N 181 
ILE HXT  H N N 182 
LEU N    N N N 183 
LEU CA   C N S 184 
LEU C    C N N 185 
LEU O    O N N 186 
LEU CB   C N N 187 
LEU CG   C N N 188 
LEU CD1  C N N 189 
LEU CD2  C N N 190 
LEU OXT  O N N 191 
LEU H    H N N 192 
LEU H2   H N N 193 
LEU HA   H N N 194 
LEU HB2  H N N 195 
LEU HB3  H N N 196 
LEU HG   H N N 197 
LEU HD11 H N N 198 
LEU HD12 H N N 199 
LEU HD13 H N N 200 
LEU HD21 H N N 201 
LEU HD22 H N N 202 
LEU HD23 H N N 203 
LEU HXT  H N N 204 
LYS N    N N N 205 
LYS CA   C N S 206 
LYS C    C N N 207 
LYS O    O N N 208 
LYS CB   C N N 209 
LYS CG   C N N 210 
LYS CD   C N N 211 
LYS CE   C N N 212 
LYS NZ   N N N 213 
LYS OXT  O N N 214 
LYS H    H N N 215 
LYS H2   H N N 216 
LYS HA   H N N 217 
LYS HB2  H N N 218 
LYS HB3  H N N 219 
LYS HG2  H N N 220 
LYS HG3  H N N 221 
LYS HD2  H N N 222 
LYS HD3  H N N 223 
LYS HE2  H N N 224 
LYS HE3  H N N 225 
LYS HZ1  H N N 226 
LYS HZ2  H N N 227 
LYS HZ3  H N N 228 
LYS HXT  H N N 229 
MET N    N N N 230 
MET CA   C N S 231 
MET C    C N N 232 
MET O    O N N 233 
MET CB   C N N 234 
MET CG   C N N 235 
MET SD   S N N 236 
MET CE   C N N 237 
MET OXT  O N N 238 
MET H    H N N 239 
MET H2   H N N 240 
MET HA   H N N 241 
MET HB2  H N N 242 
MET HB3  H N N 243 
MET HG2  H N N 244 
MET HG3  H N N 245 
MET HE1  H N N 246 
MET HE2  H N N 247 
MET HE3  H N N 248 
MET HXT  H N N 249 
PHE N    N N N 250 
PHE CA   C N S 251 
PHE C    C N N 252 
PHE O    O N N 253 
PHE CB   C N N 254 
PHE CG   C Y N 255 
PHE CD1  C Y N 256 
PHE CD2  C Y N 257 
PHE CE1  C Y N 258 
PHE CE2  C Y N 259 
PHE CZ   C Y N 260 
PHE OXT  O N N 261 
PHE H    H N N 262 
PHE H2   H N N 263 
PHE HA   H N N 264 
PHE HB2  H N N 265 
PHE HB3  H N N 266 
PHE HD1  H N N 267 
PHE HD2  H N N 268 
PHE HE1  H N N 269 
PHE HE2  H N N 270 
PHE HZ   H N N 271 
PHE HXT  H N N 272 
PRO N    N N N 273 
PRO CA   C N S 274 
PRO C    C N N 275 
PRO O    O N N 276 
PRO CB   C N N 277 
PRO CG   C N N 278 
PRO CD   C N N 279 
PRO OXT  O N N 280 
PRO H    H N N 281 
PRO HA   H N N 282 
PRO HB2  H N N 283 
PRO HB3  H N N 284 
PRO HG2  H N N 285 
PRO HG3  H N N 286 
PRO HD2  H N N 287 
PRO HD3  H N N 288 
PRO HXT  H N N 289 
SER N    N N N 290 
SER CA   C N S 291 
SER C    C N N 292 
SER O    O N N 293 
SER CB   C N N 294 
SER OG   O N N 295 
SER OXT  O N N 296 
SER H    H N N 297 
SER H2   H N N 298 
SER HA   H N N 299 
SER HB2  H N N 300 
SER HB3  H N N 301 
SER HG   H N N 302 
SER HXT  H N N 303 
SO4 S    S N N 304 
SO4 O1   O N N 305 
SO4 O2   O N N 306 
SO4 O3   O N N 307 
SO4 O4   O N N 308 
THR N    N N N 309 
THR CA   C N S 310 
THR C    C N N 311 
THR O    O N N 312 
THR CB   C N R 313 
THR OG1  O N N 314 
THR CG2  C N N 315 
THR OXT  O N N 316 
THR H    H N N 317 
THR H2   H N N 318 
THR HA   H N N 319 
THR HB   H N N 320 
THR HG1  H N N 321 
THR HG21 H N N 322 
THR HG22 H N N 323 
THR HG23 H N N 324 
THR HXT  H N N 325 
TYR N    N N N 326 
TYR CA   C N S 327 
TYR C    C N N 328 
TYR O    O N N 329 
TYR CB   C N N 330 
TYR CG   C Y N 331 
TYR CD1  C Y N 332 
TYR CD2  C Y N 333 
TYR CE1  C Y N 334 
TYR CE2  C Y N 335 
TYR CZ   C Y N 336 
TYR OH   O N N 337 
TYR OXT  O N N 338 
TYR H    H N N 339 
TYR H2   H N N 340 
TYR HA   H N N 341 
TYR HB2  H N N 342 
TYR HB3  H N N 343 
TYR HD1  H N N 344 
TYR HD2  H N N 345 
TYR HE1  H N N 346 
TYR HE2  H N N 347 
TYR HH   H N N 348 
TYR HXT  H N N 349 
VAL N    N N N 350 
VAL CA   C N S 351 
VAL C    C N N 352 
VAL O    O N N 353 
VAL CB   C N N 354 
VAL CG1  C N N 355 
VAL CG2  C N N 356 
VAL OXT  O N N 357 
VAL H    H N N 358 
VAL H2   H N N 359 
VAL HA   H N N 360 
VAL HB   H N N 361 
VAL HG11 H N N 362 
VAL HG12 H N N 363 
VAL HG13 H N N 364 
VAL HG21 H N N 365 
VAL HG22 H N N 366 
VAL HG23 H N N 367 
VAL HXT  H N N 368 
# 
loop_
_chem_comp_bond.comp_id 
_chem_comp_bond.atom_id_1 
_chem_comp_bond.atom_id_2 
_chem_comp_bond.value_order 
_chem_comp_bond.pdbx_aromatic_flag 
_chem_comp_bond.pdbx_stereo_config 
_chem_comp_bond.pdbx_ordinal 
ALA N   CA   sing N N 1   
ALA N   H    sing N N 2   
ALA N   H2   sing N N 3   
ALA CA  C    sing N N 4   
ALA CA  CB   sing N N 5   
ALA CA  HA   sing N N 6   
ALA C   O    doub N N 7   
ALA C   OXT  sing N N 8   
ALA CB  HB1  sing N N 9   
ALA CB  HB2  sing N N 10  
ALA CB  HB3  sing N N 11  
ALA OXT HXT  sing N N 12  
ARG N   CA   sing N N 13  
ARG N   H    sing N N 14  
ARG N   H2   sing N N 15  
ARG CA  C    sing N N 16  
ARG CA  CB   sing N N 17  
ARG CA  HA   sing N N 18  
ARG C   O    doub N N 19  
ARG C   OXT  sing N N 20  
ARG CB  CG   sing N N 21  
ARG CB  HB2  sing N N 22  
ARG CB  HB3  sing N N 23  
ARG CG  CD   sing N N 24  
ARG CG  HG2  sing N N 25  
ARG CG  HG3  sing N N 26  
ARG CD  NE   sing N N 27  
ARG CD  HD2  sing N N 28  
ARG CD  HD3  sing N N 29  
ARG NE  CZ   sing N N 30  
ARG NE  HE   sing N N 31  
ARG CZ  NH1  sing N N 32  
ARG CZ  NH2  doub N N 33  
ARG NH1 HH11 sing N N 34  
ARG NH1 HH12 sing N N 35  
ARG NH2 HH21 sing N N 36  
ARG NH2 HH22 sing N N 37  
ARG OXT HXT  sing N N 38  
ASN N   CA   sing N N 39  
ASN N   H    sing N N 40  
ASN N   H2   sing N N 41  
ASN CA  C    sing N N 42  
ASN CA  CB   sing N N 43  
ASN CA  HA   sing N N 44  
ASN C   O    doub N N 45  
ASN C   OXT  sing N N 46  
ASN CB  CG   sing N N 47  
ASN CB  HB2  sing N N 48  
ASN CB  HB3  sing N N 49  
ASN CG  OD1  doub N N 50  
ASN CG  ND2  sing N N 51  
ASN ND2 HD21 sing N N 52  
ASN ND2 HD22 sing N N 53  
ASN OXT HXT  sing N N 54  
ASP N   CA   sing N N 55  
ASP N   H    sing N N 56  
ASP N   H2   sing N N 57  
ASP CA  C    sing N N 58  
ASP CA  CB   sing N N 59  
ASP CA  HA   sing N N 60  
ASP C   O    doub N N 61  
ASP C   OXT  sing N N 62  
ASP CB  CG   sing N N 63  
ASP CB  HB2  sing N N 64  
ASP CB  HB3  sing N N 65  
ASP CG  OD1  doub N N 66  
ASP CG  OD2  sing N N 67  
ASP OD2 HD2  sing N N 68  
ASP OXT HXT  sing N N 69  
GLN N   CA   sing N N 70  
GLN N   H    sing N N 71  
GLN N   H2   sing N N 72  
GLN CA  C    sing N N 73  
GLN CA  CB   sing N N 74  
GLN CA  HA   sing N N 75  
GLN C   O    doub N N 76  
GLN C   OXT  sing N N 77  
GLN CB  CG   sing N N 78  
GLN CB  HB2  sing N N 79  
GLN CB  HB3  sing N N 80  
GLN CG  CD   sing N N 81  
GLN CG  HG2  sing N N 82  
GLN CG  HG3  sing N N 83  
GLN CD  OE1  doub N N 84  
GLN CD  NE2  sing N N 85  
GLN NE2 HE21 sing N N 86  
GLN NE2 HE22 sing N N 87  
GLN OXT HXT  sing N N 88  
GLU N   CA   sing N N 89  
GLU N   H    sing N N 90  
GLU N   H2   sing N N 91  
GLU CA  C    sing N N 92  
GLU CA  CB   sing N N 93  
GLU CA  HA   sing N N 94  
GLU C   O    doub N N 95  
GLU C   OXT  sing N N 96  
GLU CB  CG   sing N N 97  
GLU CB  HB2  sing N N 98  
GLU CB  HB3  sing N N 99  
GLU CG  CD   sing N N 100 
GLU CG  HG2  sing N N 101 
GLU CG  HG3  sing N N 102 
GLU CD  OE1  doub N N 103 
GLU CD  OE2  sing N N 104 
GLU OE2 HE2  sing N N 105 
GLU OXT HXT  sing N N 106 
GLY N   CA   sing N N 107 
GLY N   H    sing N N 108 
GLY N   H2   sing N N 109 
GLY CA  C    sing N N 110 
GLY CA  HA2  sing N N 111 
GLY CA  HA3  sing N N 112 
GLY C   O    doub N N 113 
GLY C   OXT  sing N N 114 
GLY OXT HXT  sing N N 115 
GOL C1  O1   sing N N 116 
GOL C1  C2   sing N N 117 
GOL C1  H11  sing N N 118 
GOL C1  H12  sing N N 119 
GOL O1  HO1  sing N N 120 
GOL C2  O2   sing N N 121 
GOL C2  C3   sing N N 122 
GOL C2  H2   sing N N 123 
GOL O2  HO2  sing N N 124 
GOL C3  O3   sing N N 125 
GOL C3  H31  sing N N 126 
GOL C3  H32  sing N N 127 
GOL O3  HO3  sing N N 128 
HIS N   CA   sing N N 129 
HIS N   H    sing N N 130 
HIS N   H2   sing N N 131 
HIS CA  C    sing N N 132 
HIS CA  CB   sing N N 133 
HIS CA  HA   sing N N 134 
HIS C   O    doub N N 135 
HIS C   OXT  sing N N 136 
HIS CB  CG   sing N N 137 
HIS CB  HB2  sing N N 138 
HIS CB  HB3  sing N N 139 
HIS CG  ND1  sing Y N 140 
HIS CG  CD2  doub Y N 141 
HIS ND1 CE1  doub Y N 142 
HIS ND1 HD1  sing N N 143 
HIS CD2 NE2  sing Y N 144 
HIS CD2 HD2  sing N N 145 
HIS CE1 NE2  sing Y N 146 
HIS CE1 HE1  sing N N 147 
HIS NE2 HE2  sing N N 148 
HIS OXT HXT  sing N N 149 
HOH O   H1   sing N N 150 
HOH O   H2   sing N N 151 
ILE N   CA   sing N N 152 
ILE N   H    sing N N 153 
ILE N   H2   sing N N 154 
ILE CA  C    sing N N 155 
ILE CA  CB   sing N N 156 
ILE CA  HA   sing N N 157 
ILE C   O    doub N N 158 
ILE C   OXT  sing N N 159 
ILE CB  CG1  sing N N 160 
ILE CB  CG2  sing N N 161 
ILE CB  HB   sing N N 162 
ILE CG1 CD1  sing N N 163 
ILE CG1 HG12 sing N N 164 
ILE CG1 HG13 sing N N 165 
ILE CG2 HG21 sing N N 166 
ILE CG2 HG22 sing N N 167 
ILE CG2 HG23 sing N N 168 
ILE CD1 HD11 sing N N 169 
ILE CD1 HD12 sing N N 170 
ILE CD1 HD13 sing N N 171 
ILE OXT HXT  sing N N 172 
LEU N   CA   sing N N 173 
LEU N   H    sing N N 174 
LEU N   H2   sing N N 175 
LEU CA  C    sing N N 176 
LEU CA  CB   sing N N 177 
LEU CA  HA   sing N N 178 
LEU C   O    doub N N 179 
LEU C   OXT  sing N N 180 
LEU CB  CG   sing N N 181 
LEU CB  HB2  sing N N 182 
LEU CB  HB3  sing N N 183 
LEU CG  CD1  sing N N 184 
LEU CG  CD2  sing N N 185 
LEU CG  HG   sing N N 186 
LEU CD1 HD11 sing N N 187 
LEU CD1 HD12 sing N N 188 
LEU CD1 HD13 sing N N 189 
LEU CD2 HD21 sing N N 190 
LEU CD2 HD22 sing N N 191 
LEU CD2 HD23 sing N N 192 
LEU OXT HXT  sing N N 193 
LYS N   CA   sing N N 194 
LYS N   H    sing N N 195 
LYS N   H2   sing N N 196 
LYS CA  C    sing N N 197 
LYS CA  CB   sing N N 198 
LYS CA  HA   sing N N 199 
LYS C   O    doub N N 200 
LYS C   OXT  sing N N 201 
LYS CB  CG   sing N N 202 
LYS CB  HB2  sing N N 203 
LYS CB  HB3  sing N N 204 
LYS CG  CD   sing N N 205 
LYS CG  HG2  sing N N 206 
LYS CG  HG3  sing N N 207 
LYS CD  CE   sing N N 208 
LYS CD  HD2  sing N N 209 
LYS CD  HD3  sing N N 210 
LYS CE  NZ   sing N N 211 
LYS CE  HE2  sing N N 212 
LYS CE  HE3  sing N N 213 
LYS NZ  HZ1  sing N N 214 
LYS NZ  HZ2  sing N N 215 
LYS NZ  HZ3  sing N N 216 
LYS OXT HXT  sing N N 217 
MET N   CA   sing N N 218 
MET N   H    sing N N 219 
MET N   H2   sing N N 220 
MET CA  C    sing N N 221 
MET CA  CB   sing N N 222 
MET CA  HA   sing N N 223 
MET C   O    doub N N 224 
MET C   OXT  sing N N 225 
MET CB  CG   sing N N 226 
MET CB  HB2  sing N N 227 
MET CB  HB3  sing N N 228 
MET CG  SD   sing N N 229 
MET CG  HG2  sing N N 230 
MET CG  HG3  sing N N 231 
MET SD  CE   sing N N 232 
MET CE  HE1  sing N N 233 
MET CE  HE2  sing N N 234 
MET CE  HE3  sing N N 235 
MET OXT HXT  sing N N 236 
PHE N   CA   sing N N 237 
PHE N   H    sing N N 238 
PHE N   H2   sing N N 239 
PHE CA  C    sing N N 240 
PHE CA  CB   sing N N 241 
PHE CA  HA   sing N N 242 
PHE C   O    doub N N 243 
PHE C   OXT  sing N N 244 
PHE CB  CG   sing N N 245 
PHE CB  HB2  sing N N 246 
PHE CB  HB3  sing N N 247 
PHE CG  CD1  doub Y N 248 
PHE CG  CD2  sing Y N 249 
PHE CD1 CE1  sing Y N 250 
PHE CD1 HD1  sing N N 251 
PHE CD2 CE2  doub Y N 252 
PHE CD2 HD2  sing N N 253 
PHE CE1 CZ   doub Y N 254 
PHE CE1 HE1  sing N N 255 
PHE CE2 CZ   sing Y N 256 
PHE CE2 HE2  sing N N 257 
PHE CZ  HZ   sing N N 258 
PHE OXT HXT  sing N N 259 
PRO N   CA   sing N N 260 
PRO N   CD   sing N N 261 
PRO N   H    sing N N 262 
PRO CA  C    sing N N 263 
PRO CA  CB   sing N N 264 
PRO CA  HA   sing N N 265 
PRO C   O    doub N N 266 
PRO C   OXT  sing N N 267 
PRO CB  CG   sing N N 268 
PRO CB  HB2  sing N N 269 
PRO CB  HB3  sing N N 270 
PRO CG  CD   sing N N 271 
PRO CG  HG2  sing N N 272 
PRO CG  HG3  sing N N 273 
PRO CD  HD2  sing N N 274 
PRO CD  HD3  sing N N 275 
PRO OXT HXT  sing N N 276 
SER N   CA   sing N N 277 
SER N   H    sing N N 278 
SER N   H2   sing N N 279 
SER CA  C    sing N N 280 
SER CA  CB   sing N N 281 
SER CA  HA   sing N N 282 
SER C   O    doub N N 283 
SER C   OXT  sing N N 284 
SER CB  OG   sing N N 285 
SER CB  HB2  sing N N 286 
SER CB  HB3  sing N N 287 
SER OG  HG   sing N N 288 
SER OXT HXT  sing N N 289 
SO4 S   O1   doub N N 290 
SO4 S   O2   doub N N 291 
SO4 S   O3   sing N N 292 
SO4 S   O4   sing N N 293 
THR N   CA   sing N N 294 
THR N   H    sing N N 295 
THR N   H2   sing N N 296 
THR CA  C    sing N N 297 
THR CA  CB   sing N N 298 
THR CA  HA   sing N N 299 
THR C   O    doub N N 300 
THR C   OXT  sing N N 301 
THR CB  OG1  sing N N 302 
THR CB  CG2  sing N N 303 
THR CB  HB   sing N N 304 
THR OG1 HG1  sing N N 305 
THR CG2 HG21 sing N N 306 
THR CG2 HG22 sing N N 307 
THR CG2 HG23 sing N N 308 
THR OXT HXT  sing N N 309 
TYR N   CA   sing N N 310 
TYR N   H    sing N N 311 
TYR N   H2   sing N N 312 
TYR CA  C    sing N N 313 
TYR CA  CB   sing N N 314 
TYR CA  HA   sing N N 315 
TYR C   O    doub N N 316 
TYR C   OXT  sing N N 317 
TYR CB  CG   sing N N 318 
TYR CB  HB2  sing N N 319 
TYR CB  HB3  sing N N 320 
TYR CG  CD1  doub Y N 321 
TYR CG  CD2  sing Y N 322 
TYR CD1 CE1  sing Y N 323 
TYR CD1 HD1  sing N N 324 
TYR CD2 CE2  doub Y N 325 
TYR CD2 HD2  sing N N 326 
TYR CE1 CZ   doub Y N 327 
TYR CE1 HE1  sing N N 328 
TYR CE2 CZ   sing Y N 329 
TYR CE2 HE2  sing N N 330 
TYR CZ  OH   sing N N 331 
TYR OH  HH   sing N N 332 
TYR OXT HXT  sing N N 333 
VAL N   CA   sing N N 334 
VAL N   H    sing N N 335 
VAL N   H2   sing N N 336 
VAL CA  C    sing N N 337 
VAL CA  CB   sing N N 338 
VAL CA  HA   sing N N 339 
VAL C   O    doub N N 340 
VAL C   OXT  sing N N 341 
VAL CB  CG1  sing N N 342 
VAL CB  CG2  sing N N 343 
VAL CB  HB   sing N N 344 
VAL CG1 HG11 sing N N 345 
VAL CG1 HG12 sing N N 346 
VAL CG1 HG13 sing N N 347 
VAL CG2 HG21 sing N N 348 
VAL CG2 HG22 sing N N 349 
VAL CG2 HG23 sing N N 350 
VAL OXT HXT  sing N N 351 
# 
loop_
_pdbx_entity_nonpoly.entity_id 
_pdbx_entity_nonpoly.name 
_pdbx_entity_nonpoly.comp_id 
2 GLYCEROL      GOL 
3 'SULFATE ION' SO4 
4 water         HOH 
# 
_pdbx_initial_refinement_model.id               1 
_pdbx_initial_refinement_model.entity_id_list   ? 
_pdbx_initial_refinement_model.type             'experimental model' 
_pdbx_initial_refinement_model.source_name      PDB 
_pdbx_initial_refinement_model.accession_code   3LKY 
_pdbx_initial_refinement_model.details          ? 
# 
